data_9HGI
#
_entry.id   9HGI
#
_cell.length_a   1.00
_cell.length_b   1.00
_cell.length_c   1.00
_cell.angle_alpha   90.00
_cell.angle_beta   90.00
_cell.angle_gamma   90.00
#
_symmetry.space_group_name_H-M   'P 1'
#
loop_
_entity.id
_entity.type
_entity.pdbx_description
1 polymer 'Replication origin-binding protein'
2 polymer "DNA (5'-D(P*TP*AP*TP*TP*GP*GP*GP*AP*CP*GP*AP*AP*GP*TP*GP*CP*GP*AP*AP*CP*GP*CP*TP*T)-3')"
3 polymer "DNA (5'-D(P*AP*AP*GP*CP*GP*TP*TP*CP*GP*CP*AP*CP*TP*TP*CP*GP*TP*CP*CP*CP*AP*AP*TP*A)-3')"
#
loop_
_entity_poly.entity_id
_entity_poly.type
_entity_poly.pdbx_seq_one_letter_code
_entity_poly.pdbx_strand_id
1 'polypeptide(L)'
;MWSHPQFEKSAMPFVGGAESGDPLGAGRPIGDDECEQYTSSVSLARMLYGGDLAEWVPRVHPKTTIERQQHGPVTFPNAS
APTARCVTVVRAPMGSGKTTALIRWLREAIHSPDTSVLVVSCRRSFTQTLATRFAESGLVDFVTYFSSTNYIMNDRPFHR
LIVQVESLHRVGPNLLNNYDVLVLDEVMSTLGQLYSPTMQQLGRVDALMLRLLRTCPRIIAMDATANAQLVDFLCGLRGE
KNVHVVVGEYAMPGFSARRCLFLPRLGTELLQAALRPPGPPSGPSPDASPDARGATFFGELEARLGGGDNICIFSSTVSF
AEIVARFCRQFTDRVLLLHSLTPLGDVTTWGQYRVVIYTTVVTVGLSFDPLHFDGMFAYVKPMNYGPDMVSVYQSLGRVR
TLRKGELLIYMDGSGARSEPVFTPMLLNHVVSSCGQWPAQFSQVTNLLCRRFKGRCDASACDTSLGRGSRIYNKFRYKHY
FERCTLACLSDSLNILHMLLTLNCIRVRFWGHDDTLTPKDFCLFLRGVHFDALRAQRDLRELRCRDPEASLPAQAAETEE
VGLFVEKYLRSDVAPAEIVALMRNLNSLMGRTRFIYLALLEACLRVPMATRSSAIFRRIYDHYATGVIPTINVTGELELV
ALPPTLNVTPVWELLCLCSTMAARLHWDSAAGGSGRTFGPDDVLDLLTPHYDRYMQLVFELGHCNVTDGLLLSEEAVKRV
ADALSGCPPRGSVSETDHAVALFKIIWGELFGVQMAKSTQTFPGAGRVKNLTKQTIVGLLDAHHIDHSACRTHRQLYALL
MAHKREFAGARFKLRVPAWGRCLRTHSSSANPNADIILEAALSELPTEAWPMMQGAVNFSTL
;
A,B
2 'polydeoxyribonucleotide'
;(DG)(DG)(DC)(DG)(DC)(DC)(DA)(DG)(DT)(DG)(DC)(DT)(DC)(DG)(DC)(DA)(DC)(DT)(DT)(DC)
(DG)(DC)(DC)(DC)(DT)(DA)(DA)(DT)(DA)(DA)(DT)(DA)(DT)(DA)(DT)(DT)(DG)(DG)(DG)(DA)
(DC)(DG)(DA)(DA)(DG)(DT)(DG)(DC)(DG)(DA)(DA)(DC)(DG)(DC)(DT)(DT)(DC)(DG)(DC)(DG)
(DT)(DT)(DC)(DT)(DC)(DA)(DC)(DT)(DT)(DC)(DT)(DT)(DT)(DT)
;
C
3 'polydeoxyribonucleotide'
;(DA)(DA)(DA)(DA)(DG)(DA)(DA)(DG)(DT)(DG)(DA)(DG)(DA)(DA)(DC)(DG)(DC)(DG)(DA)(DA)
(DG)(DC)(DG)(DT)(DT)(DC)(DG)(DC)(DA)(DC)(DT)(DT)(DC)(DG)(DT)(DC)(DC)(DC)(DA)(DA)
(DT)(DA)(DT)(DA)(DT)(DT)(DA)(DT)(DT)(DA)(DG)(DG)(DG)(DC)(DG)(DA)(DA)(DG)(DT)(DG)
(DC)(DG)(DA)(DG)(DC)(DA)(DC)(DT)(DG)(DG)(DC)(DG)(DC)(DC)
;
D
#
loop_
_chem_comp.id
_chem_comp.type
_chem_comp.name
_chem_comp.formula
DA DNA linking 2'-DEOXYADENOSINE-5'-MONOPHOSPHATE 'C10 H14 N5 O6 P'
DC DNA linking 2'-DEOXYCYTIDINE-5'-MONOPHOSPHATE 'C9 H14 N3 O7 P'
DG DNA linking 2'-DEOXYGUANOSINE-5'-MONOPHOSPHATE 'C10 H14 N5 O7 P'
DT DNA linking THYMIDINE-5'-MONOPHOSPHATE 'C10 H15 N2 O8 P'
#
# COMPACT_ATOMS: atom_id res chain seq x y z
N GLY A 27 42.19 13.38 1.55
CA GLY A 27 41.19 12.30 1.48
C GLY A 27 41.84 10.93 1.32
N ARG A 28 41.05 9.87 1.59
CA ARG A 28 41.49 8.48 1.51
C ARG A 28 41.86 8.10 0.08
N PRO A 29 42.82 7.15 -0.12
CA PRO A 29 43.11 6.61 -1.46
C PRO A 29 41.94 5.75 -1.95
N ILE A 30 41.90 5.51 -3.27
CA ILE A 30 40.78 4.86 -3.92
C ILE A 30 40.77 3.38 -3.52
N GLY A 31 39.61 2.89 -3.06
CA GLY A 31 39.46 1.51 -2.67
C GLY A 31 39.35 0.57 -3.88
N ASP A 32 39.69 -0.71 -3.66
CA ASP A 32 39.45 -1.77 -4.64
C ASP A 32 37.94 -1.98 -4.82
N ASP A 33 37.16 -1.76 -3.75
CA ASP A 33 35.71 -1.80 -3.79
C ASP A 33 35.15 -0.67 -4.67
N GLU A 34 35.72 0.54 -4.62
CA GLU A 34 35.35 1.63 -5.52
C GLU A 34 35.61 1.27 -6.99
N CYS A 35 36.68 0.53 -7.25
CA CYS A 35 37.01 0.08 -8.59
C CYS A 35 36.01 -0.99 -9.08
N GLU A 36 35.53 -1.84 -8.16
CA GLU A 36 34.54 -2.85 -8.51
C GLU A 36 33.15 -2.21 -8.66
N GLN A 37 32.84 -1.19 -7.85
CA GLN A 37 31.60 -0.45 -7.99
C GLN A 37 31.54 0.16 -9.39
N TYR A 38 32.61 0.84 -9.78
CA TYR A 38 32.69 1.46 -11.09
C TYR A 38 32.50 0.43 -12.19
N THR A 39 33.31 -0.63 -12.15
CA THR A 39 33.26 -1.65 -13.19
C THR A 39 31.87 -2.29 -13.29
N SER A 40 31.20 -2.51 -12.16
CA SER A 40 29.86 -3.07 -12.15
C SER A 40 28.84 -2.11 -12.77
N SER A 41 28.96 -0.82 -12.43
CA SER A 41 28.03 0.18 -12.92
C SER A 41 28.14 0.31 -14.44
N VAL A 42 29.37 0.42 -14.94
CA VAL A 42 29.59 0.45 -16.36
C VAL A 42 29.04 -0.78 -17.06
N SER A 43 29.25 -1.94 -16.48
CA SER A 43 28.85 -3.20 -17.10
C SER A 43 27.34 -3.34 -17.17
N LEU A 44 26.65 -3.00 -16.11
CA LEU A 44 25.19 -3.01 -16.12
C LEU A 44 24.64 -1.96 -17.08
N ALA A 45 25.24 -0.76 -17.16
CA ALA A 45 24.82 0.25 -18.13
C ALA A 45 24.95 -0.30 -19.55
N ARG A 46 26.07 -0.95 -19.85
CA ARG A 46 26.30 -1.57 -21.14
C ARG A 46 25.23 -2.62 -21.46
N MET A 47 24.84 -3.45 -20.50
CA MET A 47 23.78 -4.41 -20.71
C MET A 47 22.41 -3.76 -20.93
N LEU A 48 22.07 -2.72 -20.22
CA LEU A 48 20.72 -2.15 -20.31
C LEU A 48 20.46 -1.46 -21.64
N TYR A 49 21.48 -0.89 -22.30
CA TYR A 49 21.30 -0.21 -23.58
C TYR A 49 21.88 -1.00 -24.76
N GLY A 50 22.19 -2.26 -24.61
CA GLY A 50 22.48 -3.07 -25.77
C GLY A 50 23.93 -2.98 -26.26
N GLY A 51 24.86 -2.59 -25.39
CA GLY A 51 26.25 -2.50 -25.76
C GLY A 51 26.94 -3.85 -25.74
N ASP A 52 26.30 -4.85 -25.12
CA ASP A 52 26.83 -6.20 -24.96
C ASP A 52 26.38 -7.14 -26.08
N LEU A 53 25.59 -6.64 -27.02
CA LEU A 53 24.72 -7.45 -27.86
C LEU A 53 25.50 -8.42 -28.73
N ALA A 54 26.68 -8.04 -29.21
CA ALA A 54 27.45 -8.89 -30.11
C ALA A 54 28.08 -10.07 -29.39
N GLU A 55 28.25 -9.98 -28.07
CA GLU A 55 28.81 -11.06 -27.27
C GLU A 55 27.71 -11.95 -26.72
N TRP A 56 26.57 -11.36 -26.35
CA TRP A 56 25.50 -12.04 -25.65
C TRP A 56 24.71 -12.91 -26.61
N VAL A 57 24.47 -12.44 -27.86
CA VAL A 57 23.64 -13.21 -28.79
C VAL A 57 24.28 -14.57 -29.07
N PRO A 58 25.54 -14.69 -29.56
CA PRO A 58 26.15 -16.00 -29.81
C PRO A 58 26.15 -16.96 -28.62
N ARG A 59 26.29 -16.41 -27.41
CA ARG A 59 26.35 -17.20 -26.19
C ARG A 59 24.97 -17.79 -25.85
N VAL A 60 23.91 -16.97 -25.91
CA VAL A 60 22.62 -17.35 -25.34
C VAL A 60 21.62 -17.82 -26.41
N HIS A 61 21.77 -17.37 -27.66
CA HIS A 61 20.86 -17.73 -28.73
C HIS A 61 21.67 -18.15 -29.96
N PRO A 62 22.33 -19.34 -29.94
CA PRO A 62 23.27 -19.70 -30.99
C PRO A 62 22.72 -19.81 -32.40
N LYS A 63 21.40 -20.03 -32.55
CA LYS A 63 20.80 -20.18 -33.87
C LYS A 63 20.44 -18.83 -34.50
N THR A 64 20.48 -17.74 -33.73
CA THR A 64 20.25 -16.38 -34.22
C THR A 64 21.53 -15.82 -34.83
N THR A 65 21.50 -15.48 -36.13
CA THR A 65 22.68 -14.93 -36.77
C THR A 65 22.87 -13.47 -36.39
N ILE A 66 24.13 -13.02 -36.38
CA ILE A 66 24.47 -11.65 -36.02
C ILE A 66 25.65 -11.18 -36.85
N GLU A 67 25.71 -9.87 -37.12
CA GLU A 67 26.86 -9.29 -37.82
C GLU A 67 27.16 -7.88 -37.33
N ARG A 68 28.40 -7.44 -37.50
CA ARG A 68 28.82 -6.10 -37.09
C ARG A 68 29.32 -5.34 -38.31
N GLN A 69 28.91 -4.07 -38.41
CA GLN A 69 29.26 -3.21 -39.52
C GLN A 69 30.00 -1.98 -38.99
N GLN A 70 31.33 -2.09 -39.00
CA GLN A 70 32.21 -1.11 -38.39
C GLN A 70 32.65 -0.02 -39.38
N HIS A 71 32.46 -0.25 -40.69
CA HIS A 71 32.98 0.65 -41.72
C HIS A 71 31.83 1.12 -42.62
N GLY A 72 31.65 2.45 -42.68
CA GLY A 72 30.62 3.07 -43.51
C GLY A 72 29.20 2.75 -43.01
N PRO A 73 28.17 3.36 -43.64
CA PRO A 73 26.79 3.19 -43.22
C PRO A 73 26.31 1.74 -43.14
N VAL A 74 25.32 1.49 -42.28
CA VAL A 74 24.71 0.18 -42.15
C VAL A 74 23.98 -0.23 -43.42
N THR A 75 23.96 -1.54 -43.65
CA THR A 75 23.26 -2.19 -44.74
C THR A 75 22.48 -3.37 -44.17
N PHE A 76 21.16 -3.37 -44.37
CA PHE A 76 20.29 -4.45 -43.91
C PHE A 76 20.31 -5.60 -44.91
N PRO A 77 19.89 -6.83 -44.51
CA PRO A 77 19.84 -7.97 -45.45
C PRO A 77 18.94 -7.71 -46.66
N ASN A 78 19.25 -8.36 -47.79
CA ASN A 78 18.42 -8.28 -48.99
C ASN A 78 17.08 -8.96 -48.72
N ALA A 79 16.00 -8.17 -48.61
CA ALA A 79 14.71 -8.65 -48.12
C ALA A 79 14.02 -9.65 -49.07
N SER A 80 14.39 -9.64 -50.36
CA SER A 80 13.79 -10.50 -51.37
C SER A 80 14.47 -11.89 -51.45
N ALA A 81 15.62 -12.06 -50.80
CA ALA A 81 16.30 -13.35 -50.81
C ALA A 81 15.53 -14.40 -50.00
N PRO A 82 15.52 -15.69 -50.43
CA PRO A 82 14.82 -16.75 -49.70
C PRO A 82 15.48 -17.12 -48.36
N THR A 83 16.77 -16.77 -48.22
CA THR A 83 17.57 -17.03 -47.01
C THR A 83 17.45 -15.92 -45.97
N ALA A 84 16.74 -14.82 -46.29
CA ALA A 84 16.61 -13.68 -45.41
C ALA A 84 15.49 -13.93 -44.39
N ARG A 85 15.85 -13.79 -43.10
CA ARG A 85 15.00 -14.19 -41.99
C ARG A 85 13.85 -13.20 -41.73
N CYS A 86 12.81 -13.72 -41.08
CA CYS A 86 11.56 -13.01 -40.90
C CYS A 86 11.75 -11.79 -40.02
N VAL A 87 12.56 -11.90 -38.96
CA VAL A 87 12.74 -10.80 -38.02
C VAL A 87 14.17 -10.31 -38.09
N THR A 88 14.38 -9.02 -38.34
CA THR A 88 15.73 -8.50 -38.26
C THR A 88 15.70 -7.31 -37.30
N VAL A 89 16.70 -7.24 -36.41
CA VAL A 89 16.75 -6.19 -35.41
C VAL A 89 18.09 -5.48 -35.47
N VAL A 90 18.02 -4.15 -35.48
CA VAL A 90 19.17 -3.30 -35.77
C VAL A 90 19.54 -2.42 -34.58
N ARG A 91 20.82 -2.47 -34.17
CA ARG A 91 21.32 -1.61 -33.09
C ARG A 91 22.35 -0.73 -33.73
N ALA A 92 21.96 0.46 -34.14
CA ALA A 92 22.87 1.29 -34.94
C ALA A 92 22.73 2.76 -34.57
N PRO A 93 23.83 3.56 -34.54
CA PRO A 93 23.80 4.95 -34.11
C PRO A 93 22.80 5.87 -34.80
N MET A 94 22.42 6.95 -34.12
CA MET A 94 21.88 8.12 -34.80
C MET A 94 22.92 8.66 -35.80
N GLY A 95 22.51 8.80 -37.06
CA GLY A 95 23.43 9.22 -38.11
C GLY A 95 24.35 8.13 -38.64
N SER A 96 23.90 6.87 -38.57
CA SER A 96 24.60 5.73 -39.19
C SER A 96 24.04 5.37 -40.56
N GLY A 97 23.01 6.10 -41.03
CA GLY A 97 22.42 5.85 -42.34
C GLY A 97 21.17 4.96 -42.30
N LYS A 98 20.64 4.64 -41.12
CA LYS A 98 19.50 3.75 -40.95
C LYS A 98 18.34 4.06 -41.90
N THR A 99 17.92 5.33 -42.00
CA THR A 99 16.74 5.68 -42.80
C THR A 99 16.96 5.32 -44.28
N THR A 100 18.20 5.44 -44.80
CA THR A 100 18.50 5.06 -46.19
C THR A 100 18.45 3.53 -46.35
N ALA A 101 18.98 2.79 -45.38
CA ALA A 101 18.94 1.33 -45.40
C ALA A 101 17.52 0.80 -45.26
N LEU A 102 16.67 1.50 -44.49
CA LEU A 102 15.27 1.12 -44.34
C LEU A 102 14.54 1.28 -45.66
N ILE A 103 14.69 2.43 -46.32
CA ILE A 103 13.99 2.66 -47.58
C ILE A 103 14.45 1.65 -48.62
N ARG A 104 15.75 1.37 -48.69
CA ARG A 104 16.25 0.31 -49.57
C ARG A 104 15.62 -1.05 -49.21
N TRP A 105 15.58 -1.41 -47.95
CA TRP A 105 14.99 -2.67 -47.50
C TRP A 105 13.52 -2.76 -47.85
N LEU A 106 12.74 -1.66 -47.69
CA LEU A 106 11.33 -1.64 -48.08
C LEU A 106 11.16 -1.80 -49.59
N ARG A 107 11.99 -1.12 -50.40
CA ARG A 107 11.96 -1.28 -51.86
C ARG A 107 12.16 -2.75 -52.27
N GLU A 108 12.93 -3.51 -51.47
CA GLU A 108 13.20 -4.91 -51.73
C GLU A 108 12.11 -5.81 -51.15
N ALA A 109 11.52 -5.41 -50.01
CA ALA A 109 10.52 -6.19 -49.31
C ALA A 109 9.14 -6.11 -49.99
N ILE A 110 8.84 -4.97 -50.61
CA ILE A 110 7.53 -4.69 -51.20
C ILE A 110 7.46 -5.27 -52.61
N HIS A 111 6.73 -6.39 -52.77
CA HIS A 111 6.60 -7.08 -54.04
C HIS A 111 5.66 -6.36 -55.02
N SER A 112 4.70 -5.60 -54.48
CA SER A 112 3.52 -5.19 -55.22
C SER A 112 2.77 -4.05 -54.51
N PRO A 113 1.87 -3.32 -55.19
CA PRO A 113 0.95 -2.40 -54.51
C PRO A 113 -0.05 -3.11 -53.59
N ASP A 114 -0.29 -4.40 -53.83
CA ASP A 114 -1.11 -5.26 -52.96
C ASP A 114 -0.43 -5.53 -51.61
N THR A 115 0.89 -5.26 -51.49
CA THR A 115 1.63 -5.49 -50.26
C THR A 115 1.30 -4.41 -49.24
N SER A 116 0.77 -4.84 -48.07
CA SER A 116 0.42 -3.95 -46.97
C SER A 116 1.63 -3.69 -46.08
N VAL A 117 1.70 -2.53 -45.42
CA VAL A 117 2.88 -2.11 -44.67
C VAL A 117 2.46 -1.27 -43.48
N LEU A 118 3.08 -1.49 -42.32
CA LEU A 118 2.78 -0.69 -41.13
C LEU A 118 4.07 -0.19 -40.49
N VAL A 119 4.17 1.12 -40.30
CA VAL A 119 5.35 1.74 -39.70
C VAL A 119 4.97 2.44 -38.42
N VAL A 120 5.53 1.99 -37.28
CA VAL A 120 5.22 2.58 -35.98
C VAL A 120 6.43 3.37 -35.46
N SER A 121 6.13 4.57 -34.93
CA SER A 121 7.13 5.49 -34.40
C SER A 121 6.61 6.13 -33.11
N CYS A 122 7.29 7.18 -32.63
CA CYS A 122 7.06 7.72 -31.30
C CYS A 122 7.19 9.26 -31.31
N ARG A 123 6.61 9.92 -30.30
CA ARG A 123 6.75 11.37 -30.09
C ARG A 123 8.21 11.84 -30.05
N ARG A 124 9.12 10.96 -29.62
CA ARG A 124 10.53 11.28 -29.45
C ARG A 124 11.26 11.40 -30.79
N SER A 125 10.66 10.88 -31.88
CA SER A 125 11.26 10.92 -33.22
C SER A 125 10.15 11.00 -34.27
N PHE A 126 9.71 12.22 -34.58
CA PHE A 126 8.42 12.45 -35.22
C PHE A 126 8.31 11.76 -36.59
N THR A 127 7.12 11.18 -36.84
CA THR A 127 6.72 10.52 -38.07
C THR A 127 6.94 11.42 -39.31
N GLN A 128 6.86 12.74 -39.16
CA GLN A 128 6.92 13.66 -40.29
C GLN A 128 8.26 13.54 -41.05
N THR A 129 9.35 13.18 -40.35
CA THR A 129 10.64 13.03 -41.03
C THR A 129 10.58 11.79 -41.95
N LEU A 130 10.00 10.68 -41.48
CA LEU A 130 9.81 9.49 -42.29
C LEU A 130 8.88 9.79 -43.47
N ALA A 131 7.69 10.35 -43.18
CA ALA A 131 6.70 10.66 -44.21
C ALA A 131 7.28 11.55 -45.31
N THR A 132 8.22 12.44 -44.93
CA THR A 132 8.95 13.28 -45.87
C THR A 132 9.90 12.45 -46.75
N ARG A 133 10.79 11.65 -46.13
CA ARG A 133 11.77 10.87 -46.89
C ARG A 133 11.11 9.75 -47.71
N PHE A 134 9.92 9.30 -47.28
CA PHE A 134 9.13 8.30 -47.99
C PHE A 134 8.49 8.85 -49.28
N ALA A 135 8.80 10.10 -49.68
CA ALA A 135 8.59 10.57 -51.05
C ALA A 135 9.21 9.61 -52.08
N GLU A 136 10.22 8.85 -51.64
CA GLU A 136 10.89 7.82 -52.45
C GLU A 136 10.02 6.59 -52.74
N SER A 137 8.90 6.42 -52.00
CA SER A 137 8.03 5.24 -52.14
C SER A 137 6.60 5.63 -52.55
N GLY A 138 5.97 4.77 -53.35
CA GLY A 138 4.60 4.99 -53.80
C GLY A 138 3.57 4.56 -52.76
N LEU A 139 2.50 5.39 -52.61
CA LEU A 139 1.27 5.03 -51.90
C LEU A 139 1.52 4.59 -50.45
N VAL A 140 2.09 5.50 -49.64
CA VAL A 140 2.22 5.35 -48.19
C VAL A 140 1.74 6.67 -47.56
N ASP A 141 0.97 6.58 -46.46
CA ASP A 141 0.37 7.76 -45.84
C ASP A 141 0.44 7.64 -44.32
N PHE A 142 0.22 8.77 -43.61
CA PHE A 142 0.34 8.76 -42.16
C PHE A 142 -0.97 9.21 -41.50
N VAL A 143 -1.31 8.58 -40.37
CA VAL A 143 -2.46 8.98 -39.57
C VAL A 143 -2.13 10.29 -38.86
N THR A 144 -2.98 11.31 -39.07
CA THR A 144 -2.87 12.56 -38.35
C THR A 144 -3.32 12.33 -36.91
N TYR A 145 -2.37 12.46 -35.98
CA TYR A 145 -2.58 12.30 -34.54
C TYR A 145 -3.47 13.43 -34.02
N PHE A 146 -3.35 14.64 -34.61
CA PHE A 146 -4.36 15.68 -34.47
C PHE A 146 -5.48 15.44 -35.48
N SER A 147 -6.73 15.80 -35.10
CA SER A 147 -7.90 15.80 -35.98
C SER A 147 -7.96 14.60 -36.93
N SER A 148 -8.09 13.40 -36.34
CA SER A 148 -7.93 12.13 -37.04
C SER A 148 -9.11 11.78 -37.95
N THR A 149 -10.21 12.55 -37.89
CA THR A 149 -11.35 12.37 -38.81
C THR A 149 -10.95 12.82 -40.23
N ASN A 150 -11.83 12.52 -41.21
CA ASN A 150 -11.60 12.79 -42.63
C ASN A 150 -10.35 12.06 -43.12
N TYR A 151 -10.18 10.81 -42.69
CA TYR A 151 -8.98 10.01 -42.97
C TYR A 151 -8.91 9.64 -44.45
N ILE A 152 -7.67 9.44 -44.94
CA ILE A 152 -7.35 9.35 -46.36
C ILE A 152 -7.96 8.08 -46.96
N MET A 153 -7.84 6.96 -46.22
CA MET A 153 -8.39 5.67 -46.62
C MET A 153 -9.88 5.62 -46.23
N ASN A 154 -10.66 6.62 -46.67
CA ASN A 154 -12.04 6.81 -46.25
C ASN A 154 -12.89 5.57 -46.57
N ASP A 155 -13.71 5.15 -45.57
CA ASP A 155 -14.60 4.00 -45.62
C ASP A 155 -13.86 2.66 -45.77
N ARG A 156 -12.52 2.64 -45.55
CA ARG A 156 -11.73 1.42 -45.71
C ARG A 156 -10.72 1.27 -44.58
N PRO A 157 -10.24 0.04 -44.26
CA PRO A 157 -9.10 -0.12 -43.37
C PRO A 157 -7.82 0.42 -44.02
N PHE A 158 -6.88 0.89 -43.18
CA PHE A 158 -5.61 1.42 -43.67
C PHE A 158 -4.71 0.30 -44.21
N HIS A 159 -3.91 0.61 -45.23
CA HIS A 159 -3.22 -0.40 -46.03
C HIS A 159 -1.69 -0.26 -45.96
N ARG A 160 -1.20 0.99 -46.08
CA ARG A 160 0.22 1.31 -46.08
C ARG A 160 0.42 2.57 -45.24
N LEU A 161 0.73 2.37 -43.94
CA LEU A 161 0.43 3.34 -42.92
C LEU A 161 1.63 3.67 -42.02
N ILE A 162 1.80 4.96 -41.69
CA ILE A 162 2.71 5.43 -40.65
C ILE A 162 1.91 5.93 -39.44
N VAL A 163 2.26 5.49 -38.22
CA VAL A 163 1.54 5.86 -37.00
C VAL A 163 2.51 6.18 -35.87
N GLN A 164 2.11 7.00 -34.89
CA GLN A 164 2.83 7.07 -33.63
C GLN A 164 2.11 6.26 -32.56
N VAL A 165 2.84 5.46 -31.78
CA VAL A 165 2.27 4.53 -30.82
C VAL A 165 1.36 5.24 -29.81
N GLU A 166 1.68 6.49 -29.42
CA GLU A 166 0.90 7.27 -28.46
C GLU A 166 -0.55 7.51 -28.95
N SER A 167 -0.79 7.32 -30.26
CA SER A 167 -2.07 7.56 -30.92
C SER A 167 -2.68 6.29 -31.51
N LEU A 168 -2.09 5.12 -31.25
CA LEU A 168 -2.41 3.91 -32.02
C LEU A 168 -3.83 3.42 -31.70
N HIS A 169 -4.29 3.63 -30.46
CA HIS A 169 -5.63 3.25 -30.03
C HIS A 169 -6.74 3.97 -30.80
N ARG A 170 -6.46 5.18 -31.32
CA ARG A 170 -7.41 5.98 -32.09
C ARG A 170 -7.78 5.30 -33.41
N VAL A 171 -6.87 4.49 -33.97
CA VAL A 171 -7.01 3.93 -35.31
C VAL A 171 -6.99 2.40 -35.29
N GLY A 172 -6.71 1.79 -34.13
CA GLY A 172 -6.76 0.34 -33.93
C GLY A 172 -7.91 -0.37 -34.65
N PRO A 173 -9.19 0.05 -34.47
CA PRO A 173 -10.32 -0.59 -35.16
C PRO A 173 -10.42 -0.41 -36.67
N ASN A 174 -9.57 0.45 -37.27
CA ASN A 174 -9.50 0.64 -38.71
C ASN A 174 -8.17 0.15 -39.30
N LEU A 175 -7.35 -0.57 -38.51
CA LEU A 175 -6.19 -1.27 -39.05
C LEU A 175 -6.65 -2.58 -39.69
N LEU A 176 -5.85 -3.11 -40.63
CA LEU A 176 -5.97 -4.49 -41.02
C LEU A 176 -5.64 -5.39 -39.82
N ASN A 177 -6.17 -6.62 -39.83
CA ASN A 177 -5.91 -7.59 -38.77
C ASN A 177 -4.43 -8.01 -38.79
N ASN A 178 -3.80 -7.96 -39.98
CA ASN A 178 -2.44 -8.41 -40.22
C ASN A 178 -1.84 -7.59 -41.37
N TYR A 179 -0.51 -7.33 -41.35
CA TYR A 179 0.19 -6.63 -42.42
C TYR A 179 1.36 -7.45 -42.93
N ASP A 180 1.74 -7.26 -44.20
CA ASP A 180 2.77 -8.03 -44.85
C ASP A 180 4.16 -7.58 -44.39
N VAL A 181 4.32 -6.30 -44.01
CA VAL A 181 5.58 -5.79 -43.47
C VAL A 181 5.30 -4.96 -42.23
N LEU A 182 6.06 -5.19 -41.15
CA LEU A 182 5.99 -4.36 -39.93
C LEU A 182 7.32 -3.68 -39.67
N VAL A 183 7.34 -2.36 -39.55
CA VAL A 183 8.54 -1.62 -39.18
C VAL A 183 8.33 -0.98 -37.80
N LEU A 184 9.25 -1.25 -36.88
CA LEU A 184 9.30 -0.51 -35.62
C LEU A 184 10.53 0.39 -35.61
N ASP A 185 10.31 1.69 -35.61
CA ASP A 185 11.39 2.66 -35.64
C ASP A 185 11.58 3.29 -34.25
N GLU A 186 12.83 3.41 -33.82
CA GLU A 186 13.16 3.73 -32.45
C GLU A 186 12.36 2.85 -31.52
N VAL A 187 12.58 1.54 -31.65
CA VAL A 187 11.68 0.58 -31.01
C VAL A 187 11.75 0.73 -29.49
N MET A 188 12.92 1.04 -28.91
CA MET A 188 13.01 1.12 -27.47
C MET A 188 12.31 2.38 -26.97
N SER A 189 12.25 3.43 -27.79
CA SER A 189 11.47 4.62 -27.50
C SER A 189 9.98 4.33 -27.65
N THR A 190 9.60 3.52 -28.64
CA THR A 190 8.23 3.05 -28.81
C THR A 190 7.77 2.28 -27.57
N LEU A 191 8.54 1.27 -27.13
CA LEU A 191 8.25 0.48 -25.95
C LEU A 191 8.29 1.34 -24.68
N GLY A 192 9.07 2.42 -24.67
CA GLY A 192 9.10 3.31 -23.53
C GLY A 192 7.77 4.02 -23.25
N GLN A 193 6.93 4.24 -24.27
CA GLN A 193 5.69 4.97 -24.11
C GLN A 193 4.70 4.20 -23.23
N LEU A 194 4.76 2.87 -23.23
CA LEU A 194 3.86 2.05 -22.47
C LEU A 194 3.89 2.41 -20.97
N TYR A 195 5.02 2.95 -20.50
CA TYR A 195 5.22 3.25 -19.09
C TYR A 195 4.95 4.71 -18.75
N SER A 196 4.60 5.54 -19.74
CA SER A 196 4.28 6.94 -19.50
C SER A 196 2.93 7.10 -18.81
N PRO A 197 2.79 8.06 -17.86
CA PRO A 197 1.48 8.35 -17.26
C PRO A 197 0.40 8.78 -18.23
N THR A 198 0.78 9.33 -19.38
CA THR A 198 -0.16 9.77 -20.43
C THR A 198 -0.69 8.60 -21.25
N MET A 199 -0.12 7.41 -21.09
CA MET A 199 -0.46 6.27 -21.92
C MET A 199 -1.94 5.90 -21.73
N GLN A 200 -2.59 5.60 -22.86
CA GLN A 200 -4.04 5.47 -22.88
C GLN A 200 -4.45 4.17 -23.57
N GLN A 201 -5.45 3.49 -22.97
CA GLN A 201 -5.93 2.18 -23.40
C GLN A 201 -4.77 1.17 -23.48
N LEU A 202 -3.93 1.16 -22.43
CA LEU A 202 -2.70 0.38 -22.38
C LEU A 202 -2.93 -1.09 -22.74
N GLY A 203 -3.93 -1.74 -22.14
CA GLY A 203 -4.20 -3.16 -22.36
C GLY A 203 -4.48 -3.49 -23.83
N ARG A 204 -5.16 -2.57 -24.54
CA ARG A 204 -5.45 -2.73 -25.95
C ARG A 204 -4.19 -2.59 -26.79
N VAL A 205 -3.36 -1.57 -26.50
CA VAL A 205 -2.15 -1.33 -27.27
C VAL A 205 -1.14 -2.47 -27.07
N ASP A 206 -1.03 -3.00 -25.85
CA ASP A 206 -0.29 -4.23 -25.59
C ASP A 206 -0.71 -5.35 -26.54
N ALA A 207 -1.99 -5.73 -26.49
CA ALA A 207 -2.49 -6.87 -27.24
C ALA A 207 -2.34 -6.65 -28.75
N LEU A 208 -2.57 -5.42 -29.22
CA LEU A 208 -2.46 -5.09 -30.63
C LEU A 208 -1.01 -5.26 -31.10
N MET A 209 -0.04 -4.67 -30.39
CA MET A 209 1.37 -4.80 -30.78
C MET A 209 1.81 -6.26 -30.71
N LEU A 210 1.40 -7.00 -29.68
CA LEU A 210 1.79 -8.40 -29.54
C LEU A 210 1.23 -9.25 -30.68
N ARG A 211 0.00 -8.98 -31.14
CA ARG A 211 -0.58 -9.72 -32.23
C ARG A 211 0.18 -9.46 -33.53
N LEU A 212 0.51 -8.18 -33.79
CA LEU A 212 1.32 -7.82 -34.95
C LEU A 212 2.70 -8.50 -34.91
N LEU A 213 3.39 -8.45 -33.78
CA LEU A 213 4.68 -9.10 -33.62
C LEU A 213 4.59 -10.62 -33.85
N ARG A 214 3.54 -11.29 -33.36
CA ARG A 214 3.43 -12.74 -33.54
C ARG A 214 3.06 -13.15 -34.96
N THR A 215 2.54 -12.24 -35.82
CA THR A 215 1.87 -12.67 -37.06
C THR A 215 2.38 -12.03 -38.36
N CYS A 216 3.07 -10.89 -38.36
CA CYS A 216 3.52 -10.31 -39.63
C CYS A 216 4.66 -11.12 -40.24
N PRO A 217 4.67 -11.43 -41.55
CA PRO A 217 5.71 -12.29 -42.10
C PRO A 217 7.10 -11.66 -42.26
N ARG A 218 7.21 -10.32 -42.30
CA ARG A 218 8.51 -9.64 -42.17
C ARG A 218 8.43 -8.57 -41.09
N ILE A 219 9.41 -8.52 -40.18
CA ILE A 219 9.55 -7.46 -39.19
C ILE A 219 10.94 -6.85 -39.21
N ILE A 220 11.05 -5.53 -39.13
CA ILE A 220 12.32 -4.91 -38.87
C ILE A 220 12.17 -3.94 -37.71
N ALA A 221 13.09 -4.02 -36.74
CA ALA A 221 13.02 -3.24 -35.50
C ALA A 221 14.36 -2.55 -35.29
N MET A 222 14.35 -1.22 -35.11
CA MET A 222 15.60 -0.48 -35.05
C MET A 222 15.62 0.53 -33.91
N ASP A 223 16.76 0.63 -33.23
CA ASP A 223 17.00 1.65 -32.22
C ASP A 223 18.50 1.84 -32.07
N ALA A 224 18.97 3.01 -31.61
CA ALA A 224 20.37 3.12 -31.20
C ALA A 224 20.69 2.26 -30.00
N THR A 225 19.67 1.83 -29.25
CA THR A 225 19.83 1.13 -27.99
C THR A 225 19.02 -0.16 -27.91
N ALA A 226 18.70 -0.77 -29.04
CA ALA A 226 18.00 -2.06 -29.09
C ALA A 226 18.80 -3.05 -28.27
N ASN A 227 18.17 -3.80 -27.34
CA ASN A 227 19.00 -4.55 -26.39
C ASN A 227 18.73 -6.06 -26.33
N ALA A 228 19.46 -6.78 -25.48
CA ALA A 228 19.38 -8.22 -25.33
C ALA A 228 17.96 -8.67 -24.99
N GLN A 229 17.22 -7.92 -24.18
CA GLN A 229 15.88 -8.33 -23.83
C GLN A 229 14.90 -8.18 -24.99
N LEU A 230 15.16 -7.27 -25.93
CA LEU A 230 14.36 -7.20 -27.14
C LEU A 230 14.64 -8.42 -28.02
N VAL A 231 15.93 -8.78 -28.17
CA VAL A 231 16.31 -9.92 -28.99
C VAL A 231 15.80 -11.22 -28.38
N ASP A 232 15.85 -11.31 -27.07
CA ASP A 232 15.27 -12.44 -26.36
C ASP A 232 13.76 -12.52 -26.57
N PHE A 233 13.05 -11.38 -26.51
CA PHE A 233 11.61 -11.38 -26.66
C PHE A 233 11.20 -11.80 -28.08
N LEU A 234 11.86 -11.27 -29.10
CA LEU A 234 11.58 -11.64 -30.47
C LEU A 234 11.96 -13.10 -30.75
N CYS A 235 13.07 -13.60 -30.19
CA CYS A 235 13.37 -15.01 -30.23
C CYS A 235 12.30 -15.82 -29.48
N GLY A 236 11.73 -15.30 -28.39
CA GLY A 236 10.64 -15.97 -27.72
C GLY A 236 9.38 -16.13 -28.58
N LEU A 237 9.02 -15.09 -29.33
CA LEU A 237 7.80 -15.10 -30.14
C LEU A 237 7.99 -15.91 -31.42
N ARG A 238 9.22 -16.02 -31.93
CA ARG A 238 9.42 -16.55 -33.26
C ARG A 238 10.60 -17.49 -33.44
N GLY A 239 11.30 -17.84 -32.37
CA GLY A 239 12.41 -18.77 -32.44
C GLY A 239 13.67 -18.17 -33.04
N GLU A 240 14.81 -18.65 -32.52
CA GLU A 240 16.12 -18.14 -32.89
C GLU A 240 16.35 -18.16 -34.39
N LYS A 241 15.90 -19.23 -35.08
CA LYS A 241 16.25 -19.43 -36.48
C LYS A 241 15.56 -18.42 -37.40
N ASN A 242 14.57 -17.69 -36.88
CA ASN A 242 13.85 -16.69 -37.66
C ASN A 242 14.28 -15.26 -37.33
N VAL A 243 15.27 -15.07 -36.45
CA VAL A 243 15.78 -13.74 -36.06
C VAL A 243 17.20 -13.57 -36.59
N HIS A 244 17.48 -12.37 -37.07
CA HIS A 244 18.83 -11.92 -37.39
C HIS A 244 19.11 -10.56 -36.73
N VAL A 245 20.35 -10.29 -36.34
CA VAL A 245 20.69 -9.05 -35.65
C VAL A 245 21.83 -8.35 -36.39
N VAL A 246 21.74 -7.06 -36.62
CA VAL A 246 22.84 -6.31 -37.19
C VAL A 246 23.24 -5.13 -36.28
N VAL A 247 24.54 -4.98 -36.08
CA VAL A 247 25.10 -4.08 -35.09
C VAL A 247 25.93 -3.03 -35.82
N GLY A 248 25.53 -1.77 -35.72
CA GLY A 248 26.24 -0.67 -36.35
C GLY A 248 27.25 -0.08 -35.38
N GLU A 249 28.43 0.26 -35.89
CA GLU A 249 29.48 0.87 -35.09
C GLU A 249 30.12 2.02 -35.86
N TYR A 250 29.30 2.68 -36.71
CA TYR A 250 29.78 3.78 -37.54
C TYR A 250 28.73 4.88 -37.52
N ALA A 251 29.20 6.14 -37.50
CA ALA A 251 28.35 7.30 -37.70
C ALA A 251 29.05 8.32 -38.61
N MET A 252 28.24 9.17 -39.25
CA MET A 252 28.72 10.09 -40.27
C MET A 252 29.73 11.10 -39.70
N PRO A 253 30.94 11.22 -40.33
CA PRO A 253 31.95 12.18 -39.89
C PRO A 253 31.64 13.61 -40.33
N GLY A 254 32.60 14.52 -40.08
CA GLY A 254 32.50 15.91 -40.50
C GLY A 254 31.50 16.68 -39.64
N PHE A 255 30.39 17.12 -40.27
CA PHE A 255 29.37 17.95 -39.65
C PHE A 255 28.72 17.32 -38.42
N SER A 256 28.85 15.99 -38.25
CA SER A 256 28.28 15.27 -37.11
C SER A 256 29.33 14.56 -36.23
N ALA A 257 30.63 14.86 -36.45
CA ALA A 257 31.73 14.20 -35.72
C ALA A 257 31.93 14.81 -34.32
N ARG A 258 30.89 14.71 -33.49
CA ARG A 258 30.83 15.41 -32.20
C ARG A 258 31.86 14.84 -31.23
N ARG A 259 32.45 15.72 -30.41
CA ARG A 259 33.38 15.35 -29.35
C ARG A 259 32.83 15.88 -28.03
N CYS A 260 32.69 15.01 -27.02
CA CYS A 260 32.15 15.37 -25.74
C CYS A 260 33.22 15.46 -24.63
N LEU A 261 33.15 16.50 -23.78
CA LEU A 261 34.04 16.66 -22.65
C LEU A 261 33.24 16.86 -21.35
N PHE A 262 33.48 16.05 -20.35
CA PHE A 262 32.91 16.25 -19.01
C PHE A 262 33.82 17.19 -18.23
N LEU A 263 33.29 18.34 -17.83
CA LEU A 263 34.01 19.34 -17.04
C LEU A 263 33.97 18.98 -15.55
N PRO A 264 35.07 19.26 -14.82
CA PRO A 264 35.15 18.99 -13.38
C PRO A 264 34.51 20.03 -12.48
N ARG A 265 34.30 21.27 -12.96
CA ARG A 265 33.95 22.38 -12.07
C ARG A 265 32.93 23.31 -12.72
N LEU A 266 31.94 23.77 -11.93
CA LEU A 266 30.93 24.71 -12.42
C LEU A 266 31.52 26.11 -12.60
N GLY A 267 32.30 26.56 -11.62
CA GLY A 267 32.99 27.84 -11.69
C GLY A 267 32.09 29.01 -11.28
N THR A 268 31.28 28.83 -10.23
CA THR A 268 30.36 29.88 -9.80
C THR A 268 31.11 31.11 -9.27
N GLU A 269 32.40 30.97 -8.96
CA GLU A 269 33.24 32.11 -8.59
C GLU A 269 33.37 33.11 -9.74
N LEU A 270 33.30 32.65 -11.00
CA LEU A 270 33.29 33.54 -12.16
C LEU A 270 31.89 34.11 -12.36
N LEU A 271 30.87 33.26 -12.26
CA LEU A 271 29.47 33.65 -12.42
C LEU A 271 29.10 34.78 -11.48
N GLN A 272 29.44 34.62 -10.20
CA GLN A 272 29.05 35.58 -9.18
C GLN A 272 29.78 36.90 -9.37
N ALA A 273 31.03 36.85 -9.84
CA ALA A 273 31.83 38.02 -10.14
C ALA A 273 31.32 38.77 -11.38
N ALA A 274 30.76 38.04 -12.36
CA ALA A 274 30.18 38.63 -13.56
C ALA A 274 28.82 39.26 -13.27
N LEU A 275 27.93 38.54 -12.56
CA LEU A 275 26.60 39.02 -12.21
C LEU A 275 26.62 40.05 -11.08
N ARG A 276 27.79 40.34 -10.49
CA ARG A 276 27.96 41.35 -9.46
C ARG A 276 27.52 42.73 -9.94
N PRO A 277 26.80 43.53 -9.11
CA PRO A 277 26.50 44.93 -9.44
C PRO A 277 27.76 45.74 -9.78
N PRO A 278 27.76 46.52 -10.89
CA PRO A 278 28.96 47.24 -11.34
C PRO A 278 29.30 48.52 -10.59
N GLY A 279 28.42 48.96 -9.68
CA GLY A 279 28.57 50.21 -8.93
C GLY A 279 29.75 50.22 -7.96
N PRO A 280 29.75 49.36 -6.91
CA PRO A 280 30.88 49.31 -5.96
C PRO A 280 32.14 48.66 -6.55
N PRO A 281 33.35 49.03 -6.05
CA PRO A 281 34.60 48.44 -6.54
C PRO A 281 34.77 46.96 -6.15
N SER A 282 34.38 46.62 -4.91
CA SER A 282 34.23 45.26 -4.41
C SER A 282 35.39 44.34 -4.79
N GLY A 283 36.61 44.70 -4.33
CA GLY A 283 37.84 43.98 -4.67
C GLY A 283 37.82 42.52 -4.22
N PRO A 284 38.62 41.63 -4.88
CA PRO A 284 38.55 40.19 -4.61
C PRO A 284 39.10 39.75 -3.25
N SER A 285 38.44 38.75 -2.66
CA SER A 285 38.87 38.12 -1.42
C SER A 285 40.06 37.17 -1.68
N PRO A 286 40.86 36.80 -0.65
CA PRO A 286 41.96 35.84 -0.83
C PRO A 286 41.55 34.37 -0.95
N ASP A 287 40.58 34.11 -1.84
CA ASP A 287 40.06 32.77 -2.12
C ASP A 287 39.79 32.63 -3.63
N ALA A 288 39.73 31.38 -4.11
CA ALA A 288 39.65 31.02 -5.53
C ALA A 288 40.85 31.55 -6.32
N SER A 289 41.99 31.74 -5.63
CA SER A 289 43.26 32.10 -6.25
C SER A 289 43.79 30.96 -7.12
N PRO A 290 43.88 29.68 -6.63
CA PRO A 290 44.22 28.56 -7.50
C PRO A 290 43.06 28.20 -8.42
N ASP A 291 43.39 27.72 -9.63
CA ASP A 291 42.38 27.36 -10.62
C ASP A 291 41.67 26.06 -10.23
N ALA A 292 42.33 25.23 -9.40
CA ALA A 292 41.79 23.94 -8.99
C ALA A 292 41.43 23.10 -10.22
N ARG A 293 42.37 23.01 -11.19
CA ARG A 293 42.18 22.25 -12.43
C ARG A 293 41.37 23.05 -13.46
N GLY A 294 41.01 24.29 -13.11
CA GLY A 294 40.32 25.18 -14.04
C GLY A 294 39.18 24.46 -14.75
N ALA A 295 39.14 24.61 -16.09
CA ALA A 295 38.09 24.01 -16.91
C ALA A 295 36.72 24.18 -16.25
N THR A 296 36.37 25.43 -15.93
CA THR A 296 35.04 25.71 -15.40
C THR A 296 34.01 25.80 -16.54
N PHE A 297 32.76 25.43 -16.22
CA PHE A 297 31.63 25.60 -17.13
C PHE A 297 31.50 27.05 -17.55
N PHE A 298 31.55 27.98 -16.58
CA PHE A 298 31.35 29.40 -16.89
C PHE A 298 32.58 30.01 -17.54
N GLY A 299 33.77 29.57 -17.16
CA GLY A 299 34.98 30.05 -17.81
C GLY A 299 35.01 29.67 -19.30
N GLU A 300 34.72 28.41 -19.58
CA GLU A 300 34.73 27.91 -20.94
C GLU A 300 33.63 28.61 -21.73
N LEU A 301 32.48 28.89 -21.11
CA LEU A 301 31.38 29.54 -21.80
C LEU A 301 31.74 30.99 -22.15
N GLU A 302 32.27 31.74 -21.18
CA GLU A 302 32.72 33.11 -21.41
C GLU A 302 33.72 33.19 -22.56
N ALA A 303 34.65 32.23 -22.62
CA ALA A 303 35.64 32.19 -23.69
C ALA A 303 35.00 32.08 -25.08
N ARG A 304 33.93 31.30 -25.22
CA ARG A 304 33.24 31.17 -26.49
C ARG A 304 32.43 32.43 -26.77
N LEU A 305 31.72 32.98 -25.78
CA LEU A 305 30.87 34.13 -26.02
C LEU A 305 31.71 35.35 -26.37
N GLY A 306 32.79 35.60 -25.61
CA GLY A 306 33.73 36.66 -25.94
C GLY A 306 34.44 36.43 -27.30
N GLY A 307 34.70 35.18 -27.63
CA GLY A 307 35.34 34.81 -28.89
C GLY A 307 34.42 34.87 -30.11
N GLY A 308 33.14 35.24 -29.91
CA GLY A 308 32.23 35.51 -31.02
C GLY A 308 31.46 34.28 -31.53
N ASP A 309 31.51 33.15 -30.78
CA ASP A 309 30.85 31.91 -31.18
C ASP A 309 29.34 31.96 -30.95
N ASN A 310 28.60 31.17 -31.74
CA ASN A 310 27.20 30.87 -31.51
C ASN A 310 27.09 29.60 -30.65
N ILE A 311 26.33 29.63 -29.56
CA ILE A 311 26.31 28.53 -28.59
C ILE A 311 24.87 28.11 -28.30
N CYS A 312 24.65 26.83 -28.01
CA CYS A 312 23.35 26.44 -27.49
C CYS A 312 23.53 25.67 -26.19
N ILE A 313 22.63 25.89 -25.22
CA ILE A 313 22.81 25.38 -23.88
C ILE A 313 21.59 24.56 -23.48
N PHE A 314 21.80 23.30 -23.17
CA PHE A 314 20.75 22.49 -22.58
C PHE A 314 20.86 22.68 -21.07
N SER A 315 19.71 22.80 -20.40
CA SER A 315 19.71 22.74 -18.96
C SER A 315 18.60 21.82 -18.46
N SER A 316 18.93 20.94 -17.50
CA SER A 316 17.95 20.08 -16.85
C SER A 316 16.91 20.88 -16.08
N THR A 317 17.36 21.99 -15.49
CA THR A 317 16.49 22.77 -14.65
C THR A 317 16.26 24.16 -15.23
N VAL A 318 15.04 24.67 -15.05
CA VAL A 318 14.69 26.04 -15.36
C VAL A 318 15.46 27.01 -14.46
N SER A 319 15.63 26.66 -13.19
CA SER A 319 16.36 27.47 -12.26
C SER A 319 17.75 27.87 -12.79
N PHE A 320 18.47 26.92 -13.37
CA PHE A 320 19.81 27.19 -13.90
C PHE A 320 19.69 27.82 -15.28
N ALA A 321 18.67 27.44 -16.06
CA ALA A 321 18.49 28.00 -17.38
C ALA A 321 18.36 29.53 -17.30
N GLU A 322 17.63 30.01 -16.30
CA GLU A 322 17.45 31.44 -16.10
C GLU A 322 18.76 32.12 -15.67
N ILE A 323 19.57 31.45 -14.85
CA ILE A 323 20.83 32.02 -14.40
C ILE A 323 21.78 32.14 -15.58
N VAL A 324 21.91 31.11 -16.41
CA VAL A 324 22.86 31.15 -17.49
C VAL A 324 22.36 32.11 -18.56
N ALA A 325 21.05 32.32 -18.70
CA ALA A 325 20.54 33.35 -19.61
C ALA A 325 20.95 34.74 -19.15
N ARG A 326 20.94 35.04 -17.84
CA ARG A 326 21.42 36.29 -17.30
C ARG A 326 22.90 36.48 -17.58
N PHE A 327 23.69 35.41 -17.43
CA PHE A 327 25.11 35.49 -17.70
C PHE A 327 25.37 35.77 -19.18
N CYS A 328 24.67 35.09 -20.08
CA CYS A 328 24.81 35.32 -21.51
C CYS A 328 24.37 36.71 -21.96
N ARG A 329 23.40 37.30 -21.27
CA ARG A 329 22.87 38.62 -21.59
C ARG A 329 23.84 39.73 -21.20
N GLN A 330 25.00 39.40 -20.62
CA GLN A 330 26.04 40.40 -20.40
C GLN A 330 26.95 40.52 -21.62
N PHE A 331 27.24 39.39 -22.27
CA PHE A 331 28.15 39.34 -23.41
C PHE A 331 27.42 39.61 -24.72
N THR A 332 26.09 39.47 -24.74
CA THR A 332 25.30 39.60 -25.96
C THR A 332 23.93 40.16 -25.63
N ASP A 333 23.19 40.58 -26.67
CA ASP A 333 21.79 40.93 -26.56
C ASP A 333 20.94 39.72 -26.96
N ARG A 334 21.33 39.03 -28.05
CA ARG A 334 20.49 38.03 -28.70
C ARG A 334 20.56 36.64 -28.04
N VAL A 335 19.95 36.51 -26.87
CA VAL A 335 19.83 35.26 -26.13
C VAL A 335 18.38 34.83 -26.09
N LEU A 336 18.07 33.63 -26.62
CA LEU A 336 16.73 33.05 -26.53
C LEU A 336 16.67 32.04 -25.38
N LEU A 337 15.59 32.01 -24.62
CA LEU A 337 15.41 31.07 -23.52
C LEU A 337 14.08 30.34 -23.68
N LEU A 338 14.10 29.01 -23.61
CA LEU A 338 12.94 28.18 -23.88
C LEU A 338 12.72 27.18 -22.76
N HIS A 339 11.51 27.16 -22.21
CA HIS A 339 11.10 26.16 -21.25
C HIS A 339 9.58 26.10 -21.22
N SER A 340 9.02 25.16 -20.44
CA SER A 340 7.61 24.79 -20.54
C SER A 340 6.67 25.98 -20.32
N LEU A 341 7.13 26.99 -19.55
CA LEU A 341 6.31 28.14 -19.20
C LEU A 341 6.71 29.39 -20.00
N THR A 342 7.27 29.17 -21.21
CA THR A 342 7.47 30.18 -22.23
C THR A 342 6.71 29.79 -23.50
N PRO A 343 6.31 30.75 -24.37
CA PRO A 343 5.63 30.41 -25.63
C PRO A 343 6.57 29.68 -26.57
N LEU A 344 6.04 28.65 -27.26
CA LEU A 344 6.85 27.68 -27.98
C LEU A 344 7.48 28.29 -29.24
N GLY A 345 8.78 28.59 -29.17
CA GLY A 345 9.53 29.13 -30.30
C GLY A 345 9.92 28.02 -31.28
N ASP A 346 9.50 28.17 -32.54
CA ASP A 346 9.79 27.19 -33.57
C ASP A 346 11.26 27.24 -33.93
N VAL A 347 11.86 26.06 -34.17
CA VAL A 347 13.31 25.90 -34.30
C VAL A 347 13.86 26.68 -35.51
N THR A 348 13.03 26.95 -36.53
CA THR A 348 13.48 27.74 -37.69
C THR A 348 13.94 29.14 -37.27
N THR A 349 13.44 29.64 -36.14
CA THR A 349 13.77 30.98 -35.67
C THR A 349 15.16 30.99 -35.03
N TRP A 350 15.75 29.83 -34.70
CA TRP A 350 16.93 29.82 -33.86
C TRP A 350 18.14 30.42 -34.55
N GLY A 351 18.16 30.48 -35.88
CA GLY A 351 19.25 31.12 -36.60
C GLY A 351 19.39 32.63 -36.31
N GLN A 352 18.41 33.23 -35.63
CA GLN A 352 18.44 34.65 -35.33
C GLN A 352 19.30 34.98 -34.10
N TYR A 353 19.70 33.96 -33.31
CA TYR A 353 20.26 34.19 -31.99
C TYR A 353 21.70 33.72 -31.84
N ARG A 354 22.46 34.41 -30.99
CA ARG A 354 23.82 34.01 -30.66
C ARG A 354 23.83 32.89 -29.61
N VAL A 355 22.83 32.86 -28.72
CA VAL A 355 22.75 31.85 -27.67
C VAL A 355 21.32 31.36 -27.56
N VAL A 356 21.12 30.04 -27.58
CA VAL A 356 19.80 29.49 -27.35
C VAL A 356 19.86 28.56 -26.16
N ILE A 357 19.10 28.86 -25.10
CA ILE A 357 19.06 28.02 -23.92
C ILE A 357 17.73 27.28 -23.89
N TYR A 358 17.75 25.97 -23.67
CA TYR A 358 16.51 25.21 -23.61
C TYR A 358 16.53 24.12 -22.55
N THR A 359 15.33 23.69 -22.14
CA THR A 359 15.15 22.52 -21.27
C THR A 359 14.49 21.38 -22.04
N THR A 360 14.01 20.31 -21.39
CA THR A 360 13.69 19.08 -22.13
C THR A 360 12.50 19.27 -23.06
N VAL A 361 11.81 20.42 -23.02
CA VAL A 361 10.62 20.64 -23.85
C VAL A 361 10.86 20.47 -25.35
N VAL A 362 12.10 20.69 -25.81
CA VAL A 362 12.45 20.54 -27.21
C VAL A 362 12.42 19.07 -27.65
N THR A 363 12.38 18.12 -26.70
CA THR A 363 12.20 16.70 -27.01
C THR A 363 10.88 16.48 -27.75
N VAL A 364 9.84 17.26 -27.43
CA VAL A 364 8.53 17.11 -28.07
C VAL A 364 8.56 17.70 -29.48
N GLY A 365 9.39 18.73 -29.69
CA GLY A 365 9.48 19.42 -30.97
C GLY A 365 10.45 18.76 -31.95
N LEU A 366 10.62 19.43 -33.10
CA LEU A 366 11.46 18.93 -34.19
C LEU A 366 12.91 19.34 -33.98
N SER A 367 13.80 18.76 -34.80
CA SER A 367 15.22 19.04 -34.77
C SER A 367 15.56 20.31 -35.56
N PHE A 368 16.68 20.95 -35.18
CA PHE A 368 17.27 22.07 -35.90
C PHE A 368 18.46 21.59 -36.74
N ASP A 369 18.37 21.76 -38.08
CA ASP A 369 19.33 21.19 -39.03
C ASP A 369 20.49 22.13 -39.44
N PRO A 370 20.26 23.46 -39.67
CA PRO A 370 21.30 24.36 -40.18
C PRO A 370 22.63 24.42 -39.44
N LEU A 371 23.69 24.78 -40.17
CA LEU A 371 25.03 24.88 -39.60
C LEU A 371 25.21 26.23 -38.91
N HIS A 372 24.48 26.44 -37.80
CA HIS A 372 24.49 27.72 -37.12
C HIS A 372 25.41 27.76 -35.89
N PHE A 373 25.29 26.75 -35.00
CA PHE A 373 25.97 26.79 -33.70
C PHE A 373 27.38 26.21 -33.77
N ASP A 374 28.30 26.76 -32.99
CA ASP A 374 29.69 26.32 -32.99
C ASP A 374 29.84 25.13 -32.06
N GLY A 375 29.31 25.27 -30.84
CA GLY A 375 29.43 24.30 -29.76
C GLY A 375 28.12 24.18 -28.97
N MET A 376 28.06 23.18 -28.08
CA MET A 376 26.92 22.97 -27.20
C MET A 376 27.38 22.84 -25.74
N PHE A 377 26.64 23.45 -24.81
CA PHE A 377 26.89 23.27 -23.39
C PHE A 377 25.71 22.56 -22.76
N ALA A 378 25.96 21.76 -21.71
CA ALA A 378 24.85 21.07 -21.08
C ALA A 378 25.04 21.03 -19.59
N TYR A 379 24.02 21.40 -18.85
CA TYR A 379 24.01 21.24 -17.40
C TYR A 379 22.98 20.21 -17.05
N VAL A 380 23.44 19.12 -16.46
CA VAL A 380 22.61 17.96 -16.21
C VAL A 380 22.62 17.77 -14.72
N LYS A 381 21.44 17.61 -14.12
CA LYS A 381 21.40 17.39 -12.69
C LYS A 381 20.41 16.27 -12.41
N PRO A 382 20.84 15.03 -12.17
CA PRO A 382 19.91 13.96 -11.82
C PRO A 382 19.10 14.35 -10.58
N MET A 383 17.81 14.10 -10.62
CA MET A 383 16.89 14.38 -9.55
C MET A 383 15.80 13.29 -9.56
N ASN A 384 15.26 12.91 -8.38
CA ASN A 384 14.25 11.89 -8.32
C ASN A 384 13.04 12.20 -9.18
N TYR A 385 12.60 13.48 -9.28
CA TYR A 385 11.45 13.76 -10.14
C TYR A 385 11.86 14.37 -11.46
N GLY A 386 13.17 14.36 -11.81
CA GLY A 386 13.68 14.98 -13.03
C GLY A 386 13.51 14.15 -14.29
N PRO A 387 14.02 14.63 -15.45
CA PRO A 387 14.20 13.81 -16.65
C PRO A 387 15.20 12.69 -16.43
N ASP A 388 14.95 11.58 -17.10
CA ASP A 388 15.88 10.48 -17.14
C ASP A 388 16.99 10.77 -18.14
N MET A 389 18.14 10.11 -17.97
CA MET A 389 19.28 10.36 -18.83
C MET A 389 18.96 10.06 -20.31
N VAL A 390 18.08 9.16 -20.62
CA VAL A 390 17.77 8.91 -22.01
C VAL A 390 17.01 10.10 -22.62
N SER A 391 16.04 10.69 -21.93
CA SER A 391 15.51 12.01 -22.27
C SER A 391 16.58 13.10 -22.46
N VAL A 392 17.52 13.20 -21.54
CA VAL A 392 18.56 14.21 -21.65
C VAL A 392 19.29 14.00 -22.95
N TYR A 393 19.58 12.73 -23.29
CA TYR A 393 20.35 12.47 -24.49
C TYR A 393 19.54 12.93 -25.73
N GLN A 394 18.25 12.60 -25.76
CA GLN A 394 17.39 13.03 -26.81
C GLN A 394 17.50 14.55 -27.00
N SER A 395 17.40 15.28 -25.91
CA SER A 395 17.46 16.74 -25.94
C SER A 395 18.78 17.23 -26.50
N LEU A 396 19.88 16.63 -26.12
CA LEU A 396 21.18 17.06 -26.58
C LEU A 396 21.30 16.88 -28.09
N GLY A 397 20.40 16.08 -28.69
CA GLY A 397 20.51 15.75 -30.09
C GLY A 397 19.71 16.69 -30.96
N ARG A 398 18.83 17.48 -30.34
CA ARG A 398 17.88 18.31 -31.08
C ARG A 398 18.57 19.28 -32.04
N VAL A 399 19.74 19.82 -31.68
CA VAL A 399 20.59 20.48 -32.65
C VAL A 399 21.43 19.44 -33.37
N ARG A 400 21.18 19.25 -34.68
CA ARG A 400 21.73 18.13 -35.44
C ARG A 400 23.19 18.38 -35.81
N THR A 401 23.56 19.64 -35.99
CA THR A 401 24.84 20.00 -36.59
C THR A 401 25.59 20.98 -35.68
N LEU A 402 26.87 20.74 -35.38
CA LEU A 402 27.65 21.73 -34.65
C LEU A 402 28.94 22.02 -35.42
N ARG A 403 29.21 23.29 -35.69
CA ARG A 403 30.22 23.70 -36.67
C ARG A 403 31.64 23.41 -36.16
N LYS A 404 31.87 23.49 -34.85
CA LYS A 404 33.17 23.24 -34.26
C LYS A 404 33.21 21.88 -33.53
N GLY A 405 32.03 21.25 -33.37
CA GLY A 405 31.90 19.87 -32.90
C GLY A 405 32.00 19.67 -31.38
N GLU A 406 32.18 20.74 -30.60
CA GLU A 406 32.33 20.64 -29.15
C GLU A 406 30.99 20.37 -28.45
N LEU A 407 30.99 19.47 -27.47
CA LEU A 407 29.91 19.34 -26.50
C LEU A 407 30.49 19.29 -25.10
N LEU A 408 30.21 20.30 -24.26
CA LEU A 408 30.75 20.35 -22.90
C LEU A 408 29.63 20.04 -21.90
N ILE A 409 29.88 19.11 -20.96
CA ILE A 409 28.84 18.69 -20.05
C ILE A 409 29.28 18.89 -18.63
N TYR A 410 28.40 19.49 -17.81
CA TYR A 410 28.59 19.50 -16.37
C TYR A 410 27.49 18.68 -15.66
N MET A 411 27.91 17.75 -14.78
CA MET A 411 26.98 16.91 -14.05
C MET A 411 26.89 17.35 -12.59
N ASP A 412 25.71 17.85 -12.17
CA ASP A 412 25.55 18.39 -10.84
C ASP A 412 25.12 17.27 -9.90
N GLY A 413 26.03 16.80 -9.06
CA GLY A 413 25.66 15.65 -8.27
C GLY A 413 25.02 15.97 -6.93
N SER A 414 24.85 17.25 -6.59
CA SER A 414 24.05 17.55 -5.42
C SER A 414 22.62 17.12 -5.70
N GLY A 415 21.94 16.43 -4.79
CA GLY A 415 20.68 15.90 -5.30
C GLY A 415 20.74 14.41 -5.59
N ALA A 416 21.97 13.87 -5.68
CA ALA A 416 22.21 12.53 -6.19
C ALA A 416 23.43 11.94 -5.52
N ARG A 417 23.52 12.16 -4.19
CA ARG A 417 24.70 11.83 -3.40
C ARG A 417 24.63 10.40 -2.81
N SER A 418 23.64 9.61 -3.20
CA SER A 418 23.50 8.26 -2.66
C SER A 418 24.53 7.27 -3.23
N GLU A 419 24.64 6.14 -2.51
CA GLU A 419 25.32 4.94 -2.93
C GLU A 419 24.61 4.32 -4.12
N PRO A 420 25.36 3.60 -4.99
CA PRO A 420 24.82 3.15 -6.27
C PRO A 420 23.75 2.09 -6.23
N VAL A 421 22.97 2.10 -7.32
CA VAL A 421 21.94 1.13 -7.58
C VAL A 421 22.51 0.03 -8.46
N PHE A 422 23.47 0.32 -9.36
CA PHE A 422 24.15 -0.69 -10.15
C PHE A 422 25.31 -1.25 -9.35
N THR A 423 24.97 -2.04 -8.31
CA THR A 423 25.93 -2.67 -7.42
C THR A 423 26.51 -3.94 -8.04
N PRO A 424 27.66 -4.44 -7.56
CA PRO A 424 28.20 -5.75 -7.94
C PRO A 424 27.24 -6.91 -7.71
N MET A 425 26.40 -6.82 -6.66
CA MET A 425 25.39 -7.83 -6.43
C MET A 425 24.39 -7.93 -7.58
N LEU A 426 23.96 -6.78 -8.11
CA LEU A 426 22.98 -6.78 -9.19
C LEU A 426 23.61 -7.33 -10.45
N LEU A 427 24.87 -6.96 -10.72
CA LEU A 427 25.56 -7.51 -11.87
C LEU A 427 25.67 -9.03 -11.77
N ASN A 428 26.09 -9.53 -10.60
CA ASN A 428 26.24 -10.96 -10.38
C ASN A 428 24.90 -11.66 -10.60
N HIS A 429 23.80 -11.01 -10.21
CA HIS A 429 22.47 -11.58 -10.40
C HIS A 429 22.16 -11.67 -11.87
N VAL A 430 22.25 -10.55 -12.57
CA VAL A 430 21.82 -10.44 -13.96
C VAL A 430 22.67 -11.33 -14.85
N VAL A 431 23.97 -11.41 -14.60
CA VAL A 431 24.84 -12.22 -15.43
C VAL A 431 24.59 -13.73 -15.19
N SER A 432 24.22 -14.10 -13.95
CA SER A 432 23.83 -15.46 -13.61
C SER A 432 22.54 -15.89 -14.31
N SER A 433 21.58 -14.99 -14.45
CA SER A 433 20.29 -15.29 -15.05
C SER A 433 20.30 -15.09 -16.57
N CYS A 434 21.48 -15.09 -17.19
CA CYS A 434 21.60 -14.94 -18.65
C CYS A 434 21.01 -13.63 -19.19
N GLY A 435 21.19 -12.56 -18.39
CA GLY A 435 20.78 -11.22 -18.78
C GLY A 435 19.33 -10.91 -18.43
N GLN A 436 18.70 -11.71 -17.58
CA GLN A 436 17.32 -11.49 -17.21
C GLN A 436 17.30 -10.60 -15.96
N TRP A 437 16.90 -9.34 -16.11
CA TRP A 437 16.99 -8.38 -15.00
C TRP A 437 15.84 -8.55 -14.00
N PRO A 438 16.05 -8.27 -12.72
CA PRO A 438 14.96 -8.20 -11.74
C PRO A 438 14.11 -6.97 -11.97
N ALA A 439 12.80 -7.06 -11.74
CA ALA A 439 11.92 -5.99 -12.17
C ALA A 439 11.93 -4.82 -11.18
N GLN A 440 12.63 -4.98 -10.04
CA GLN A 440 12.64 -4.03 -8.93
C GLN A 440 13.88 -4.28 -8.11
N PHE A 441 14.30 -3.33 -7.26
CA PHE A 441 15.68 -3.34 -6.77
C PHE A 441 15.96 -4.47 -5.78
N SER A 442 14.95 -4.92 -5.00
CA SER A 442 15.08 -6.18 -4.25
C SER A 442 15.09 -7.38 -5.20
N GLN A 443 16.23 -8.08 -5.32
CA GLN A 443 16.42 -9.09 -6.37
C GLN A 443 15.61 -10.36 -6.09
N VAL A 444 15.23 -10.58 -4.83
CA VAL A 444 14.39 -11.70 -4.41
C VAL A 444 13.57 -11.32 -3.17
N ASP A 462 7.33 -9.79 -3.97
CA ASP A 462 6.57 -9.10 -5.05
C ASP A 462 5.06 -9.31 -4.84
N THR A 463 4.29 -8.30 -5.27
CA THR A 463 2.82 -8.30 -5.18
C THR A 463 2.22 -7.77 -6.50
N SER A 464 0.92 -8.02 -6.71
CA SER A 464 0.28 -7.81 -8.01
C SER A 464 -0.21 -6.37 -8.13
N LEU A 465 0.71 -5.39 -7.97
CA LEU A 465 0.39 -3.97 -7.96
C LEU A 465 0.13 -3.43 -9.38
N GLY A 466 0.52 -4.19 -10.42
CA GLY A 466 0.16 -3.91 -11.81
C GLY A 466 -0.15 -5.19 -12.59
N ARG A 467 -0.78 -5.07 -13.77
CA ARG A 467 -1.40 -6.20 -14.47
C ARG A 467 -1.22 -6.14 -15.99
N GLY A 468 -0.14 -5.51 -16.50
CA GLY A 468 0.06 -5.39 -17.93
C GLY A 468 0.39 -6.72 -18.61
N SER A 469 0.37 -6.73 -19.95
CA SER A 469 0.55 -7.95 -20.73
C SER A 469 2.01 -8.37 -20.85
N ARG A 470 2.29 -9.32 -21.75
CA ARG A 470 3.63 -9.81 -22.03
C ARG A 470 4.56 -8.62 -22.27
N ILE A 471 4.16 -7.69 -23.15
CA ILE A 471 5.05 -6.64 -23.58
C ILE A 471 5.37 -5.75 -22.37
N TYR A 472 4.34 -5.29 -21.68
CA TYR A 472 4.57 -4.43 -20.54
C TYR A 472 5.44 -5.08 -19.48
N ASN A 473 5.20 -6.33 -19.12
CA ASN A 473 6.00 -6.98 -18.11
C ASN A 473 7.43 -7.25 -18.58
N LYS A 474 7.63 -7.46 -19.87
CA LYS A 474 8.94 -7.86 -20.37
C LYS A 474 9.94 -6.72 -20.19
N PHE A 475 9.52 -5.48 -20.47
CA PHE A 475 10.41 -4.32 -20.45
C PHE A 475 10.22 -3.40 -19.23
N ARG A 476 9.39 -3.73 -18.27
CA ARG A 476 9.18 -2.90 -17.10
C ARG A 476 10.52 -2.65 -16.36
N TYR A 477 11.46 -3.58 -16.42
CA TYR A 477 12.71 -3.39 -15.70
C TYR A 477 13.44 -2.15 -16.19
N LYS A 478 13.38 -1.90 -17.47
CA LYS A 478 14.14 -0.84 -18.08
C LYS A 478 13.58 0.50 -17.61
N HIS A 479 12.28 0.65 -17.54
CA HIS A 479 11.68 1.85 -16.98
C HIS A 479 12.07 2.06 -15.51
N TYR A 480 12.04 1.01 -14.71
CA TYR A 480 12.38 1.09 -13.31
C TYR A 480 13.81 1.55 -13.11
N PHE A 481 14.80 0.98 -13.78
CA PHE A 481 16.17 1.36 -13.54
C PHE A 481 16.47 2.74 -14.16
N GLU A 482 15.76 3.14 -15.21
CA GLU A 482 15.94 4.47 -15.74
C GLU A 482 15.49 5.50 -14.71
N ARG A 483 14.45 5.25 -13.94
CA ARG A 483 14.06 6.16 -12.87
C ARG A 483 14.91 5.98 -11.60
N CYS A 484 15.17 4.80 -11.09
CA CYS A 484 16.01 4.62 -9.90
C CYS A 484 17.41 5.20 -9.95
N THR A 485 18.09 5.08 -11.08
CA THR A 485 19.50 5.42 -11.08
C THR A 485 19.69 6.92 -10.91
N LEU A 486 18.59 7.71 -10.96
CA LEU A 486 18.69 9.14 -10.81
C LEU A 486 19.15 9.50 -9.41
N ALA A 487 19.00 8.54 -8.50
CA ALA A 487 19.39 8.68 -7.11
C ALA A 487 20.87 8.78 -6.94
N CYS A 488 21.63 8.45 -7.98
CA CYS A 488 23.07 8.26 -7.85
C CYS A 488 23.78 8.91 -9.04
N LEU A 489 24.72 9.79 -8.79
CA LEU A 489 25.37 10.51 -9.87
C LEU A 489 26.23 9.55 -10.65
N SER A 490 26.95 8.65 -10.00
CA SER A 490 27.83 7.72 -10.68
C SER A 490 27.06 6.87 -11.70
N ASP A 491 25.92 6.31 -11.34
CA ASP A 491 25.09 5.52 -12.23
C ASP A 491 24.54 6.37 -13.37
N SER A 492 24.09 7.57 -13.07
CA SER A 492 23.56 8.49 -14.07
C SER A 492 24.63 8.87 -15.07
N LEU A 493 25.81 9.19 -14.60
CA LEU A 493 26.91 9.53 -15.48
C LEU A 493 27.25 8.33 -16.38
N ASN A 494 27.35 7.14 -15.83
CA ASN A 494 27.68 5.97 -16.61
C ASN A 494 26.65 5.68 -17.67
N ILE A 495 25.38 5.81 -17.36
CA ILE A 495 24.33 5.69 -18.38
C ILE A 495 24.54 6.76 -19.48
N LEU A 496 24.73 8.02 -19.16
CA LEU A 496 24.89 9.04 -20.17
C LEU A 496 26.10 8.79 -21.03
N HIS A 497 27.20 8.40 -20.40
CA HIS A 497 28.43 8.05 -21.12
C HIS A 497 28.22 6.86 -22.06
N MET A 498 27.41 5.89 -21.65
CA MET A 498 27.10 4.74 -22.46
C MET A 498 26.32 5.21 -23.69
N LEU A 499 25.24 5.96 -23.49
CA LEU A 499 24.41 6.45 -24.59
C LEU A 499 25.27 7.26 -25.58
N LEU A 500 26.18 8.10 -25.10
CA LEU A 500 27.04 8.85 -26.00
C LEU A 500 27.91 7.88 -26.79
N THR A 501 28.53 6.90 -26.12
CA THR A 501 29.42 5.96 -26.78
C THR A 501 28.69 5.10 -27.83
N LEU A 502 27.51 4.57 -27.52
CA LEU A 502 26.71 3.84 -28.49
C LEU A 502 26.28 4.67 -29.71
N ASN A 503 26.39 5.99 -29.67
CA ASN A 503 26.11 6.84 -30.82
C ASN A 503 27.42 7.38 -31.40
N CYS A 504 28.55 6.80 -31.01
CA CYS A 504 29.85 7.06 -31.62
C CYS A 504 30.41 8.43 -31.31
N ILE A 505 29.87 9.10 -30.30
CA ILE A 505 30.44 10.35 -29.82
C ILE A 505 31.64 10.07 -28.93
N ARG A 506 32.79 10.66 -29.21
CA ARG A 506 33.97 10.42 -28.41
C ARG A 506 33.86 11.20 -27.10
N VAL A 507 33.84 10.51 -25.97
CA VAL A 507 33.74 11.13 -24.66
C VAL A 507 35.09 11.17 -23.96
N ARG A 508 35.39 12.32 -23.34
CA ARG A 508 36.61 12.50 -22.54
C ARG A 508 36.29 13.22 -21.25
N PHE A 509 37.18 13.10 -20.27
CA PHE A 509 37.08 13.79 -18.99
C PHE A 509 38.29 14.70 -18.84
N TRP A 510 38.12 15.85 -18.20
CA TRP A 510 39.16 16.86 -18.15
C TRP A 510 40.42 16.32 -17.46
N GLY A 511 41.57 16.53 -18.13
CA GLY A 511 42.86 16.13 -17.59
C GLY A 511 43.18 14.64 -17.79
N HIS A 512 42.24 13.89 -18.39
CA HIS A 512 42.43 12.48 -18.69
C HIS A 512 42.15 12.24 -20.17
N ASP A 513 42.74 13.05 -21.04
CA ASP A 513 42.32 13.13 -22.44
C ASP A 513 42.94 12.01 -23.29
N ASP A 514 42.77 10.76 -22.84
CA ASP A 514 43.10 9.57 -23.62
C ASP A 514 42.14 8.43 -23.24
N THR A 515 42.32 7.85 -22.05
CA THR A 515 41.39 6.84 -21.51
C THR A 515 41.54 6.78 -19.99
N LEU A 516 40.44 6.43 -19.32
CA LEU A 516 40.27 6.65 -17.88
C LEU A 516 40.24 5.32 -17.14
N THR A 517 41.11 5.15 -16.13
CA THR A 517 41.09 3.92 -15.32
C THR A 517 40.11 4.08 -14.16
N PRO A 518 39.61 2.99 -13.56
CA PRO A 518 38.64 3.08 -12.46
C PRO A 518 39.05 4.01 -11.33
N LYS A 519 40.34 4.04 -10.96
CA LYS A 519 40.79 4.95 -9.90
C LYS A 519 40.69 6.40 -10.35
N ASP A 520 40.98 6.68 -11.63
CA ASP A 520 40.91 8.03 -12.16
C ASP A 520 39.45 8.51 -12.18
N PHE A 521 38.51 7.62 -12.56
CA PHE A 521 37.09 7.91 -12.53
C PHE A 521 36.65 8.24 -11.12
N CYS A 522 37.03 7.41 -10.14
CA CYS A 522 36.62 7.67 -8.76
C CYS A 522 37.16 9.01 -8.23
N LEU A 523 38.37 9.42 -8.63
CA LEU A 523 38.89 10.71 -8.25
C LEU A 523 38.08 11.82 -8.90
N PHE A 524 37.78 11.67 -10.20
CA PHE A 524 37.03 12.68 -10.92
C PHE A 524 35.66 12.89 -10.27
N LEU A 525 34.98 11.77 -10.03
CA LEU A 525 33.62 11.80 -9.53
C LEU A 525 33.58 12.34 -8.12
N ARG A 526 34.57 12.01 -7.29
CA ARG A 526 34.73 12.61 -5.95
C ARG A 526 34.91 14.14 -6.01
N GLY A 527 35.71 14.62 -6.96
CA GLY A 527 35.88 16.04 -7.18
C GLY A 527 34.58 16.76 -7.60
N VAL A 528 33.84 16.15 -8.52
CA VAL A 528 32.58 16.71 -9.00
C VAL A 528 31.58 16.82 -7.87
N HIS A 529 31.46 15.81 -7.03
CA HIS A 529 30.48 15.88 -5.96
C HIS A 529 30.78 17.03 -5.01
N PHE A 530 32.06 17.26 -4.74
CA PHE A 530 32.49 18.34 -3.87
C PHE A 530 32.16 19.69 -4.52
N ASP A 531 32.59 19.90 -5.76
CA ASP A 531 32.30 21.14 -6.46
C ASP A 531 30.79 21.44 -6.54
N ALA A 532 30.01 20.45 -6.91
CA ALA A 532 28.58 20.58 -7.06
C ALA A 532 27.94 20.95 -5.73
N LEU A 533 28.45 20.43 -4.62
CA LEU A 533 27.87 20.69 -3.31
C LEU A 533 28.19 22.09 -2.83
N ARG A 534 29.40 22.60 -3.12
CA ARG A 534 29.74 23.94 -2.70
C ARG A 534 29.06 24.99 -3.58
N ALA A 535 28.83 24.68 -4.85
CA ALA A 535 28.23 25.64 -5.78
C ALA A 535 26.75 25.92 -5.48
N GLN A 536 26.07 25.09 -4.70
CA GLN A 536 24.63 25.27 -4.49
C GLN A 536 24.32 26.58 -3.79
N ARG A 537 25.17 27.02 -2.85
CA ARG A 537 24.91 28.25 -2.14
C ARG A 537 24.97 29.44 -3.11
N ASP A 538 25.89 29.42 -4.06
CA ASP A 538 26.02 30.48 -5.06
C ASP A 538 24.79 30.53 -5.97
N LEU A 539 24.28 29.37 -6.37
CA LEU A 539 23.10 29.30 -7.20
C LEU A 539 21.83 29.67 -6.42
N ARG A 540 21.80 29.44 -5.10
CA ARG A 540 20.67 29.86 -4.27
C ARG A 540 20.67 31.38 -4.10
N GLU A 541 21.86 31.98 -3.93
CA GLU A 541 22.00 33.43 -3.85
C GLU A 541 21.57 34.06 -5.16
N LEU A 542 22.07 33.52 -6.28
CA LEU A 542 21.84 34.11 -7.59
C LEU A 542 20.46 33.79 -8.17
N ARG A 543 19.63 33.01 -7.47
CA ARG A 543 18.31 32.62 -7.95
C ARG A 543 17.49 33.81 -8.40
N CYS A 544 17.05 33.74 -9.66
CA CYS A 544 16.34 34.82 -10.33
C CYS A 544 14.95 35.02 -9.73
N ARG A 545 14.70 36.26 -9.24
CA ARG A 545 13.46 36.63 -8.59
C ARG A 545 12.88 37.95 -9.15
N ASP A 546 13.44 38.45 -10.26
CA ASP A 546 12.85 39.54 -11.04
C ASP A 546 11.51 39.05 -11.61
N PRO A 547 10.52 39.95 -11.90
CA PRO A 547 9.18 39.51 -12.33
C PRO A 547 9.09 38.52 -13.49
N GLU A 548 10.07 38.55 -14.41
CA GLU A 548 10.07 37.69 -15.59
C GLU A 548 10.62 36.29 -15.27
N ALA A 549 11.25 36.10 -14.10
CA ALA A 549 11.76 34.80 -13.67
C ALA A 549 10.64 33.95 -13.07
N SER A 550 10.51 32.71 -13.56
CA SER A 550 9.29 31.95 -13.42
C SER A 550 9.22 31.20 -12.08
N LEU A 551 8.63 31.81 -11.03
CA LEU A 551 8.41 31.13 -9.75
C LEU A 551 7.63 29.82 -9.94
N PRO A 552 6.56 29.75 -10.76
CA PRO A 552 5.88 28.49 -10.98
C PRO A 552 6.78 27.37 -11.50
N ALA A 553 7.74 27.69 -12.39
CA ALA A 553 8.66 26.69 -12.88
C ALA A 553 9.65 26.33 -11.77
N GLN A 554 10.21 27.33 -11.10
CA GLN A 554 11.23 27.08 -10.11
C GLN A 554 10.70 26.26 -8.92
N ALA A 555 9.45 26.48 -8.50
CA ALA A 555 8.81 25.71 -7.44
C ALA A 555 8.65 24.23 -7.78
N ALA A 556 8.20 23.94 -9.00
CA ALA A 556 8.00 22.60 -9.50
C ALA A 556 9.28 21.74 -9.59
N GLU A 557 10.46 22.33 -9.59
CA GLU A 557 11.68 21.54 -9.56
C GLU A 557 12.08 21.09 -8.14
N THR A 558 11.32 21.51 -7.12
CA THR A 558 11.61 21.16 -5.73
C THR A 558 11.05 19.77 -5.39
N GLU A 559 11.84 18.95 -4.68
CA GLU A 559 11.45 17.59 -4.34
C GLU A 559 10.21 17.56 -3.45
N GLU A 560 10.16 18.50 -2.50
CA GLU A 560 9.02 18.63 -1.59
C GLU A 560 7.73 18.86 -2.35
N VAL A 561 7.81 19.60 -3.46
CA VAL A 561 6.61 19.88 -4.21
C VAL A 561 6.25 18.64 -5.01
N GLY A 562 7.20 17.91 -5.55
CA GLY A 562 6.88 16.69 -6.26
C GLY A 562 6.17 15.69 -5.37
N LEU A 563 6.64 15.56 -4.13
CA LEU A 563 6.00 14.69 -3.17
C LEU A 563 4.59 15.17 -2.84
N PHE A 564 4.41 16.47 -2.62
CA PHE A 564 3.11 17.03 -2.31
C PHE A 564 2.14 16.72 -3.44
N VAL A 565 2.57 16.95 -4.67
CA VAL A 565 1.74 16.71 -5.81
C VAL A 565 1.37 15.24 -5.89
N GLU A 566 2.31 14.36 -5.61
CA GLU A 566 2.09 12.93 -5.77
C GLU A 566 1.06 12.45 -4.76
N LYS A 567 1.10 12.98 -3.54
CA LYS A 567 0.16 12.58 -2.49
C LYS A 567 -1.21 13.21 -2.63
N TYR A 568 -1.38 14.53 -2.72
CA TYR A 568 -2.73 15.13 -2.65
C TYR A 568 -3.40 15.42 -3.98
N LEU A 569 -2.64 15.72 -5.04
CA LEU A 569 -3.11 16.42 -6.22
C LEU A 569 -3.16 15.53 -7.45
N ARG A 570 -3.77 16.02 -8.53
CA ARG A 570 -3.80 15.30 -9.81
C ARG A 570 -2.49 15.57 -10.54
N SER A 571 -2.05 14.63 -11.37
CA SER A 571 -0.72 14.70 -11.99
C SER A 571 -0.67 15.75 -13.09
N ASP A 572 -1.83 16.05 -13.70
CA ASP A 572 -1.92 16.93 -14.85
C ASP A 572 -2.09 18.41 -14.51
N VAL A 573 -1.91 18.82 -13.26
CA VAL A 573 -2.14 20.21 -12.90
C VAL A 573 -0.94 21.06 -13.30
N ALA A 574 -1.24 22.34 -13.63
CA ALA A 574 -0.21 23.24 -14.08
C ALA A 574 0.50 23.80 -12.88
N PRO A 575 1.83 23.97 -12.92
CA PRO A 575 2.62 24.63 -11.88
C PRO A 575 2.06 25.96 -11.40
N ALA A 576 1.38 26.71 -12.27
CA ALA A 576 0.82 27.98 -11.80
C ALA A 576 -0.38 27.76 -10.88
N GLU A 577 -1.14 26.67 -11.08
CA GLU A 577 -2.23 26.33 -10.18
C GLU A 577 -1.69 25.90 -8.81
N ILE A 578 -0.57 25.18 -8.82
CA ILE A 578 0.06 24.72 -7.60
C ILE A 578 0.56 25.91 -6.81
N VAL A 579 1.21 26.89 -7.43
CA VAL A 579 1.67 28.04 -6.69
C VAL A 579 0.47 28.76 -6.07
N ALA A 580 -0.66 28.85 -6.76
CA ALA A 580 -1.81 29.49 -6.16
C ALA A 580 -2.32 28.76 -4.92
N LEU A 581 -2.28 27.43 -4.93
CA LEU A 581 -2.63 26.61 -3.78
C LEU A 581 -1.60 26.81 -2.68
N MET A 582 -0.30 26.74 -2.99
CA MET A 582 0.74 26.87 -1.98
C MET A 582 0.76 28.23 -1.30
N ARG A 583 0.27 29.27 -1.96
CA ARG A 583 0.15 30.59 -1.35
C ARG A 583 -0.97 30.55 -0.36
N ASN A 584 -2.06 29.83 -0.65
CA ASN A 584 -3.21 29.73 0.25
C ASN A 584 -2.87 28.92 1.50
N LEU A 585 -2.12 27.83 1.30
CA LEU A 585 -1.60 26.97 2.35
C LEU A 585 -0.72 27.68 3.34
N ASN A 586 -0.20 28.87 3.03
CA ASN A 586 0.69 29.54 3.95
C ASN A 586 -0.08 30.07 5.16
N SER A 587 -1.32 30.51 4.93
CA SER A 587 -2.22 30.95 6.01
C SER A 587 -2.75 29.76 6.79
N LEU A 588 -2.82 29.86 8.11
CA LEU A 588 -3.26 28.73 8.91
C LEU A 588 -4.73 28.35 8.65
N MET A 589 -5.57 29.33 8.33
CA MET A 589 -6.95 29.09 7.92
C MET A 589 -7.01 28.32 6.61
N GLY A 590 -6.26 28.77 5.60
CA GLY A 590 -6.24 28.14 4.30
C GLY A 590 -5.74 26.71 4.36
N ARG A 591 -4.73 26.51 5.18
CA ARG A 591 -4.16 25.20 5.40
C ARG A 591 -5.16 24.29 6.09
N THR A 592 -5.89 24.80 7.05
CA THR A 592 -6.88 23.98 7.76
C THR A 592 -7.98 23.53 6.81
N ARG A 593 -8.53 24.45 6.03
CA ARG A 593 -9.54 24.14 5.03
C ARG A 593 -9.03 23.13 4.03
N PHE A 594 -7.77 23.21 3.61
CA PHE A 594 -7.20 22.28 2.65
C PHE A 594 -7.21 20.88 3.23
N ILE A 595 -6.78 20.76 4.47
CA ILE A 595 -6.72 19.44 5.07
C ILE A 595 -8.12 18.87 5.32
N TYR A 596 -9.08 19.65 5.78
CA TYR A 596 -10.44 19.21 5.86
C TYR A 596 -10.94 18.69 4.51
N LEU A 597 -10.70 19.44 3.43
CA LEU A 597 -11.19 19.04 2.12
C LEU A 597 -10.51 17.79 1.60
N ALA A 598 -9.23 17.66 1.79
CA ALA A 598 -8.53 16.43 1.43
C ALA A 598 -9.01 15.22 2.23
N LEU A 599 -9.31 15.36 3.54
CA LEU A 599 -9.89 14.28 4.33
C LEU A 599 -11.28 13.89 3.82
N LEU A 600 -12.15 14.86 3.47
CA LEU A 600 -13.46 14.56 2.92
C LEU A 600 -13.30 13.74 1.64
N GLU A 601 -12.44 14.15 0.74
CA GLU A 601 -12.19 13.39 -0.45
C GLU A 601 -11.69 11.97 -0.15
N ALA A 602 -10.81 11.80 0.83
CA ALA A 602 -10.36 10.46 1.22
C ALA A 602 -11.54 9.62 1.73
N CYS A 603 -12.44 10.18 2.50
CA CYS A 603 -13.57 9.45 2.99
C CYS A 603 -14.54 9.02 1.89
N LEU A 604 -14.64 9.76 0.78
CA LEU A 604 -15.43 9.32 -0.35
C LEU A 604 -14.68 8.26 -1.18
N ARG A 605 -13.35 8.28 -1.19
CA ARG A 605 -12.56 7.25 -1.84
C ARG A 605 -12.49 5.94 -1.03
N VAL A 606 -12.42 6.01 0.31
CA VAL A 606 -12.33 4.84 1.17
C VAL A 606 -13.54 4.82 2.08
N PRO A 607 -14.68 4.24 1.67
CA PRO A 607 -15.89 4.27 2.47
C PRO A 607 -15.88 3.53 3.81
N MET A 608 -14.92 2.61 4.05
CA MET A 608 -14.71 2.07 5.39
C MET A 608 -14.15 3.09 6.37
N ALA A 609 -13.56 4.20 5.92
CA ALA A 609 -13.04 5.24 6.80
C ALA A 609 -14.19 5.87 7.56
N THR A 610 -15.38 5.88 7.00
CA THR A 610 -16.56 6.46 7.62
C THR A 610 -17.13 5.51 8.66
N ARG A 611 -16.56 4.30 8.80
CA ARG A 611 -17.17 3.24 9.60
C ARG A 611 -16.23 2.71 10.66
N SER A 612 -14.96 2.49 10.33
CA SER A 612 -13.98 2.03 11.30
C SER A 612 -13.09 3.16 11.78
N SER A 613 -13.07 3.43 13.08
CA SER A 613 -12.18 4.44 13.61
C SER A 613 -10.72 4.03 13.38
N ALA A 614 -10.46 2.73 13.31
CA ALA A 614 -9.12 2.30 13.10
C ALA A 614 -8.65 2.70 11.70
N ILE A 615 -9.49 2.44 10.69
CA ILE A 615 -9.18 2.85 9.34
C ILE A 615 -9.12 4.37 9.22
N PHE A 616 -9.99 5.09 9.90
CA PHE A 616 -9.93 6.53 9.85
C PHE A 616 -8.60 7.03 10.38
N ARG A 617 -8.08 6.46 11.44
CA ARG A 617 -6.80 6.88 11.99
C ARG A 617 -5.67 6.60 10.99
N ARG A 618 -5.74 5.56 10.18
CA ARG A 618 -4.75 5.37 9.16
C ARG A 618 -4.84 6.47 8.11
N ILE A 619 -6.05 6.85 7.66
CA ILE A 619 -6.25 7.89 6.66
C ILE A 619 -5.82 9.24 7.23
N TYR A 620 -6.15 9.55 8.47
CA TYR A 620 -5.82 10.81 9.07
C TYR A 620 -4.32 10.95 9.21
N ASP A 621 -3.63 9.94 9.74
CA ASP A 621 -2.21 9.99 9.95
C ASP A 621 -1.46 10.23 8.65
N HIS A 622 -2.03 9.74 7.57
CA HIS A 622 -1.42 9.83 6.26
C HIS A 622 -1.66 11.16 5.55
N TYR A 623 -2.88 11.68 5.59
CA TYR A 623 -3.22 12.88 4.86
C TYR A 623 -3.19 14.12 5.73
N ALA A 624 -3.26 14.03 7.05
CA ALA A 624 -3.52 15.23 7.85
C ALA A 624 -2.41 15.47 8.81
N THR A 625 -1.31 14.70 8.71
CA THR A 625 -0.10 14.94 9.47
C THR A 625 1.07 14.85 8.50
N GLY A 626 2.21 15.44 8.89
CA GLY A 626 3.42 15.43 8.11
C GLY A 626 3.85 16.84 7.79
N VAL A 627 4.40 17.06 6.59
CA VAL A 627 4.94 18.34 6.18
C VAL A 627 4.37 18.71 4.82
N ILE A 628 4.04 19.98 4.63
CA ILE A 628 3.56 20.45 3.33
C ILE A 628 4.33 21.69 2.91
N PRO A 629 4.53 21.91 1.59
CA PRO A 629 5.19 23.11 1.08
C PRO A 629 4.23 24.28 0.98
N THR A 630 4.67 25.49 1.32
CA THR A 630 3.85 26.69 1.19
C THR A 630 4.70 27.79 0.58
N ILE A 631 4.08 28.86 0.10
CA ILE A 631 4.82 30.04 -0.37
C ILE A 631 4.42 31.21 0.49
N ASN A 632 5.41 31.86 1.11
CA ASN A 632 5.14 32.98 2.02
C ASN A 632 4.96 34.30 1.25
N VAL A 633 4.65 35.38 1.98
CA VAL A 633 4.31 36.66 1.37
C VAL A 633 5.47 37.22 0.54
N THR A 634 6.71 36.89 0.95
CA THR A 634 7.93 37.29 0.26
C THR A 634 8.05 36.59 -1.10
N GLY A 635 7.37 35.46 -1.29
CA GLY A 635 7.48 34.70 -2.53
C GLY A 635 8.40 33.50 -2.40
N GLU A 636 8.91 33.25 -1.19
CA GLU A 636 9.87 32.19 -0.92
C GLU A 636 9.13 30.93 -0.50
N LEU A 637 9.63 29.76 -0.92
CA LEU A 637 9.03 28.49 -0.58
C LEU A 637 9.44 28.09 0.82
N GLU A 638 8.48 27.59 1.60
CA GLU A 638 8.61 27.41 3.05
C GLU A 638 7.82 26.20 3.51
N LEU A 639 8.50 25.21 4.11
CA LEU A 639 7.83 24.01 4.62
C LEU A 639 7.13 24.30 5.94
N VAL A 640 6.04 23.59 6.16
CA VAL A 640 5.22 23.72 7.36
C VAL A 640 4.83 22.34 7.84
N ALA A 641 4.95 22.11 9.16
CA ALA A 641 4.46 20.88 9.77
C ALA A 641 2.96 20.92 10.06
N LEU A 642 2.33 19.76 9.89
CA LEU A 642 0.97 19.50 10.33
C LEU A 642 1.10 18.62 11.55
N PRO A 643 0.90 19.19 12.77
CA PRO A 643 1.11 18.45 14.01
C PRO A 643 0.08 17.36 14.19
N PRO A 644 0.46 16.20 14.76
CA PRO A 644 -0.48 15.10 14.96
C PRO A 644 -1.42 15.40 16.11
N THR A 645 -2.58 14.78 16.02
CA THR A 645 -3.70 14.99 16.92
C THR A 645 -3.83 13.73 17.77
N LEU A 646 -3.94 13.90 19.08
CA LEU A 646 -4.12 12.76 19.96
C LEU A 646 -5.54 12.23 19.88
N ASN A 647 -6.55 13.09 19.83
CA ASN A 647 -7.93 12.66 19.76
C ASN A 647 -8.59 13.11 18.45
N VAL A 648 -8.73 12.20 17.48
CA VAL A 648 -9.34 12.54 16.22
C VAL A 648 -10.85 12.31 16.23
N THR A 649 -11.43 11.96 17.37
CA THR A 649 -12.83 11.54 17.40
C THR A 649 -13.77 12.66 16.93
N PRO A 650 -13.61 13.92 17.38
CA PRO A 650 -14.47 15.02 16.92
C PRO A 650 -14.38 15.26 15.41
N VAL A 651 -13.18 15.12 14.86
CA VAL A 651 -12.97 15.27 13.43
C VAL A 651 -13.70 14.12 12.71
N TRP A 652 -13.54 12.89 13.20
CA TRP A 652 -14.08 11.75 12.52
C TRP A 652 -15.61 11.81 12.49
N GLU A 653 -16.24 12.14 13.62
CA GLU A 653 -17.68 12.29 13.68
C GLU A 653 -18.20 13.33 12.68
N LEU A 654 -17.53 14.47 12.65
CA LEU A 654 -17.87 15.52 11.71
C LEU A 654 -17.70 15.14 10.24
N LEU A 655 -16.63 14.44 9.89
CA LEU A 655 -16.43 14.03 8.53
C LEU A 655 -17.35 12.91 8.13
N CYS A 656 -17.81 12.09 9.08
CA CYS A 656 -18.81 11.08 8.79
C CYS A 656 -20.09 11.74 8.34
N LEU A 657 -20.53 12.74 9.11
CA LEU A 657 -21.74 13.47 8.77
C LEU A 657 -21.54 14.14 7.40
N CYS A 658 -20.42 14.83 7.20
CA CYS A 658 -20.25 15.57 5.96
C CYS A 658 -20.06 14.67 4.75
N SER A 659 -19.48 13.49 4.91
CA SER A 659 -19.33 12.56 3.81
C SER A 659 -20.69 12.07 3.31
N THR A 660 -21.65 11.81 4.19
CA THR A 660 -22.93 11.32 3.72
C THR A 660 -23.63 12.44 2.97
N MET A 661 -23.57 13.67 3.46
CA MET A 661 -24.26 14.75 2.78
C MET A 661 -23.53 15.10 1.49
N ALA A 662 -22.22 14.99 1.46
CA ALA A 662 -21.47 15.18 0.23
C ALA A 662 -21.86 14.17 -0.83
N ALA A 663 -21.95 12.90 -0.44
CA ALA A 663 -22.35 11.85 -1.37
C ALA A 663 -23.74 12.10 -1.92
N ARG A 664 -24.66 12.52 -1.08
CA ARG A 664 -26.04 12.77 -1.47
C ARG A 664 -26.13 13.89 -2.49
N LEU A 665 -25.18 14.82 -2.47
CA LEU A 665 -25.15 15.98 -3.37
C LEU A 665 -24.19 15.74 -4.54
N HIS A 666 -23.68 14.52 -4.69
CA HIS A 666 -22.81 14.21 -5.80
C HIS A 666 -21.66 15.19 -5.80
N TRP A 667 -20.84 15.13 -4.77
CA TRP A 667 -19.72 16.03 -4.59
C TRP A 667 -18.50 15.48 -5.30
N ASP A 668 -17.80 16.40 -5.97
CA ASP A 668 -16.52 16.13 -6.59
C ASP A 668 -15.79 17.44 -6.72
N SER A 669 -14.73 17.64 -5.94
CA SER A 669 -14.06 18.92 -5.92
C SER A 669 -13.55 19.23 -7.32
N ALA A 670 -13.04 18.21 -8.01
CA ALA A 670 -12.49 18.39 -9.34
C ALA A 670 -13.55 18.89 -10.30
N ALA A 671 -14.76 18.37 -10.19
CA ALA A 671 -15.88 18.85 -10.99
C ALA A 671 -16.37 20.21 -10.55
N GLY A 672 -15.89 20.74 -9.42
CA GLY A 672 -16.20 22.09 -9.01
C GLY A 672 -17.00 22.18 -7.73
N GLY A 673 -17.46 21.03 -7.21
CA GLY A 673 -18.33 21.02 -6.04
C GLY A 673 -19.47 20.01 -6.16
N SER A 674 -20.70 20.43 -5.83
CA SER A 674 -21.86 19.55 -5.91
C SER A 674 -22.30 19.34 -7.34
N GLY A 675 -22.56 18.08 -7.71
CA GLY A 675 -23.17 17.76 -8.98
C GLY A 675 -24.63 18.18 -8.99
N ARG A 676 -25.39 17.87 -7.95
CA ARG A 676 -26.79 18.25 -7.89
C ARG A 676 -26.94 19.73 -7.52
N THR A 677 -28.00 20.37 -7.98
CA THR A 677 -28.57 21.54 -7.33
C THR A 677 -29.47 21.06 -6.21
N PHE A 678 -29.73 21.95 -5.23
CA PHE A 678 -30.59 21.69 -4.08
C PHE A 678 -31.19 23.00 -3.61
N GLY A 679 -32.29 22.93 -2.88
CA GLY A 679 -32.91 24.15 -2.37
C GLY A 679 -32.96 24.11 -0.86
N PRO A 680 -33.57 25.11 -0.20
CA PRO A 680 -33.62 25.18 1.26
C PRO A 680 -34.36 24.04 1.93
N ASP A 681 -35.30 23.43 1.22
CA ASP A 681 -36.03 22.27 1.72
C ASP A 681 -35.12 21.04 1.74
N ASP A 682 -34.29 20.86 0.71
CA ASP A 682 -33.35 19.75 0.68
C ASP A 682 -32.33 19.87 1.81
N VAL A 683 -31.92 21.09 2.12
CA VAL A 683 -30.96 21.34 3.19
C VAL A 683 -31.51 20.84 4.52
N LEU A 684 -32.77 21.13 4.80
CA LEU A 684 -33.41 20.63 6.00
C LEU A 684 -33.45 19.10 6.00
N ASP A 685 -33.74 18.47 4.85
CA ASP A 685 -33.77 17.02 4.75
C ASP A 685 -32.38 16.38 4.94
N LEU A 686 -31.31 17.08 4.53
CA LEU A 686 -29.95 16.57 4.69
C LEU A 686 -29.51 16.59 6.15
N LEU A 687 -29.85 17.67 6.88
CA LEU A 687 -29.50 17.79 8.28
C LEU A 687 -30.42 16.98 9.22
N THR A 688 -31.74 16.89 8.97
CA THR A 688 -32.70 16.46 10.00
C THR A 688 -32.44 15.08 10.60
N PRO A 689 -31.95 14.05 9.86
CA PRO A 689 -31.61 12.77 10.48
C PRO A 689 -30.64 12.83 11.66
N HIS A 690 -29.76 13.83 11.66
CA HIS A 690 -28.71 13.96 12.67
C HIS A 690 -28.56 15.42 13.13
N TYR A 691 -29.67 16.17 13.16
CA TYR A 691 -29.61 17.63 13.30
C TYR A 691 -28.90 18.02 14.60
N ASP A 692 -29.28 17.34 15.67
CA ASP A 692 -28.79 17.68 17.00
C ASP A 692 -27.34 17.24 17.16
N ARG A 693 -26.86 16.27 16.35
CA ARG A 693 -25.45 15.92 16.31
C ARG A 693 -24.65 16.99 15.59
N TYR A 694 -25.15 17.49 14.45
CA TYR A 694 -24.46 18.58 13.78
C TYR A 694 -24.33 19.76 14.74
N MET A 695 -25.44 20.12 15.42
CA MET A 695 -25.47 21.18 16.40
C MET A 695 -24.44 20.93 17.51
N GLN A 696 -24.42 19.71 18.06
CA GLN A 696 -23.51 19.35 19.14
C GLN A 696 -22.05 19.40 18.70
N LEU A 697 -21.72 18.83 17.54
CA LEU A 697 -20.35 18.76 17.05
C LEU A 697 -19.81 20.14 16.68
N VAL A 698 -20.62 20.98 16.02
CA VAL A 698 -20.15 22.31 15.68
C VAL A 698 -20.01 23.16 16.95
N PHE A 699 -20.90 22.95 17.94
CA PHE A 699 -20.77 23.60 19.24
C PHE A 699 -19.48 23.17 19.95
N GLU A 700 -19.24 21.85 20.04
CA GLU A 700 -18.05 21.30 20.70
C GLU A 700 -16.77 21.78 20.03
N LEU A 701 -16.75 21.80 18.69
CA LEU A 701 -15.62 22.34 17.94
C LEU A 701 -15.44 23.84 18.21
N GLY A 702 -16.53 24.57 18.43
CA GLY A 702 -16.47 25.98 18.80
C GLY A 702 -15.98 26.20 20.24
N HIS A 703 -15.94 25.17 21.09
CA HIS A 703 -15.61 25.35 22.50
C HIS A 703 -14.61 24.29 22.99
N CYS A 704 -13.74 23.79 22.08
CA CYS A 704 -12.76 22.78 22.45
C CYS A 704 -11.76 23.35 23.45
N ASN A 705 -11.55 22.63 24.56
CA ASN A 705 -10.77 23.08 25.70
C ASN A 705 -9.26 22.94 25.44
N VAL A 706 -8.87 22.15 24.43
CA VAL A 706 -7.47 21.80 24.18
C VAL A 706 -7.11 21.98 22.71
N THR A 707 -5.86 22.45 22.46
CA THR A 707 -5.38 22.77 21.12
C THR A 707 -4.75 21.55 20.45
N ASP A 708 -5.57 20.54 20.14
CA ASP A 708 -5.08 19.22 19.75
C ASP A 708 -4.77 19.13 18.25
N GLY A 709 -3.61 19.66 17.85
CA GLY A 709 -3.16 19.53 16.48
C GLY A 709 -3.71 20.64 15.59
N LEU A 710 -3.79 20.38 14.28
CA LEU A 710 -4.03 21.44 13.30
C LEU A 710 -5.48 21.94 13.34
N LEU A 711 -6.42 21.00 13.23
CA LEU A 711 -7.81 21.31 12.92
C LEU A 711 -8.56 21.87 14.13
N LEU A 712 -8.02 21.68 15.35
CA LEU A 712 -8.59 22.22 16.58
C LEU A 712 -7.65 23.22 17.25
N SER A 713 -6.82 23.90 16.45
CA SER A 713 -6.02 25.04 16.87
C SER A 713 -6.88 26.24 17.26
N GLU A 714 -6.29 27.24 17.95
CA GLU A 714 -7.02 28.36 18.52
C GLU A 714 -7.79 29.17 17.47
N GLU A 715 -7.21 29.45 16.30
CA GLU A 715 -7.88 30.23 15.27
C GLU A 715 -9.11 29.49 14.73
N ALA A 716 -9.00 28.16 14.59
CA ALA A 716 -10.06 27.33 14.07
C ALA A 716 -11.28 27.36 14.99
N VAL A 717 -11.07 27.09 16.28
CA VAL A 717 -12.16 27.02 17.24
C VAL A 717 -12.73 28.42 17.45
N LYS A 718 -11.90 29.47 17.44
CA LYS A 718 -12.39 30.84 17.52
C LYS A 718 -13.32 31.18 16.35
N ARG A 719 -12.91 30.87 15.10
CA ARG A 719 -13.72 31.12 13.92
C ARG A 719 -15.06 30.39 13.94
N VAL A 720 -15.08 29.14 14.43
CA VAL A 720 -16.31 28.37 14.53
C VAL A 720 -17.22 28.97 15.61
N ALA A 721 -16.65 29.40 16.75
CA ALA A 721 -17.42 30.07 17.78
C ALA A 721 -18.01 31.39 17.26
N ASP A 722 -17.21 32.20 16.57
CA ASP A 722 -17.68 33.45 15.98
C ASP A 722 -18.82 33.19 15.01
N ALA A 723 -18.70 32.17 14.16
CA ALA A 723 -19.74 31.78 13.21
C ALA A 723 -21.04 31.43 13.93
N LEU A 724 -20.97 30.57 14.96
CA LEU A 724 -22.13 30.19 15.75
C LEU A 724 -22.73 31.38 16.51
N SER A 725 -21.93 32.37 16.92
CA SER A 725 -22.45 33.55 17.59
C SER A 725 -23.36 34.38 16.68
N GLY A 726 -23.15 34.28 15.36
CA GLY A 726 -23.95 34.99 14.38
C GLY A 726 -25.17 34.20 13.91
N CYS A 727 -25.22 32.90 14.22
CA CYS A 727 -26.26 32.00 13.77
C CYS A 727 -27.57 32.29 14.51
N PRO A 728 -28.74 32.31 13.83
CA PRO A 728 -30.01 32.58 14.51
C PRO A 728 -30.38 31.42 15.45
N PRO A 729 -30.90 31.67 16.67
CA PRO A 729 -31.29 30.59 17.58
C PRO A 729 -32.38 29.66 17.03
N ARG A 730 -32.42 28.43 17.57
CA ARG A 730 -33.09 27.28 16.97
C ARG A 730 -34.58 27.53 16.73
N GLY A 731 -35.21 28.43 17.52
CA GLY A 731 -36.63 28.71 17.41
C GLY A 731 -36.98 30.11 16.88
N SER A 732 -35.97 30.96 16.60
CA SER A 732 -36.19 32.36 16.23
C SER A 732 -36.60 32.55 14.77
N VAL A 733 -36.38 31.51 13.94
CA VAL A 733 -36.60 31.58 12.49
C VAL A 733 -37.23 30.25 12.04
N SER A 734 -37.62 30.14 10.77
CA SER A 734 -38.16 28.88 10.26
C SER A 734 -37.11 27.76 10.32
N GLU A 735 -37.57 26.50 10.35
CA GLU A 735 -36.67 25.37 10.40
C GLU A 735 -35.70 25.39 9.20
N THR A 736 -36.22 25.75 8.02
CA THR A 736 -35.41 25.88 6.81
C THR A 736 -34.38 27.00 6.95
N ASP A 737 -34.73 28.15 7.56
CA ASP A 737 -33.79 29.24 7.71
C ASP A 737 -32.63 28.87 8.62
N HIS A 738 -32.94 28.20 9.72
CA HIS A 738 -31.90 27.77 10.64
C HIS A 738 -31.04 26.68 9.98
N ALA A 739 -31.66 25.77 9.24
CA ALA A 739 -30.95 24.70 8.58
C ALA A 739 -30.00 25.25 7.52
N VAL A 740 -30.45 26.21 6.71
CA VAL A 740 -29.57 26.83 5.73
C VAL A 740 -28.46 27.58 6.41
N ALA A 741 -28.72 28.30 7.51
CA ALA A 741 -27.66 28.98 8.25
C ALA A 741 -26.60 28.01 8.76
N LEU A 742 -27.02 26.91 9.37
CA LEU A 742 -26.11 25.90 9.91
C LEU A 742 -25.30 25.25 8.78
N PHE A 743 -25.99 24.85 7.71
CA PHE A 743 -25.34 24.18 6.58
C PHE A 743 -24.29 25.09 5.95
N LYS A 744 -24.62 26.35 5.81
CA LYS A 744 -23.72 27.33 5.24
C LYS A 744 -22.49 27.50 6.13
N ILE A 745 -22.65 27.49 7.45
CA ILE A 745 -21.54 27.57 8.41
C ILE A 745 -20.63 26.33 8.34
N ILE A 746 -21.19 25.14 8.30
CA ILE A 746 -20.39 23.92 8.26
C ILE A 746 -19.55 23.91 7.00
N TRP A 747 -20.18 24.05 5.82
CA TRP A 747 -19.43 23.98 4.57
C TRP A 747 -18.50 25.18 4.46
N GLY A 748 -18.93 26.36 4.88
CA GLY A 748 -18.16 27.55 4.75
C GLY A 748 -16.89 27.56 5.59
N GLU A 749 -16.99 27.30 6.90
CA GLU A 749 -15.86 27.45 7.80
C GLU A 749 -14.91 26.27 7.67
N LEU A 750 -15.43 25.07 7.72
CA LEU A 750 -14.57 23.91 7.70
C LEU A 750 -13.90 23.67 6.35
N PHE A 751 -14.61 23.81 5.24
CA PHE A 751 -14.08 23.41 3.94
C PHE A 751 -13.82 24.60 3.03
N GLY A 752 -14.30 25.77 3.36
CA GLY A 752 -14.16 26.91 2.49
C GLY A 752 -15.06 26.87 1.26
N VAL A 753 -16.15 26.11 1.33
CA VAL A 753 -17.02 25.86 0.19
C VAL A 753 -18.25 26.75 0.27
N GLN A 754 -18.58 27.41 -0.83
CA GLN A 754 -19.58 28.45 -0.86
C GLN A 754 -20.91 27.91 -1.38
N MET A 755 -21.99 28.22 -0.70
CA MET A 755 -23.32 27.89 -1.21
C MET A 755 -23.75 29.01 -2.14
N ALA A 756 -23.64 28.75 -3.46
CA ALA A 756 -23.89 29.76 -4.49
C ALA A 756 -25.22 29.55 -5.21
N LYS A 757 -25.93 30.63 -5.50
CA LYS A 757 -27.22 30.60 -6.19
C LYS A 757 -27.02 30.12 -7.63
N SER A 758 -28.00 29.35 -8.13
CA SER A 758 -27.93 28.72 -9.45
C SER A 758 -28.94 29.32 -10.41
N THR A 759 -28.52 29.47 -11.67
CA THR A 759 -29.36 30.00 -12.73
C THR A 759 -30.14 28.88 -13.45
N GLN A 760 -29.99 27.61 -13.05
CA GLN A 760 -30.58 26.47 -13.73
C GLN A 760 -32.09 26.54 -13.76
N THR A 761 -32.66 26.25 -14.94
CA THR A 761 -34.11 26.29 -15.16
C THR A 761 -34.78 25.15 -14.41
N PHE A 762 -34.13 23.98 -14.33
CA PHE A 762 -34.72 22.78 -13.76
C PHE A 762 -33.85 22.21 -12.64
N PRO A 763 -34.44 21.50 -11.65
CA PRO A 763 -33.68 20.77 -10.63
C PRO A 763 -32.69 19.72 -11.14
N GLY A 764 -31.90 19.18 -10.21
CA GLY A 764 -30.87 18.19 -10.47
C GLY A 764 -29.65 18.77 -11.18
N ALA A 765 -28.97 17.91 -11.94
CA ALA A 765 -27.73 18.24 -12.63
C ALA A 765 -27.94 18.72 -14.08
N GLY A 766 -29.14 18.55 -14.65
CA GLY A 766 -29.31 18.69 -16.09
C GLY A 766 -29.45 20.13 -16.58
N ARG A 767 -28.51 20.59 -17.44
CA ARG A 767 -28.70 21.78 -18.25
C ARG A 767 -29.81 21.55 -19.28
N VAL A 768 -30.55 22.63 -19.64
CA VAL A 768 -31.70 22.54 -20.54
C VAL A 768 -31.32 21.85 -21.85
N LYS A 769 -30.21 22.27 -22.48
CA LYS A 769 -29.84 21.80 -23.81
C LYS A 769 -29.39 20.33 -23.83
N ASN A 770 -29.08 19.74 -22.67
CA ASN A 770 -28.57 18.37 -22.58
C ASN A 770 -29.60 17.41 -21.96
N LEU A 771 -30.85 17.85 -21.79
CA LEU A 771 -31.85 17.12 -21.04
C LEU A 771 -32.35 15.92 -21.87
N THR A 772 -32.00 14.70 -21.42
CA THR A 772 -32.36 13.47 -22.13
C THR A 772 -33.81 13.10 -21.82
N LYS A 773 -34.42 12.29 -22.71
CA LYS A 773 -35.85 12.00 -22.66
C LYS A 773 -36.27 11.43 -21.31
N GLN A 774 -35.46 10.53 -20.74
CA GLN A 774 -35.75 9.91 -19.45
C GLN A 774 -35.84 10.94 -18.31
N THR A 775 -34.94 11.93 -18.29
CA THR A 775 -34.94 12.97 -17.28
C THR A 775 -36.12 13.93 -17.51
N ILE A 776 -36.49 14.19 -18.77
CA ILE A 776 -37.66 15.01 -19.09
C ILE A 776 -38.92 14.36 -18.51
N VAL A 777 -39.07 13.04 -18.72
CA VAL A 777 -40.20 12.29 -18.20
C VAL A 777 -40.24 12.38 -16.67
N GLY A 778 -39.07 12.22 -16.02
CA GLY A 778 -38.96 12.33 -14.56
C GLY A 778 -39.46 13.68 -14.05
N LEU A 779 -39.09 14.77 -14.73
CA LEU A 779 -39.51 16.13 -14.36
C LEU A 779 -41.01 16.32 -14.58
N LEU A 780 -41.56 15.80 -15.69
CA LEU A 780 -43.00 15.93 -15.94
C LEU A 780 -43.81 15.18 -14.88
N ASP A 781 -43.37 13.97 -14.52
CA ASP A 781 -44.03 13.19 -13.48
C ASP A 781 -43.87 13.81 -12.08
N ALA A 782 -42.74 14.47 -11.82
CA ALA A 782 -42.49 15.07 -10.51
C ALA A 782 -43.52 16.15 -10.14
N HIS A 783 -44.12 16.80 -11.15
CA HIS A 783 -45.19 17.77 -10.96
C HIS A 783 -46.56 17.26 -11.44
N HIS A 784 -46.66 15.97 -11.83
CA HIS A 784 -47.88 15.37 -12.39
C HIS A 784 -48.40 16.14 -13.61
N ILE A 785 -47.49 16.63 -14.46
CA ILE A 785 -47.84 17.32 -15.69
C ILE A 785 -48.33 16.30 -16.72
N ASP A 786 -49.09 16.76 -17.72
CA ASP A 786 -49.60 15.93 -18.80
C ASP A 786 -48.47 15.19 -19.51
N HIS A 787 -48.72 13.91 -19.86
CA HIS A 787 -47.69 13.02 -20.36
C HIS A 787 -48.21 12.12 -21.48
N SER A 788 -47.27 11.67 -22.34
CA SER A 788 -47.51 10.76 -23.46
C SER A 788 -48.52 11.33 -24.46
N ALA A 789 -48.51 12.67 -24.64
CA ALA A 789 -49.21 13.30 -25.75
C ALA A 789 -48.60 12.82 -27.07
N CYS A 790 -47.27 12.74 -27.12
CA CYS A 790 -46.51 12.00 -28.14
C CYS A 790 -45.30 11.33 -27.48
N ARG A 791 -44.75 10.30 -28.14
CA ARG A 791 -43.69 9.48 -27.58
C ARG A 791 -42.30 10.13 -27.72
N THR A 792 -42.18 11.16 -28.58
CA THR A 792 -40.90 11.68 -29.03
C THR A 792 -40.32 12.70 -28.04
N HIS A 793 -38.99 12.84 -28.07
CA HIS A 793 -38.24 13.76 -27.22
C HIS A 793 -38.78 15.18 -27.35
N ARG A 794 -38.90 15.67 -28.60
CA ARG A 794 -39.26 17.05 -28.90
C ARG A 794 -40.64 17.44 -28.36
N GLN A 795 -41.59 16.51 -28.29
CA GLN A 795 -42.90 16.78 -27.69
C GLN A 795 -42.76 17.04 -26.19
N LEU A 796 -42.09 16.12 -25.48
CA LEU A 796 -41.94 16.20 -24.02
C LEU A 796 -41.08 17.39 -23.61
N TYR A 797 -40.05 17.70 -24.42
CA TYR A 797 -39.28 18.94 -24.31
C TYR A 797 -40.21 20.15 -24.38
N ALA A 798 -41.07 20.23 -25.42
CA ALA A 798 -41.96 21.36 -25.61
C ALA A 798 -42.93 21.55 -24.45
N LEU A 799 -43.32 20.45 -23.77
CA LEU A 799 -44.11 20.51 -22.54
C LEU A 799 -43.34 21.22 -21.43
N LEU A 800 -42.12 20.78 -21.13
CA LEU A 800 -41.31 21.42 -20.11
C LEU A 800 -41.03 22.89 -20.46
N MET A 801 -40.76 23.21 -21.72
CA MET A 801 -40.46 24.58 -22.10
C MET A 801 -41.71 25.48 -22.04
N ALA A 802 -42.92 24.89 -21.93
CA ALA A 802 -44.12 25.65 -21.59
C ALA A 802 -44.28 25.77 -20.07
N HIS A 803 -44.07 24.66 -19.35
CA HIS A 803 -44.27 24.59 -17.90
C HIS A 803 -43.06 25.06 -17.09
N LYS A 804 -42.01 25.65 -17.71
CA LYS A 804 -40.78 26.04 -17.03
C LYS A 804 -41.03 26.89 -15.78
N ARG A 805 -42.11 27.68 -15.76
CA ARG A 805 -42.44 28.52 -14.61
C ARG A 805 -42.78 27.73 -13.35
N GLU A 806 -43.29 26.50 -13.52
CA GLU A 806 -43.57 25.62 -12.39
C GLU A 806 -42.29 25.11 -11.70
N PHE A 807 -41.15 25.21 -12.40
CA PHE A 807 -39.86 24.73 -11.90
C PHE A 807 -38.97 25.89 -11.44
N ALA A 808 -39.48 27.13 -11.42
CA ALA A 808 -38.75 28.25 -10.82
C ALA A 808 -38.74 28.15 -9.29
N GLY A 809 -37.71 28.72 -8.65
CA GLY A 809 -37.58 28.68 -7.19
C GLY A 809 -36.15 28.96 -6.73
N ALA A 810 -35.95 28.93 -5.41
CA ALA A 810 -34.63 29.05 -4.83
C ALA A 810 -33.83 27.78 -5.10
N ARG A 811 -32.64 27.97 -5.70
CA ARG A 811 -31.83 26.84 -6.15
C ARG A 811 -30.35 27.13 -6.02
N PHE A 812 -29.57 26.16 -5.54
CA PHE A 812 -28.18 26.40 -5.16
C PHE A 812 -27.26 25.26 -5.52
N LYS A 813 -25.98 25.54 -5.63
CA LYS A 813 -24.93 24.54 -5.68
C LYS A 813 -23.83 24.89 -4.68
N LEU A 814 -23.13 23.88 -4.19
CA LEU A 814 -21.91 24.07 -3.42
C LEU A 814 -20.78 24.26 -4.40
N ARG A 815 -20.03 25.36 -4.29
CA ARG A 815 -18.89 25.62 -5.15
C ARG A 815 -17.59 25.52 -4.37
N VAL A 816 -16.68 24.67 -4.81
CA VAL A 816 -15.35 24.58 -4.22
C VAL A 816 -14.52 25.78 -4.66
N PRO A 817 -13.62 26.31 -3.79
CA PRO A 817 -12.79 27.46 -4.14
C PRO A 817 -11.84 27.26 -5.32
N ALA A 818 -11.08 28.29 -5.66
CA ALA A 818 -10.24 28.22 -6.84
C ALA A 818 -9.22 27.09 -6.66
N TRP A 819 -8.49 27.09 -5.52
CA TRP A 819 -7.66 25.97 -5.10
C TRP A 819 -8.55 24.78 -4.77
N GLY A 820 -8.09 23.56 -4.66
CA GLY A 820 -9.12 22.57 -4.28
C GLY A 820 -9.78 21.88 -5.48
N ARG A 821 -9.79 22.53 -6.62
CA ARG A 821 -10.11 21.87 -7.86
C ARG A 821 -8.97 21.02 -8.39
N CYS A 822 -7.75 21.17 -7.83
CA CYS A 822 -6.61 20.37 -8.24
C CYS A 822 -6.33 19.18 -7.32
N LEU A 823 -7.35 18.62 -6.68
CA LEU A 823 -7.16 17.49 -5.77
C LEU A 823 -7.58 16.17 -6.40
N ARG A 824 -6.87 15.09 -6.10
CA ARG A 824 -7.30 13.78 -6.54
C ARG A 824 -8.61 13.38 -5.86
N THR A 825 -9.61 12.99 -6.64
CA THR A 825 -10.92 12.68 -6.11
C THR A 825 -11.35 11.31 -6.61
N HIS A 826 -12.49 10.82 -6.11
CA HIS A 826 -13.08 9.55 -6.52
C HIS A 826 -13.20 9.43 -8.04
N SER A 827 -13.35 10.56 -8.73
CA SER A 827 -13.46 10.55 -10.16
C SER A 827 -12.14 10.60 -10.92
N SER A 828 -11.07 10.93 -10.24
CA SER A 828 -9.80 11.22 -10.90
C SER A 828 -9.05 9.93 -11.20
N SER A 829 -9.08 9.53 -12.48
CA SER A 829 -8.22 8.45 -12.98
C SER A 829 -6.75 8.85 -12.90
N ALA A 830 -5.92 7.90 -12.46
CA ALA A 830 -4.53 8.15 -12.15
C ALA A 830 -3.80 6.81 -12.12
N ASN A 831 -2.55 6.81 -12.59
CA ASN A 831 -1.76 5.58 -12.52
C ASN A 831 -1.36 5.41 -11.06
N PRO A 832 -1.29 4.16 -10.54
CA PRO A 832 -0.96 3.92 -9.14
C PRO A 832 0.32 4.53 -8.64
N ASN A 833 0.26 4.85 -7.36
CA ASN A 833 1.40 5.26 -6.57
C ASN A 833 1.17 4.68 -5.17
N ALA A 834 2.08 5.03 -4.27
CA ALA A 834 2.03 4.55 -2.94
C ALA A 834 0.74 4.89 -2.22
N ASP A 835 0.14 6.03 -2.50
CA ASP A 835 -1.07 6.50 -1.82
C ASP A 835 -2.33 5.79 -2.31
N ILE A 836 -2.43 5.66 -3.59
CA ILE A 836 -3.52 4.93 -4.19
C ILE A 836 -3.50 3.46 -3.77
N ILE A 837 -2.32 2.87 -3.64
CA ILE A 837 -2.21 1.49 -3.23
C ILE A 837 -2.46 1.36 -1.74
N LEU A 838 -2.09 2.35 -0.95
CA LEU A 838 -2.41 2.29 0.46
C LEU A 838 -3.91 2.30 0.65
N GLU A 839 -4.62 3.16 -0.07
CA GLU A 839 -6.06 3.21 0.05
C GLU A 839 -6.70 1.91 -0.43
N ALA A 840 -6.15 1.29 -1.46
CA ALA A 840 -6.66 -0.01 -1.89
C ALA A 840 -6.50 -1.02 -0.76
N ALA A 841 -5.31 -1.10 -0.18
CA ALA A 841 -5.09 -1.97 0.95
C ALA A 841 -6.10 -1.70 2.08
N LEU A 842 -6.36 -0.43 2.45
CA LEU A 842 -7.29 -0.13 3.54
C LEU A 842 -8.72 -0.52 3.19
N SER A 843 -9.04 -0.58 1.89
CA SER A 843 -10.37 -0.96 1.44
C SER A 843 -10.54 -2.47 1.36
N GLU A 844 -9.49 -3.18 0.96
CA GLU A 844 -9.55 -4.58 0.64
C GLU A 844 -9.33 -5.45 1.88
N LEU A 845 -8.46 -5.06 2.80
CA LEU A 845 -8.02 -5.95 3.87
C LEU A 845 -8.69 -5.56 5.19
N PRO A 846 -9.32 -6.52 5.93
CA PRO A 846 -10.00 -6.21 7.17
C PRO A 846 -9.07 -6.21 8.38
N THR A 847 -9.53 -5.65 9.51
CA THR A 847 -8.71 -5.68 10.72
C THR A 847 -8.93 -7.02 11.38
N GLU A 848 -7.80 -7.73 11.58
CA GLU A 848 -7.79 -9.02 12.23
C GLU A 848 -7.85 -8.84 13.74
N ALA A 849 -8.45 -9.81 14.42
CA ALA A 849 -8.56 -9.74 15.88
C ALA A 849 -7.17 -9.71 16.46
N TRP A 850 -6.89 -8.84 17.46
CA TRP A 850 -5.49 -8.77 17.86
C TRP A 850 -5.20 -9.89 18.84
N PRO A 851 -5.38 -9.68 20.14
CA PRO A 851 -4.80 -10.67 21.06
C PRO A 851 -5.74 -11.76 20.54
N MET A 852 -5.13 -12.76 19.87
CA MET A 852 -5.82 -13.90 19.28
C MET A 852 -5.62 -15.20 20.06
N MET A 853 -6.55 -16.14 19.85
CA MET A 853 -6.42 -17.49 20.38
C MET A 853 -6.14 -18.48 19.23
N GLN A 854 -5.31 -19.49 19.53
CA GLN A 854 -4.76 -20.38 18.53
C GLN A 854 -5.84 -21.35 18.01
N GLY B 27 -37.74 12.35 22.08
CA GLY B 27 -36.89 11.89 20.97
C GLY B 27 -37.70 11.74 19.68
N ARG B 28 -37.01 11.94 18.54
CA ARG B 28 -37.62 11.90 17.21
C ARG B 28 -38.13 10.50 16.87
N PRO B 29 -39.20 10.35 16.04
CA PRO B 29 -39.74 9.04 15.72
C PRO B 29 -38.84 8.26 14.76
N ILE B 30 -39.03 6.94 14.74
CA ILE B 30 -38.20 6.05 13.91
C ILE B 30 -38.65 6.21 12.46
N GLY B 31 -37.67 6.41 11.56
CA GLY B 31 -37.95 6.58 10.15
C GLY B 31 -38.24 5.25 9.43
N ASP B 32 -38.91 5.36 8.27
CA ASP B 32 -39.11 4.23 7.38
C ASP B 32 -37.78 3.78 6.75
N ASP B 33 -36.83 4.73 6.61
CA ASP B 33 -35.46 4.41 6.20
C ASP B 33 -34.74 3.52 7.22
N GLU B 34 -34.93 3.77 8.52
CA GLU B 34 -34.39 2.90 9.57
C GLU B 34 -35.04 1.53 9.51
N CYS B 35 -36.31 1.43 9.15
CA CYS B 35 -36.99 0.15 8.97
C CYS B 35 -36.44 -0.63 7.77
N GLU B 36 -36.03 0.08 6.71
CA GLU B 36 -35.35 -0.55 5.58
C GLU B 36 -33.91 -0.93 5.95
N GLN B 37 -33.22 -0.10 6.73
CA GLN B 37 -31.89 -0.43 7.22
C GLN B 37 -31.95 -1.74 8.02
N TYR B 38 -32.90 -1.84 8.94
CA TYR B 38 -33.08 -3.03 9.74
C TYR B 38 -33.34 -4.23 8.86
N THR B 39 -34.34 -4.12 8.00
CA THR B 39 -34.73 -5.24 7.16
C THR B 39 -33.58 -5.70 6.26
N SER B 40 -32.78 -4.77 5.74
CA SER B 40 -31.62 -5.11 4.94
C SER B 40 -30.56 -5.85 5.76
N SER B 41 -30.30 -5.35 6.98
CA SER B 41 -29.32 -5.92 7.86
C SER B 41 -29.68 -7.37 8.21
N VAL B 42 -30.92 -7.58 8.62
CA VAL B 42 -31.39 -8.91 8.89
C VAL B 42 -31.26 -9.83 7.68
N SER B 43 -31.64 -9.34 6.50
CA SER B 43 -31.67 -10.15 5.30
C SER B 43 -30.28 -10.57 4.86
N LEU B 44 -29.33 -9.65 4.89
CA LEU B 44 -27.95 -9.97 4.59
C LEU B 44 -27.38 -10.94 5.63
N ALA B 45 -27.67 -10.74 6.93
CA ALA B 45 -27.23 -11.69 7.96
C ALA B 45 -27.75 -13.09 7.66
N ARG B 46 -29.02 -13.20 7.28
CA ARG B 46 -29.61 -14.48 6.93
C ARG B 46 -28.85 -15.12 5.76
N MET B 47 -28.54 -14.35 4.72
CA MET B 47 -27.81 -14.89 3.57
C MET B 47 -26.40 -15.33 3.92
N LEU B 48 -25.71 -14.59 4.77
CA LEU B 48 -24.33 -14.94 5.10
C LEU B 48 -24.19 -16.27 5.84
N TYR B 49 -25.16 -16.65 6.68
CA TYR B 49 -25.10 -17.87 7.49
C TYR B 49 -26.09 -18.94 7.01
N GLY B 50 -26.67 -18.83 5.81
CA GLY B 50 -27.38 -19.93 5.20
C GLY B 50 -28.80 -20.10 5.72
N GLY B 51 -29.41 -19.03 6.23
CA GLY B 51 -30.80 -19.07 6.64
C GLY B 51 -31.77 -19.06 5.48
N ASP B 52 -31.27 -18.71 4.29
CA ASP B 52 -32.07 -18.56 3.08
C ASP B 52 -32.07 -19.81 2.19
N LEU B 53 -31.38 -20.85 2.63
CA LEU B 53 -30.96 -21.95 1.76
C LEU B 53 -32.15 -22.67 1.14
N ALA B 54 -33.26 -22.81 1.86
CA ALA B 54 -34.42 -23.53 1.39
C ALA B 54 -35.10 -22.85 0.20
N GLU B 55 -34.94 -21.54 0.07
CA GLU B 55 -35.51 -20.80 -1.04
C GLU B 55 -34.52 -20.69 -2.20
N TRP B 56 -33.27 -20.39 -1.86
CA TRP B 56 -32.27 -20.02 -2.84
C TRP B 56 -31.90 -21.22 -3.72
N VAL B 57 -31.88 -22.43 -3.16
CA VAL B 57 -31.48 -23.60 -3.95
C VAL B 57 -32.49 -23.84 -5.08
N PRO B 58 -33.82 -24.00 -4.85
CA PRO B 58 -34.78 -24.09 -5.94
C PRO B 58 -34.74 -22.95 -6.96
N ARG B 59 -34.44 -21.75 -6.49
CA ARG B 59 -34.44 -20.55 -7.31
C ARG B 59 -33.23 -20.50 -8.26
N VAL B 60 -32.06 -21.04 -7.87
CA VAL B 60 -30.82 -20.79 -8.59
C VAL B 60 -30.17 -22.07 -9.12
N HIS B 61 -30.43 -23.23 -8.46
CA HIS B 61 -29.85 -24.51 -8.88
C HIS B 61 -30.95 -25.57 -8.93
N PRO B 62 -31.88 -25.51 -9.92
CA PRO B 62 -33.06 -26.38 -9.89
C PRO B 62 -32.82 -27.89 -9.93
N LYS B 63 -31.66 -28.34 -10.44
CA LYS B 63 -31.38 -29.76 -10.53
C LYS B 63 -30.82 -30.33 -9.21
N THR B 64 -30.42 -29.46 -8.26
CA THR B 64 -29.98 -29.88 -6.93
C THR B 64 -31.18 -30.12 -6.03
N THR B 65 -31.36 -31.38 -5.57
CA THR B 65 -32.48 -31.69 -4.70
C THR B 65 -32.20 -31.16 -3.29
N ILE B 66 -33.28 -30.79 -2.59
CA ILE B 66 -33.19 -30.25 -1.24
C ILE B 66 -34.36 -30.79 -0.41
N GLU B 67 -34.13 -30.94 0.90
CA GLU B 67 -35.20 -31.40 1.77
C GLU B 67 -35.18 -30.68 3.12
N ARG B 68 -36.36 -30.59 3.73
CA ARG B 68 -36.55 -29.92 5.00
C ARG B 68 -36.95 -30.95 6.06
N GLN B 69 -36.25 -30.92 7.20
CA GLN B 69 -36.55 -31.80 8.31
C GLN B 69 -36.89 -30.96 9.55
N GLN B 70 -38.18 -30.66 9.69
CA GLN B 70 -38.71 -29.82 10.75
C GLN B 70 -39.07 -30.62 11.99
N HIS B 71 -39.17 -31.95 11.88
CA HIS B 71 -39.67 -32.80 12.96
C HIS B 71 -38.64 -33.86 13.33
N GLY B 72 -38.24 -33.85 14.61
CA GLY B 72 -37.29 -34.82 15.15
C GLY B 72 -35.88 -34.65 14.59
N PRO B 73 -34.89 -35.41 15.12
CA PRO B 73 -33.50 -35.32 14.66
C PRO B 73 -33.32 -35.56 13.16
N VAL B 74 -32.23 -35.00 12.62
CA VAL B 74 -31.92 -35.10 11.19
C VAL B 74 -31.58 -36.53 10.79
N THR B 75 -31.94 -36.84 9.54
CA THR B 75 -31.63 -38.10 8.87
C THR B 75 -30.99 -37.79 7.51
N PHE B 76 -29.77 -38.31 7.30
CA PHE B 76 -29.08 -38.16 6.03
C PHE B 76 -29.59 -39.18 5.01
N PRO B 77 -29.37 -38.97 3.69
CA PRO B 77 -29.75 -39.96 2.68
C PRO B 77 -29.14 -41.34 2.93
N ASN B 78 -29.87 -42.37 2.47
CA ASN B 78 -29.41 -43.76 2.55
C ASN B 78 -28.19 -43.92 1.64
N ALA B 79 -26.98 -44.07 2.23
CA ALA B 79 -25.73 -43.95 1.50
C ALA B 79 -25.48 -45.14 0.55
N SER B 80 -26.13 -46.29 0.82
CA SER B 80 -25.97 -47.50 0.02
C SER B 80 -26.91 -47.54 -1.19
N ALA B 81 -27.86 -46.60 -1.29
CA ALA B 81 -28.78 -46.54 -2.42
C ALA B 81 -28.06 -46.20 -3.73
N PRO B 82 -28.50 -46.71 -4.89
CA PRO B 82 -27.86 -46.40 -6.17
C PRO B 82 -28.11 -44.95 -6.64
N THR B 83 -29.20 -44.34 -6.15
CA THR B 83 -29.64 -43.02 -6.60
C THR B 83 -29.12 -41.90 -5.70
N ALA B 84 -28.55 -42.24 -4.53
CA ALA B 84 -28.07 -41.26 -3.56
C ALA B 84 -26.81 -40.55 -4.08
N ARG B 85 -26.84 -39.21 -4.05
CA ARG B 85 -25.92 -38.37 -4.81
C ARG B 85 -24.52 -38.32 -4.19
N CYS B 86 -23.57 -37.94 -5.03
CA CYS B 86 -22.16 -37.95 -4.68
C CYS B 86 -21.86 -36.96 -3.57
N VAL B 87 -22.46 -35.77 -3.63
CA VAL B 87 -22.24 -34.73 -2.62
C VAL B 87 -23.55 -34.50 -1.87
N THR B 88 -23.49 -34.55 -0.54
CA THR B 88 -24.62 -34.06 0.24
C THR B 88 -24.07 -33.00 1.20
N VAL B 89 -24.82 -31.91 1.39
CA VAL B 89 -24.42 -30.86 2.30
C VAL B 89 -25.54 -30.53 3.28
N VAL B 90 -25.21 -30.48 4.57
CA VAL B 90 -26.19 -30.44 5.65
C VAL B 90 -26.06 -29.15 6.46
N ARG B 91 -27.16 -28.40 6.55
CA ARG B 91 -27.27 -27.29 7.49
C ARG B 91 -28.23 -27.74 8.56
N ALA B 92 -27.74 -27.98 9.78
CA ALA B 92 -28.62 -28.38 10.86
C ALA B 92 -28.08 -27.91 12.22
N PRO B 93 -28.95 -27.56 13.19
CA PRO B 93 -28.52 -27.00 14.48
C PRO B 93 -27.50 -27.80 15.27
N MET B 94 -26.79 -27.11 16.16
CA MET B 94 -26.10 -27.77 17.27
C MET B 94 -27.14 -28.51 18.13
N GLY B 95 -26.90 -29.80 18.35
CA GLY B 95 -27.81 -30.65 19.10
C GLY B 95 -28.99 -31.15 18.27
N SER B 96 -28.84 -31.28 16.94
CA SER B 96 -29.92 -31.76 16.08
C SER B 96 -29.83 -33.26 15.77
N GLY B 97 -28.82 -33.95 16.32
CA GLY B 97 -28.65 -35.37 16.04
C GLY B 97 -27.61 -35.68 14.96
N LYS B 98 -26.90 -34.67 14.46
CA LYS B 98 -25.95 -34.81 13.35
C LYS B 98 -24.96 -35.96 13.57
N THR B 99 -24.31 -36.02 14.74
CA THR B 99 -23.25 -37.00 14.96
C THR B 99 -23.80 -38.44 14.85
N THR B 100 -25.06 -38.67 15.24
CA THR B 100 -25.68 -39.99 15.10
C THR B 100 -25.97 -40.29 13.62
N ALA B 101 -26.45 -39.30 12.88
CA ALA B 101 -26.75 -39.44 11.46
C ALA B 101 -25.47 -39.66 10.64
N LEU B 102 -24.36 -39.02 11.05
CA LEU B 102 -23.07 -39.22 10.40
C LEU B 102 -22.60 -40.67 10.56
N ILE B 103 -22.64 -41.19 11.80
CA ILE B 103 -22.20 -42.55 12.06
C ILE B 103 -23.06 -43.55 11.30
N ARG B 104 -24.39 -43.36 11.28
CA ARG B 104 -25.27 -44.18 10.47
C ARG B 104 -24.88 -44.11 8.99
N TRP B 105 -24.67 -42.90 8.47
CA TRP B 105 -24.34 -42.71 7.07
C TRP B 105 -23.01 -43.39 6.72
N LEU B 106 -21.99 -43.30 7.59
CA LEU B 106 -20.72 -43.98 7.38
C LEU B 106 -20.87 -45.51 7.38
N ARG B 107 -21.65 -46.05 8.32
CA ARG B 107 -21.92 -47.49 8.36
C ARG B 107 -22.54 -47.97 7.05
N GLU B 108 -23.34 -47.13 6.39
CA GLU B 108 -23.98 -47.45 5.12
C GLU B 108 -23.03 -47.20 3.94
N ALA B 109 -22.18 -46.18 4.03
CA ALA B 109 -21.31 -45.76 2.94
C ALA B 109 -20.10 -46.70 2.78
N ILE B 110 -19.62 -47.27 3.89
CA ILE B 110 -18.47 -48.16 3.88
C ILE B 110 -18.88 -49.56 3.41
N HIS B 111 -18.62 -49.84 2.12
CA HIS B 111 -19.01 -51.09 1.47
C HIS B 111 -18.10 -52.27 1.84
N SER B 112 -16.90 -51.99 2.35
CA SER B 112 -15.89 -53.04 2.60
C SER B 112 -14.89 -52.63 3.68
N PRO B 113 -14.13 -53.57 4.27
CA PRO B 113 -13.02 -53.25 5.17
C PRO B 113 -11.90 -52.42 4.54
N ASP B 114 -11.85 -52.38 3.20
CA ASP B 114 -10.80 -51.68 2.47
C ASP B 114 -11.22 -50.31 1.94
N THR B 115 -12.48 -49.89 2.18
CA THR B 115 -12.95 -48.56 1.79
C THR B 115 -12.25 -47.49 2.62
N SER B 116 -11.65 -46.49 1.94
CA SER B 116 -10.86 -45.44 2.60
C SER B 116 -11.73 -44.25 3.00
N VAL B 117 -11.37 -43.57 4.11
CA VAL B 117 -12.17 -42.48 4.65
C VAL B 117 -11.26 -41.36 5.14
N LEU B 118 -11.65 -40.10 4.87
CA LEU B 118 -11.00 -38.95 5.49
C LEU B 118 -12.04 -38.06 6.14
N VAL B 119 -11.81 -37.69 7.40
CA VAL B 119 -12.66 -36.78 8.14
C VAL B 119 -11.84 -35.54 8.54
N VAL B 120 -12.25 -34.35 8.07
CA VAL B 120 -11.56 -33.12 8.44
C VAL B 120 -12.45 -32.26 9.35
N SER B 121 -11.84 -31.71 10.40
CA SER B 121 -12.53 -30.86 11.36
C SER B 121 -11.61 -29.74 11.84
N CYS B 122 -12.04 -29.03 12.90
CA CYS B 122 -11.41 -27.78 13.33
C CYS B 122 -11.20 -27.75 14.86
N ARG B 123 -10.37 -26.81 15.34
CA ARG B 123 -10.13 -26.59 16.76
C ARG B 123 -11.39 -26.08 17.48
N ARG B 124 -12.26 -25.37 16.75
CA ARG B 124 -13.56 -24.91 17.24
C ARG B 124 -14.54 -26.07 17.54
N SER B 125 -14.30 -27.23 16.91
CA SER B 125 -15.23 -28.35 16.83
C SER B 125 -14.53 -29.66 17.19
N PHE B 126 -13.89 -29.68 18.37
CA PHE B 126 -12.71 -30.49 18.63
C PHE B 126 -12.92 -31.99 18.37
N THR B 127 -11.94 -32.58 17.66
CA THR B 127 -12.04 -33.87 16.99
C THR B 127 -12.27 -35.02 17.97
N GLN B 128 -11.82 -34.88 19.22
CA GLN B 128 -11.89 -35.98 20.19
C GLN B 128 -13.33 -36.40 20.47
N THR B 129 -14.33 -35.51 20.32
CA THR B 129 -15.72 -35.89 20.50
C THR B 129 -16.14 -36.90 19.42
N LEU B 130 -15.74 -36.67 18.16
CA LEU B 130 -15.98 -37.63 17.08
C LEU B 130 -15.16 -38.91 17.33
N ALA B 131 -13.85 -38.77 17.52
CA ALA B 131 -12.95 -39.93 17.65
C ALA B 131 -13.39 -40.87 18.78
N THR B 132 -14.00 -40.32 19.84
CA THR B 132 -14.57 -41.10 20.94
C THR B 132 -15.81 -41.88 20.46
N ARG B 133 -16.82 -41.19 19.88
CA ARG B 133 -18.05 -41.85 19.44
C ARG B 133 -17.79 -42.82 18.26
N PHE B 134 -16.72 -42.59 17.51
CA PHE B 134 -16.30 -43.47 16.41
C PHE B 134 -15.71 -44.80 16.90
N ALA B 135 -15.77 -45.08 18.21
CA ALA B 135 -15.49 -46.40 18.76
C ALA B 135 -16.28 -47.50 18.05
N GLU B 136 -17.47 -47.14 17.53
CA GLU B 136 -18.34 -48.06 16.80
C GLU B 136 -17.79 -48.43 15.41
N SER B 137 -16.90 -47.59 14.88
CA SER B 137 -16.17 -47.81 13.62
C SER B 137 -14.67 -47.83 13.90
N GLY B 138 -14.26 -48.69 14.87
CA GLY B 138 -13.01 -48.56 15.61
C GLY B 138 -11.73 -48.74 14.79
N LEU B 139 -11.84 -48.95 13.46
CA LEU B 139 -10.68 -48.94 12.58
C LEU B 139 -10.19 -47.50 12.31
N VAL B 140 -11.11 -46.52 12.40
CA VAL B 140 -10.79 -45.11 12.14
C VAL B 140 -9.86 -44.61 13.27
N ASP B 141 -8.86 -43.79 12.90
CA ASP B 141 -7.91 -43.23 13.84
C ASP B 141 -7.75 -41.71 13.62
N PHE B 142 -7.10 -41.01 14.57
CA PHE B 142 -6.90 -39.57 14.44
C PHE B 142 -5.42 -39.21 14.61
N VAL B 143 -4.95 -38.18 13.89
CA VAL B 143 -3.58 -37.70 14.05
C VAL B 143 -3.45 -36.95 15.38
N THR B 144 -2.52 -37.39 16.23
CA THR B 144 -2.16 -36.69 17.46
C THR B 144 -1.30 -35.47 17.11
N TYR B 145 -1.96 -34.43 16.58
CA TYR B 145 -1.33 -33.20 16.08
C TYR B 145 -0.51 -32.49 17.17
N PHE B 146 -0.95 -32.64 18.44
CA PHE B 146 -0.28 -32.07 19.60
C PHE B 146 1.02 -32.81 19.93
N SER B 147 1.05 -34.14 19.80
CA SER B 147 2.23 -34.95 20.08
C SER B 147 3.29 -34.81 18.98
N SER B 148 2.84 -34.58 17.72
CA SER B 148 3.71 -34.42 16.55
C SER B 148 4.62 -35.64 16.33
N THR B 149 4.10 -36.83 16.65
CA THR B 149 4.86 -38.07 16.55
C THR B 149 5.04 -38.49 15.08
N ASN B 150 6.11 -39.26 14.82
CA ASN B 150 6.57 -39.59 13.47
C ASN B 150 5.76 -40.76 12.90
N TYR B 151 4.47 -40.52 12.60
CA TYR B 151 3.57 -41.54 12.06
C TYR B 151 4.05 -42.14 10.74
N ILE B 152 4.89 -41.40 10.01
CA ILE B 152 5.49 -41.87 8.75
C ILE B 152 6.33 -43.13 8.97
N MET B 153 6.67 -43.48 10.22
CA MET B 153 7.33 -44.74 10.55
C MET B 153 6.49 -45.96 10.17
N ASN B 154 5.16 -45.79 9.99
CA ASN B 154 4.24 -46.81 9.50
C ASN B 154 4.55 -47.15 8.03
N ASP B 155 5.16 -46.20 7.30
CA ASP B 155 5.62 -46.33 5.92
C ASP B 155 4.48 -46.70 4.96
N ARG B 156 3.25 -46.28 5.32
CA ARG B 156 2.04 -46.51 4.53
C ARG B 156 1.10 -45.30 4.65
N PRO B 157 0.22 -45.05 3.66
CA PRO B 157 -0.79 -43.99 3.78
C PRO B 157 -1.80 -44.27 4.90
N PHE B 158 -2.31 -43.21 5.51
CA PHE B 158 -3.42 -43.32 6.43
C PHE B 158 -4.70 -43.67 5.68
N HIS B 159 -5.41 -44.70 6.14
CA HIS B 159 -6.48 -45.31 5.37
C HIS B 159 -7.85 -44.79 5.80
N ARG B 160 -8.02 -44.57 7.12
CA ARG B 160 -9.25 -44.07 7.71
C ARG B 160 -8.89 -43.06 8.79
N LEU B 161 -8.90 -41.76 8.45
CA LEU B 161 -8.23 -40.75 9.25
C LEU B 161 -9.14 -39.59 9.66
N ILE B 162 -8.99 -39.14 10.91
CA ILE B 162 -9.58 -37.90 11.42
C ILE B 162 -8.47 -36.85 11.62
N VAL B 163 -8.69 -35.63 11.11
CA VAL B 163 -7.66 -34.60 11.06
C VAL B 163 -8.17 -33.23 11.52
N GLN B 164 -7.33 -32.51 12.26
CA GLN B 164 -7.45 -31.08 12.45
C GLN B 164 -6.87 -30.36 11.23
N VAL B 165 -7.67 -29.48 10.60
CA VAL B 165 -7.30 -28.84 9.34
C VAL B 165 -5.96 -28.11 9.43
N GLU B 166 -5.64 -27.48 10.58
CA GLU B 166 -4.43 -26.69 10.73
C GLU B 166 -3.17 -27.55 10.72
N SER B 167 -3.33 -28.88 10.78
CA SER B 167 -2.22 -29.83 10.75
C SER B 167 -2.23 -30.69 9.48
N LEU B 168 -3.11 -30.39 8.53
CA LEU B 168 -3.36 -31.26 7.38
C LEU B 168 -2.12 -31.35 6.49
N HIS B 169 -1.36 -30.26 6.38
CA HIS B 169 -0.15 -30.24 5.56
C HIS B 169 0.88 -31.26 6.07
N ARG B 170 1.12 -31.26 7.39
CA ARG B 170 2.13 -32.15 7.98
C ARG B 170 1.78 -33.62 7.67
N VAL B 171 0.48 -33.96 7.71
CA VAL B 171 0.04 -35.33 7.47
C VAL B 171 -0.13 -35.57 5.97
N GLY B 172 0.10 -34.52 5.15
CA GLY B 172 -0.07 -34.63 3.70
C GLY B 172 0.56 -35.90 3.12
N PRO B 173 1.83 -36.23 3.46
CA PRO B 173 2.50 -37.39 2.87
C PRO B 173 1.75 -38.71 3.03
N ASN B 174 1.22 -38.98 4.24
CA ASN B 174 0.58 -40.27 4.51
C ASN B 174 -0.90 -40.22 4.13
N LEU B 175 -1.23 -39.53 3.04
CA LEU B 175 -2.62 -39.39 2.60
C LEU B 175 -2.80 -40.03 1.23
N LEU B 176 -3.67 -41.04 1.12
CA LEU B 176 -3.97 -41.64 -0.17
C LEU B 176 -4.29 -40.50 -1.13
N ASN B 177 -3.75 -40.53 -2.36
CA ASN B 177 -3.97 -39.45 -3.31
C ASN B 177 -5.46 -39.11 -3.39
N ASN B 178 -6.33 -40.13 -3.33
CA ASN B 178 -7.78 -39.94 -3.30
C ASN B 178 -8.39 -40.85 -2.24
N TYR B 179 -9.52 -40.44 -1.65
CA TYR B 179 -10.23 -41.24 -0.66
C TYR B 179 -11.65 -41.55 -1.17
N ASP B 180 -12.20 -42.68 -0.74
CA ASP B 180 -13.52 -43.12 -1.20
C ASP B 180 -14.63 -42.28 -0.58
N VAL B 181 -14.41 -41.84 0.66
CA VAL B 181 -15.39 -41.04 1.41
C VAL B 181 -14.69 -39.86 2.07
N LEU B 182 -15.23 -38.65 1.87
CA LEU B 182 -14.71 -37.43 2.49
C LEU B 182 -15.77 -36.79 3.38
N VAL B 183 -15.45 -36.59 4.66
CA VAL B 183 -16.37 -35.97 5.59
C VAL B 183 -15.81 -34.61 6.04
N LEU B 184 -16.59 -33.55 5.85
CA LEU B 184 -16.23 -32.23 6.37
C LEU B 184 -17.19 -31.88 7.52
N ASP B 185 -16.60 -31.77 8.71
CA ASP B 185 -17.32 -31.53 9.95
C ASP B 185 -17.12 -30.07 10.35
N GLU B 186 -18.22 -29.36 10.62
CA GLU B 186 -18.20 -27.92 10.75
C GLU B 186 -17.40 -27.30 9.60
N VAL B 187 -17.88 -27.54 8.38
CA VAL B 187 -17.17 -27.16 7.19
C VAL B 187 -16.92 -25.64 7.16
N MET B 188 -17.90 -24.81 7.61
CA MET B 188 -17.71 -23.38 7.51
C MET B 188 -16.62 -22.94 8.50
N SER B 189 -16.60 -23.62 9.65
CA SER B 189 -15.61 -23.37 10.68
C SER B 189 -14.23 -23.83 10.21
N THR B 190 -14.19 -24.87 9.37
CA THR B 190 -12.97 -25.40 8.74
C THR B 190 -12.44 -24.42 7.69
N LEU B 191 -13.28 -23.98 6.74
CA LEU B 191 -12.91 -23.01 5.73
C LEU B 191 -12.48 -21.67 6.35
N GLY B 192 -13.05 -21.32 7.50
CA GLY B 192 -12.64 -20.14 8.23
C GLY B 192 -11.17 -20.14 8.67
N GLN B 193 -10.51 -21.30 8.84
CA GLN B 193 -9.13 -21.36 9.29
C GLN B 193 -8.19 -20.83 8.22
N LEU B 194 -8.57 -20.91 6.95
CA LEU B 194 -7.74 -20.43 5.85
C LEU B 194 -7.40 -18.94 6.00
N TYR B 195 -8.26 -18.19 6.70
CA TYR B 195 -8.12 -16.75 6.86
C TYR B 195 -7.46 -16.39 8.19
N SER B 196 -7.07 -17.39 8.99
CA SER B 196 -6.43 -17.12 10.28
C SER B 196 -5.00 -16.63 10.08
N PRO B 197 -4.51 -15.65 10.87
CA PRO B 197 -3.12 -15.20 10.78
C PRO B 197 -2.08 -16.29 11.00
N THR B 198 -2.43 -17.30 11.79
CA THR B 198 -1.54 -18.39 12.16
C THR B 198 -1.56 -19.52 11.13
N MET B 199 -2.35 -19.39 10.06
CA MET B 199 -2.41 -20.40 9.01
C MET B 199 -1.04 -20.59 8.35
N GLN B 200 -0.71 -21.85 8.06
CA GLN B 200 0.62 -22.23 7.57
C GLN B 200 0.49 -23.03 6.26
N GLN B 201 1.37 -22.71 5.30
CA GLN B 201 1.44 -23.36 3.99
C GLN B 201 0.09 -23.33 3.28
N LEU B 202 -0.53 -22.15 3.26
CA LEU B 202 -1.90 -21.96 2.79
C LEU B 202 -2.11 -22.53 1.38
N GLY B 203 -1.19 -22.21 0.44
CA GLY B 203 -1.33 -22.64 -0.95
C GLY B 203 -1.37 -24.16 -1.10
N ARG B 204 -0.62 -24.87 -0.25
CA ARG B 204 -0.59 -26.33 -0.26
C ARG B 204 -1.91 -26.89 0.28
N VAL B 205 -2.42 -26.34 1.38
CA VAL B 205 -3.67 -26.81 1.98
C VAL B 205 -4.85 -26.53 1.05
N ASP B 206 -4.85 -25.36 0.39
CA ASP B 206 -5.81 -25.04 -0.66
C ASP B 206 -5.82 -26.12 -1.75
N ALA B 207 -4.67 -26.37 -2.37
CA ALA B 207 -4.58 -27.31 -3.48
C ALA B 207 -5.02 -28.71 -3.05
N LEU B 208 -4.62 -29.12 -1.84
CA LEU B 208 -4.97 -30.42 -1.29
C LEU B 208 -6.48 -30.57 -1.14
N MET B 209 -7.15 -29.60 -0.50
CA MET B 209 -8.60 -29.66 -0.34
C MET B 209 -9.31 -29.58 -1.69
N LEU B 210 -8.83 -28.75 -2.62
CA LEU B 210 -9.48 -28.63 -3.91
C LEU B 210 -9.32 -29.88 -4.77
N ARG B 211 -8.23 -30.65 -4.61
CA ARG B 211 -8.08 -31.94 -5.25
C ARG B 211 -9.09 -32.93 -4.68
N LEU B 212 -9.17 -33.00 -3.35
CA LEU B 212 -10.08 -33.90 -2.66
C LEU B 212 -11.54 -33.63 -3.04
N LEU B 213 -11.96 -32.36 -3.04
CA LEU B 213 -13.34 -32.01 -3.40
C LEU B 213 -13.67 -32.41 -4.84
N ARG B 214 -12.73 -32.28 -5.79
CA ARG B 214 -12.94 -32.64 -7.18
C ARG B 214 -13.01 -34.16 -7.41
N THR B 215 -12.46 -35.00 -6.49
CA THR B 215 -12.15 -36.39 -6.84
C THR B 215 -12.72 -37.45 -5.89
N CYS B 216 -13.11 -37.14 -4.64
CA CYS B 216 -13.61 -38.18 -3.75
C CYS B 216 -15.00 -38.65 -4.18
N PRO B 217 -15.26 -39.98 -4.33
CA PRO B 217 -16.55 -40.48 -4.80
C PRO B 217 -17.78 -40.09 -4.00
N ARG B 218 -17.66 -39.99 -2.66
CA ARG B 218 -18.75 -39.48 -1.82
C ARG B 218 -18.21 -38.37 -0.91
N ILE B 219 -18.97 -37.27 -0.81
CA ILE B 219 -18.68 -36.18 0.11
C ILE B 219 -19.89 -35.90 0.99
N ILE B 220 -19.68 -35.71 2.28
CA ILE B 220 -20.70 -35.10 3.12
C ILE B 220 -20.09 -33.91 3.86
N ALA B 221 -20.80 -32.77 3.84
CA ALA B 221 -20.30 -31.53 4.43
C ALA B 221 -21.36 -30.97 5.35
N MET B 222 -21.04 -30.63 6.58
CA MET B 222 -22.03 -30.21 7.58
C MET B 222 -21.51 -29.01 8.38
N ASP B 223 -22.39 -28.02 8.63
CA ASP B 223 -22.14 -26.96 9.60
C ASP B 223 -23.51 -26.40 9.96
N ALA B 224 -23.68 -25.84 11.17
CA ALA B 224 -24.95 -25.20 11.51
C ALA B 224 -25.20 -23.97 10.65
N THR B 225 -24.15 -23.47 9.96
CA THR B 225 -24.24 -22.27 9.14
C THR B 225 -23.79 -22.51 7.70
N ALA B 226 -23.88 -23.75 7.21
CA ALA B 226 -23.57 -24.07 5.83
C ALA B 226 -24.39 -23.15 4.92
N ASN B 227 -23.78 -22.51 3.90
CA ASN B 227 -24.48 -21.46 3.19
C ASN B 227 -24.53 -21.62 1.67
N ALA B 228 -25.26 -20.71 1.00
CA ALA B 228 -25.52 -20.73 -0.43
C ALA B 228 -24.23 -20.71 -1.23
N GLN B 229 -23.19 -20.02 -0.77
CA GLN B 229 -21.95 -20.01 -1.50
C GLN B 229 -21.19 -21.34 -1.42
N LEU B 230 -21.40 -22.12 -0.37
CA LEU B 230 -20.83 -23.46 -0.33
C LEU B 230 -21.58 -24.35 -1.30
N VAL B 231 -22.92 -24.25 -1.35
CA VAL B 231 -23.74 -25.05 -2.25
C VAL B 231 -23.42 -24.70 -3.70
N ASP B 232 -23.24 -23.42 -3.98
CA ASP B 232 -22.79 -22.95 -5.28
C ASP B 232 -21.42 -23.51 -5.65
N PHE B 233 -20.48 -23.51 -4.70
CA PHE B 233 -19.12 -23.96 -4.99
C PHE B 233 -19.10 -25.46 -5.29
N LEU B 234 -19.85 -26.26 -4.51
CA LEU B 234 -19.96 -27.69 -4.74
C LEU B 234 -20.69 -27.99 -6.05
N CYS B 235 -21.72 -27.22 -6.42
CA CYS B 235 -22.29 -27.29 -7.75
C CYS B 235 -21.27 -26.91 -8.82
N GLY B 236 -20.40 -25.95 -8.57
CA GLY B 236 -19.34 -25.62 -9.51
C GLY B 236 -18.34 -26.74 -9.76
N LEU B 237 -17.99 -27.54 -8.73
CA LEU B 237 -17.01 -28.62 -8.88
C LEU B 237 -17.65 -29.90 -9.40
N ARG B 238 -18.93 -30.15 -9.12
CA ARG B 238 -19.53 -31.43 -9.42
C ARG B 238 -20.87 -31.36 -10.16
N GLY B 239 -21.41 -30.17 -10.46
CA GLY B 239 -22.69 -30.04 -11.13
C GLY B 239 -23.89 -30.28 -10.21
N GLU B 240 -24.98 -29.55 -10.50
CA GLU B 240 -26.21 -29.60 -9.74
C GLU B 240 -26.74 -31.02 -9.53
N LYS B 241 -26.65 -31.89 -10.56
CA LYS B 241 -27.28 -33.22 -10.48
C LYS B 241 -26.58 -34.15 -9.48
N ASN B 242 -25.36 -33.79 -9.05
CA ASN B 242 -24.58 -34.60 -8.14
C ASN B 242 -24.61 -34.07 -6.70
N VAL B 243 -25.38 -33.00 -6.43
CA VAL B 243 -25.46 -32.38 -5.11
C VAL B 243 -26.87 -32.55 -4.57
N HIS B 244 -26.96 -32.77 -3.26
CA HIS B 244 -28.21 -32.76 -2.52
C HIS B 244 -28.03 -32.02 -1.21
N VAL B 245 -29.07 -31.36 -0.69
CA VAL B 245 -28.94 -30.52 0.48
C VAL B 245 -29.95 -30.95 1.54
N VAL B 246 -29.52 -31.09 2.80
CA VAL B 246 -30.46 -31.27 3.90
C VAL B 246 -30.53 -30.02 4.79
N VAL B 247 -31.74 -29.52 5.04
CA VAL B 247 -31.94 -28.42 5.97
C VAL B 247 -32.69 -28.93 7.20
N GLY B 248 -32.01 -28.92 8.35
CA GLY B 248 -32.60 -29.29 9.62
C GLY B 248 -33.13 -28.05 10.34
N GLU B 249 -34.28 -28.20 11.00
CA GLU B 249 -34.87 -27.11 11.77
C GLU B 249 -35.35 -27.61 13.12
N TYR B 250 -34.70 -28.65 13.65
CA TYR B 250 -35.05 -29.22 14.93
C TYR B 250 -33.79 -29.38 15.78
N ALA B 251 -33.91 -29.06 17.07
CA ALA B 251 -32.82 -29.29 18.02
C ALA B 251 -33.39 -29.94 19.29
N MET B 252 -32.60 -30.84 19.87
CA MET B 252 -33.10 -31.73 20.90
C MET B 252 -33.40 -30.94 22.18
N PRO B 253 -34.63 -31.07 22.75
CA PRO B 253 -34.96 -30.37 24.00
C PRO B 253 -34.22 -30.96 25.20
N GLY B 254 -34.21 -30.20 26.30
CA GLY B 254 -33.44 -30.57 27.49
C GLY B 254 -32.13 -29.79 27.61
N PHE B 255 -31.55 -29.37 26.46
CA PHE B 255 -30.41 -28.46 26.47
C PHE B 255 -30.57 -27.34 25.42
N SER B 256 -30.86 -27.67 24.14
CA SER B 256 -31.12 -26.64 23.13
C SER B 256 -32.55 -26.10 23.21
N ALA B 257 -33.30 -26.43 24.27
CA ALA B 257 -34.50 -25.68 24.67
C ALA B 257 -34.12 -24.37 25.39
N ARG B 258 -32.86 -23.93 25.21
CA ARG B 258 -32.34 -22.68 25.77
C ARG B 258 -33.15 -21.49 25.30
N ARG B 259 -33.34 -20.51 26.18
CA ARG B 259 -34.07 -19.28 25.89
C ARG B 259 -33.14 -18.09 26.07
N CYS B 260 -33.00 -17.25 25.05
CA CYS B 260 -32.13 -16.09 25.07
C CYS B 260 -32.88 -14.76 25.19
N LEU B 261 -32.42 -13.87 26.09
CA LEU B 261 -33.04 -12.57 26.30
C LEU B 261 -32.00 -11.44 26.23
N PHE B 262 -32.20 -10.48 25.33
CA PHE B 262 -31.37 -9.31 25.25
C PHE B 262 -31.84 -8.26 26.25
N LEU B 263 -30.94 -7.76 27.10
CA LEU B 263 -31.25 -6.78 28.15
C LEU B 263 -30.95 -5.37 27.69
N PRO B 264 -31.81 -4.39 28.05
CA PRO B 264 -31.66 -3.01 27.65
C PRO B 264 -30.72 -2.16 28.47
N ARG B 265 -30.37 -2.60 29.69
CA ARG B 265 -29.55 -1.80 30.59
C ARG B 265 -28.50 -2.67 31.29
N LEU B 266 -27.27 -2.13 31.42
CA LEU B 266 -26.23 -2.79 32.17
C LEU B 266 -26.48 -2.72 33.68
N GLY B 267 -26.94 -1.56 34.21
CA GLY B 267 -27.29 -1.41 35.61
C GLY B 267 -26.07 -1.11 36.49
N THR B 268 -25.17 -0.26 35.99
CA THR B 268 -23.95 0.06 36.71
C THR B 268 -24.24 0.82 38.00
N GLU B 269 -25.44 1.39 38.15
CA GLU B 269 -25.86 2.00 39.42
C GLU B 269 -25.90 0.97 40.55
N LEU B 270 -26.22 -0.30 40.26
CA LEU B 270 -26.26 -1.35 41.26
C LEU B 270 -24.83 -1.81 41.55
N LEU B 271 -24.01 -1.90 40.50
CA LEU B 271 -22.60 -2.25 40.64
C LEU B 271 -21.87 -1.23 41.50
N GLN B 272 -22.10 0.06 41.23
CA GLN B 272 -21.50 1.16 41.96
C GLN B 272 -21.89 1.11 43.44
N ALA B 273 -23.19 0.86 43.70
CA ALA B 273 -23.74 0.76 45.05
C ALA B 273 -23.18 -0.44 45.82
N ALA B 274 -22.80 -1.50 45.10
CA ALA B 274 -22.27 -2.73 45.70
C ALA B 274 -20.77 -2.58 45.98
N LEU B 275 -19.99 -2.12 44.98
CA LEU B 275 -18.54 -2.04 45.09
C LEU B 275 -18.10 -0.80 45.88
N ARG B 276 -19.04 0.08 46.26
CA ARG B 276 -18.86 1.14 47.26
C ARG B 276 -18.24 0.57 48.54
N PRO B 277 -17.21 1.23 49.13
CA PRO B 277 -16.65 0.80 50.42
C PRO B 277 -17.68 0.77 51.55
N PRO B 278 -17.46 -0.05 52.61
CA PRO B 278 -18.40 -0.12 53.74
C PRO B 278 -18.37 1.06 54.72
N GLY B 279 -17.36 1.94 54.61
CA GLY B 279 -17.16 3.06 55.51
C GLY B 279 -18.18 4.19 55.34
N PRO B 280 -18.20 4.91 54.19
CA PRO B 280 -19.00 6.14 54.06
C PRO B 280 -20.51 5.93 53.98
N PRO B 281 -21.32 6.94 54.38
CA PRO B 281 -22.78 6.81 54.43
C PRO B 281 -23.48 6.73 53.07
N SER B 282 -22.94 7.44 52.06
CA SER B 282 -23.39 7.36 50.66
C SER B 282 -24.89 7.63 50.51
N GLY B 283 -25.30 8.87 50.83
CA GLY B 283 -26.70 9.28 50.81
C GLY B 283 -27.36 9.17 49.43
N PRO B 284 -28.71 9.12 49.37
CA PRO B 284 -29.43 8.83 48.13
C PRO B 284 -29.43 9.92 47.06
N SER B 285 -29.72 9.49 45.82
CA SER B 285 -29.76 10.34 44.64
C SER B 285 -30.92 9.94 43.72
N PRO B 286 -31.40 10.84 42.82
CA PRO B 286 -32.53 10.52 41.94
C PRO B 286 -32.26 9.60 40.74
N ASP B 287 -31.00 9.20 40.52
CA ASP B 287 -30.64 8.29 39.44
C ASP B 287 -31.33 6.94 39.61
N ALA B 288 -32.00 6.47 38.53
CA ALA B 288 -32.78 5.23 38.50
C ALA B 288 -33.91 5.24 39.54
N SER B 289 -34.39 6.42 39.96
CA SER B 289 -35.63 6.56 40.70
C SER B 289 -36.83 6.18 39.82
N PRO B 290 -36.94 6.69 38.56
CA PRO B 290 -37.79 6.05 37.55
C PRO B 290 -37.15 4.72 37.10
N ASP B 291 -38.00 3.73 36.76
CA ASP B 291 -37.57 2.35 36.62
C ASP B 291 -36.79 2.12 35.33
N ALA B 292 -36.94 3.02 34.34
CA ALA B 292 -36.41 2.86 32.99
C ALA B 292 -36.70 1.45 32.43
N ARG B 293 -37.86 0.89 32.80
CA ARG B 293 -38.36 -0.43 32.44
C ARG B 293 -37.53 -1.60 32.97
N GLY B 294 -36.53 -1.36 33.84
CA GLY B 294 -35.92 -2.41 34.65
C GLY B 294 -35.04 -3.39 33.87
N ALA B 295 -34.93 -4.61 34.44
CA ALA B 295 -34.18 -5.73 33.88
C ALA B 295 -32.75 -5.32 33.49
N THR B 296 -31.95 -4.93 34.49
CA THR B 296 -30.54 -4.67 34.28
C THR B 296 -29.71 -5.96 34.35
N PHE B 297 -28.54 -5.97 33.71
CA PHE B 297 -27.60 -7.08 33.74
C PHE B 297 -27.24 -7.42 35.18
N PHE B 298 -26.80 -6.42 35.96
CA PHE B 298 -26.33 -6.67 37.32
C PHE B 298 -27.49 -6.96 38.26
N GLY B 299 -28.66 -6.35 38.02
CA GLY B 299 -29.85 -6.63 38.82
C GLY B 299 -30.29 -8.09 38.69
N GLU B 300 -30.40 -8.54 37.45
CA GLU B 300 -30.80 -9.90 37.15
C GLU B 300 -29.77 -10.87 37.69
N LEU B 301 -28.48 -10.52 37.63
CA LEU B 301 -27.41 -11.37 38.15
C LEU B 301 -27.51 -11.49 39.68
N GLU B 302 -27.64 -10.35 40.37
CA GLU B 302 -27.79 -10.32 41.82
C GLU B 302 -28.95 -11.21 42.27
N ALA B 303 -30.08 -11.16 41.55
CA ALA B 303 -31.24 -11.97 41.86
C ALA B 303 -30.92 -13.47 41.83
N ARG B 304 -30.12 -13.93 40.85
CA ARG B 304 -29.76 -15.34 40.77
C ARG B 304 -28.75 -15.68 41.87
N LEU B 305 -27.77 -14.81 42.12
CA LEU B 305 -26.76 -15.11 43.12
C LEU B 305 -27.39 -15.18 44.50
N GLY B 306 -28.22 -14.20 44.87
CA GLY B 306 -28.96 -14.24 46.12
C GLY B 306 -29.93 -15.43 46.22
N GLY B 307 -30.51 -15.82 45.08
CA GLY B 307 -31.44 -16.94 45.00
C GLY B 307 -30.77 -18.31 45.07
N GLY B 308 -29.43 -18.35 45.16
CA GLY B 308 -28.70 -19.59 45.39
C GLY B 308 -28.31 -20.34 44.11
N ASP B 309 -28.49 -19.72 42.94
CA ASP B 309 -28.20 -20.34 41.64
C ASP B 309 -26.69 -20.42 41.37
N ASN B 310 -26.30 -21.32 40.48
CA ASN B 310 -24.95 -21.46 39.97
C ASN B 310 -24.90 -20.85 38.57
N ILE B 311 -23.99 -19.92 38.31
CA ILE B 311 -24.03 -19.08 37.12
C ILE B 311 -22.71 -19.14 36.36
N CYS B 312 -22.74 -19.02 35.04
CA CYS B 312 -21.49 -18.84 34.31
C CYS B 312 -21.62 -17.58 33.45
N ILE B 313 -20.49 -16.87 33.30
CA ILE B 313 -20.53 -15.55 32.69
C ILE B 313 -19.49 -15.50 31.58
N PHE B 314 -19.93 -15.33 30.34
CA PHE B 314 -19.03 -15.00 29.24
C PHE B 314 -18.82 -13.51 29.22
N SER B 315 -17.57 -13.08 29.05
CA SER B 315 -17.31 -11.68 28.76
C SER B 315 -16.40 -11.51 27.56
N SER B 316 -16.72 -10.61 26.65
CA SER B 316 -15.86 -10.27 25.52
C SER B 316 -14.54 -9.66 25.98
N THR B 317 -14.59 -8.88 27.07
CA THR B 317 -13.43 -8.18 27.53
C THR B 317 -13.03 -8.60 28.94
N VAL B 318 -11.71 -8.73 29.15
CA VAL B 318 -11.12 -9.01 30.43
C VAL B 318 -11.38 -7.88 31.41
N SER B 319 -11.33 -6.64 30.92
CA SER B 319 -11.63 -5.48 31.73
C SER B 319 -12.96 -5.65 32.46
N PHE B 320 -13.99 -6.19 31.80
CA PHE B 320 -15.31 -6.36 32.39
C PHE B 320 -15.36 -7.65 33.20
N ALA B 321 -14.71 -8.70 32.72
CA ALA B 321 -14.68 -9.96 33.43
C ALA B 321 -14.21 -9.78 34.88
N GLU B 322 -13.16 -8.97 35.09
CA GLU B 322 -12.61 -8.69 36.40
C GLU B 322 -13.58 -7.86 37.25
N ILE B 323 -14.38 -7.00 36.64
CA ILE B 323 -15.33 -6.20 37.40
C ILE B 323 -16.47 -7.10 37.89
N VAL B 324 -17.03 -7.95 37.02
CA VAL B 324 -18.13 -8.81 37.43
C VAL B 324 -17.61 -9.89 38.40
N ALA B 325 -16.33 -10.27 38.35
CA ALA B 325 -15.75 -11.16 39.35
C ALA B 325 -15.73 -10.50 40.73
N ARG B 326 -15.39 -9.21 40.80
CA ARG B 326 -15.41 -8.45 42.06
C ARG B 326 -16.84 -8.38 42.60
N PHE B 327 -17.82 -8.17 41.71
CA PHE B 327 -19.21 -8.10 42.11
C PHE B 327 -19.67 -9.45 42.67
N CYS B 328 -19.39 -10.55 41.98
CA CYS B 328 -19.79 -11.88 42.42
C CYS B 328 -19.15 -12.30 43.74
N ARG B 329 -17.93 -11.82 44.03
CA ARG B 329 -17.21 -12.15 45.25
C ARG B 329 -17.79 -11.45 46.48
N GLN B 330 -18.85 -10.64 46.32
CA GLN B 330 -19.60 -10.11 47.45
C GLN B 330 -20.68 -11.08 47.91
N PHE B 331 -21.35 -11.73 46.95
CA PHE B 331 -22.47 -12.62 47.23
C PHE B 331 -22.00 -14.05 47.51
N THR B 332 -20.78 -14.41 47.07
CA THR B 332 -20.25 -15.76 47.19
C THR B 332 -18.74 -15.72 47.41
N ASP B 333 -18.17 -16.87 47.79
CA ASP B 333 -16.72 -17.05 47.87
C ASP B 333 -16.19 -17.72 46.61
N ARG B 334 -16.88 -18.77 46.14
CA ARG B 334 -16.34 -19.68 45.13
C ARG B 334 -16.54 -19.18 43.69
N VAL B 335 -15.77 -18.17 43.31
CA VAL B 335 -15.83 -17.54 41.98
C VAL B 335 -14.55 -17.84 41.22
N LEU B 336 -14.66 -18.52 40.09
CA LEU B 336 -13.53 -18.77 39.19
C LEU B 336 -13.48 -17.74 38.06
N LEU B 337 -12.31 -17.32 37.60
CA LEU B 337 -12.18 -16.36 36.51
C LEU B 337 -11.08 -16.83 35.54
N LEU B 338 -11.38 -16.84 34.24
CA LEU B 338 -10.54 -17.43 33.21
C LEU B 338 -10.34 -16.46 32.03
N HIS B 339 -9.07 -16.15 31.78
CA HIS B 339 -8.67 -15.36 30.63
C HIS B 339 -7.21 -15.68 30.30
N SER B 340 -6.69 -15.10 29.21
CA SER B 340 -5.44 -15.54 28.61
C SER B 340 -4.24 -15.42 29.56
N LEU B 341 -4.34 -14.57 30.60
CA LEU B 341 -3.24 -14.37 31.53
C LEU B 341 -3.44 -15.10 32.87
N THR B 342 -4.61 -15.74 33.07
CA THR B 342 -4.79 -16.69 34.17
C THR B 342 -4.18 -18.04 33.80
N PRO B 343 -3.77 -18.87 34.79
CA PRO B 343 -3.44 -20.28 34.51
C PRO B 343 -4.72 -21.04 34.15
N LEU B 344 -4.74 -21.62 32.94
CA LEU B 344 -5.96 -22.14 32.33
C LEU B 344 -6.32 -23.51 32.91
N GLY B 345 -7.12 -23.50 33.98
CA GLY B 345 -7.60 -24.71 34.65
C GLY B 345 -8.61 -25.50 33.82
N ASP B 346 -8.64 -26.82 34.03
CA ASP B 346 -9.40 -27.72 33.20
C ASP B 346 -10.90 -27.60 33.49
N VAL B 347 -11.72 -27.74 32.44
CA VAL B 347 -13.14 -27.46 32.50
C VAL B 347 -13.88 -28.42 33.45
N THR B 348 -13.35 -29.64 33.66
CA THR B 348 -14.00 -30.59 34.55
C THR B 348 -14.09 -30.08 35.98
N THR B 349 -13.23 -29.11 36.35
CA THR B 349 -13.18 -28.56 37.69
C THR B 349 -14.36 -27.61 37.95
N TRP B 350 -15.10 -27.20 36.91
CA TRP B 350 -16.05 -26.11 37.04
C TRP B 350 -17.20 -26.44 38.00
N GLY B 351 -17.51 -27.72 38.20
CA GLY B 351 -18.60 -28.10 39.10
C GLY B 351 -18.35 -27.72 40.57
N GLN B 352 -17.13 -27.25 40.88
CA GLN B 352 -16.76 -26.86 42.24
C GLN B 352 -17.23 -25.45 42.59
N TYR B 353 -17.66 -24.65 41.59
CA TYR B 353 -17.82 -23.21 41.75
C TYR B 353 -19.26 -22.73 41.65
N ARG B 354 -19.60 -21.66 42.34
CA ARG B 354 -20.90 -21.02 42.20
C ARG B 354 -20.93 -20.10 40.99
N VAL B 355 -19.78 -19.50 40.63
CA VAL B 355 -19.69 -18.65 39.46
C VAL B 355 -18.43 -19.00 38.69
N VAL B 356 -18.52 -19.16 37.37
CA VAL B 356 -17.35 -19.22 36.51
C VAL B 356 -17.43 -18.09 35.49
N ILE B 357 -16.42 -17.22 35.47
CA ILE B 357 -16.35 -16.14 34.50
C ILE B 357 -15.29 -16.45 33.47
N TYR B 358 -15.59 -16.39 32.18
CA TYR B 358 -14.60 -16.70 31.16
C TYR B 358 -14.67 -15.79 29.96
N THR B 359 -13.66 -15.90 29.09
CA THR B 359 -13.51 -15.11 27.89
C THR B 359 -13.20 -16.03 26.71
N THR B 360 -12.70 -15.50 25.59
CA THR B 360 -12.57 -16.27 24.37
C THR B 360 -11.54 -17.40 24.52
N VAL B 361 -10.81 -17.50 25.65
CA VAL B 361 -9.87 -18.60 25.89
C VAL B 361 -10.54 -19.97 25.79
N VAL B 362 -11.84 -20.05 26.11
CA VAL B 362 -12.55 -21.32 26.11
C VAL B 362 -13.09 -21.68 24.73
N THR B 363 -13.02 -20.77 23.75
CA THR B 363 -13.42 -21.05 22.37
C THR B 363 -12.58 -22.18 21.77
N VAL B 364 -11.28 -22.22 22.12
CA VAL B 364 -10.36 -23.26 21.63
C VAL B 364 -10.40 -24.48 22.56
N GLY B 365 -10.85 -24.29 23.81
CA GLY B 365 -10.90 -25.37 24.80
C GLY B 365 -12.09 -26.32 24.61
N LEU B 366 -12.16 -27.31 25.52
CA LEU B 366 -13.19 -28.34 25.47
C LEU B 366 -14.48 -27.85 26.14
N SER B 367 -15.58 -28.55 25.84
CA SER B 367 -16.90 -28.24 26.38
C SER B 367 -17.08 -28.82 27.78
N PHE B 368 -17.96 -28.18 28.58
CA PHE B 368 -18.36 -28.70 29.88
C PHE B 368 -19.78 -29.29 29.82
N ASP B 369 -19.90 -30.60 30.13
CA ASP B 369 -21.14 -31.36 29.90
C ASP B 369 -22.03 -31.52 31.15
N PRO B 370 -21.50 -31.74 32.37
CA PRO B 370 -22.35 -31.97 33.56
C PRO B 370 -23.39 -30.91 33.88
N LEU B 371 -24.50 -31.32 34.50
CA LEU B 371 -25.65 -30.44 34.70
C LEU B 371 -25.46 -29.60 35.97
N HIS B 372 -24.50 -28.67 35.92
CA HIS B 372 -24.18 -27.84 37.07
C HIS B 372 -24.86 -26.47 37.03
N PHE B 373 -24.72 -25.73 35.91
CA PHE B 373 -25.11 -24.32 35.86
C PHE B 373 -26.61 -24.14 35.66
N ASP B 374 -27.17 -23.14 36.35
CA ASP B 374 -28.59 -22.87 36.28
C ASP B 374 -28.86 -21.98 35.08
N GLY B 375 -28.02 -20.96 34.88
CA GLY B 375 -28.21 -19.99 33.81
C GLY B 375 -26.89 -19.39 33.34
N MET B 376 -26.91 -18.64 32.23
CA MET B 376 -25.71 -18.07 31.65
C MET B 376 -25.88 -16.58 31.34
N PHE B 377 -24.83 -15.79 31.64
CA PHE B 377 -24.83 -14.37 31.35
C PHE B 377 -23.74 -14.08 30.33
N ALA B 378 -23.98 -13.09 29.48
CA ALA B 378 -23.01 -12.77 28.44
C ALA B 378 -22.91 -11.26 28.30
N TYR B 379 -21.69 -10.73 28.38
CA TYR B 379 -21.43 -9.35 28.02
C TYR B 379 -20.63 -9.33 26.73
N VAL B 380 -21.22 -8.74 25.69
CA VAL B 380 -20.65 -8.77 24.36
C VAL B 380 -20.40 -7.34 23.97
N LYS B 381 -19.22 -7.02 23.49
CA LYS B 381 -18.90 -5.67 23.06
C LYS B 381 -18.17 -5.71 21.73
N PRO B 382 -18.82 -5.49 20.58
CA PRO B 382 -18.11 -5.41 19.31
C PRO B 382 -17.00 -4.37 19.33
N MET B 383 -15.86 -4.71 18.77
CA MET B 383 -14.69 -3.86 18.71
C MET B 383 -13.90 -4.22 17.45
N ASN B 384 -13.24 -3.27 16.78
CA ASN B 384 -12.55 -3.57 15.56
C ASN B 384 -11.47 -4.62 15.79
N TYR B 385 -10.78 -4.62 16.95
CA TYR B 385 -9.77 -5.65 17.13
C TYR B 385 -10.27 -6.82 17.97
N GLY B 386 -11.57 -6.88 18.28
CA GLY B 386 -12.08 -7.92 19.15
C GLY B 386 -12.50 -9.19 18.44
N PRO B 387 -13.08 -10.17 19.18
CA PRO B 387 -13.63 -11.38 18.58
C PRO B 387 -14.85 -11.08 17.71
N ASP B 388 -15.00 -11.83 16.62
CA ASP B 388 -16.18 -11.76 15.79
C ASP B 388 -17.36 -12.43 16.50
N MET B 389 -18.57 -12.19 16.03
CA MET B 389 -19.75 -12.71 16.69
C MET B 389 -19.84 -14.22 16.55
N VAL B 390 -19.26 -14.79 15.53
CA VAL B 390 -19.32 -16.23 15.40
C VAL B 390 -18.45 -16.89 16.48
N SER B 391 -17.25 -16.35 16.76
CA SER B 391 -16.47 -16.73 17.94
C SER B 391 -17.23 -16.61 19.25
N VAL B 392 -17.89 -15.48 19.44
CA VAL B 392 -18.67 -15.28 20.65
C VAL B 392 -19.68 -16.40 20.75
N TYR B 393 -20.35 -16.76 19.65
CA TYR B 393 -21.40 -17.77 19.69
C TYR B 393 -20.80 -19.11 20.15
N GLN B 394 -19.68 -19.50 19.55
CA GLN B 394 -19.00 -20.71 19.92
C GLN B 394 -18.75 -20.72 21.44
N SER B 395 -18.23 -19.63 21.97
CA SER B 395 -17.97 -19.50 23.38
C SER B 395 -19.22 -19.76 24.23
N LEU B 396 -20.34 -19.17 23.86
CA LEU B 396 -21.55 -19.37 24.62
C LEU B 396 -21.90 -20.87 24.61
N GLY B 397 -21.55 -21.55 23.53
CA GLY B 397 -21.86 -22.96 23.38
C GLY B 397 -20.95 -23.89 24.21
N ARG B 398 -20.07 -23.34 25.03
CA ARG B 398 -19.09 -24.15 25.74
C ARG B 398 -19.75 -24.95 26.88
N VAL B 399 -20.65 -24.31 27.64
CA VAL B 399 -21.47 -25.02 28.60
C VAL B 399 -22.65 -25.66 27.89
N ARG B 400 -22.72 -27.01 27.95
CA ARG B 400 -23.68 -27.76 27.15
C ARG B 400 -25.12 -27.48 27.60
N THR B 401 -25.35 -27.62 28.91
CA THR B 401 -26.72 -27.67 29.42
C THR B 401 -26.87 -26.71 30.60
N LEU B 402 -27.93 -25.91 30.56
CA LEU B 402 -28.24 -25.01 31.65
C LEU B 402 -29.58 -25.44 32.25
N ARG B 403 -29.57 -25.67 33.56
CA ARG B 403 -30.63 -26.38 34.25
C ARG B 403 -31.94 -25.58 34.24
N LYS B 404 -31.86 -24.25 34.21
CA LYS B 404 -33.04 -23.40 34.12
C LYS B 404 -33.22 -22.80 32.72
N GLY B 405 -32.25 -23.03 31.82
CA GLY B 405 -32.37 -22.73 30.39
C GLY B 405 -32.10 -21.28 30.00
N GLU B 406 -31.82 -20.41 30.98
CA GLU B 406 -31.73 -18.98 30.73
C GLU B 406 -30.39 -18.60 30.10
N LEU B 407 -30.41 -17.77 29.07
CA LEU B 407 -29.26 -17.02 28.61
C LEU B 407 -29.61 -15.53 28.53
N LEU B 408 -28.84 -14.69 29.23
CA LEU B 408 -29.08 -13.26 29.21
C LEU B 408 -27.90 -12.54 28.59
N ILE B 409 -28.16 -11.69 27.60
CA ILE B 409 -27.12 -11.05 26.84
C ILE B 409 -27.22 -9.55 26.96
N TYR B 410 -26.08 -8.90 27.23
CA TYR B 410 -25.97 -7.47 27.15
C TYR B 410 -24.99 -7.11 26.03
N MET B 411 -25.42 -6.23 25.10
CA MET B 411 -24.58 -5.80 23.99
C MET B 411 -24.14 -4.38 24.25
N ASP B 412 -22.82 -4.16 24.39
CA ASP B 412 -22.29 -2.84 24.65
C ASP B 412 -21.95 -2.18 23.32
N GLY B 413 -22.75 -1.21 22.88
CA GLY B 413 -22.50 -0.62 21.59
C GLY B 413 -21.55 0.56 21.62
N SER B 414 -21.04 0.98 22.79
CA SER B 414 -19.97 1.96 22.78
C SER B 414 -18.74 1.35 22.11
N GLY B 415 -18.10 2.01 21.16
CA GLY B 415 -17.11 1.23 20.41
C GLY B 415 -17.62 0.81 19.04
N ALA B 416 -18.95 0.88 18.84
CA ALA B 416 -19.61 0.31 17.66
C ALA B 416 -20.78 1.18 17.24
N ARG B 417 -20.56 2.51 17.25
CA ARG B 417 -21.64 3.48 17.06
C ARG B 417 -21.78 3.93 15.61
N SER B 418 -21.00 3.34 14.69
CA SER B 418 -21.06 3.71 13.27
C SER B 418 -22.35 3.30 12.57
N GLU B 419 -22.57 3.93 11.42
CA GLU B 419 -23.63 3.58 10.50
C GLU B 419 -23.30 2.24 9.86
N PRO B 420 -24.34 1.46 9.49
CA PRO B 420 -24.17 0.07 9.11
C PRO B 420 -23.41 -0.22 7.85
N VAL B 421 -22.85 -1.42 7.83
CA VAL B 421 -22.19 -2.01 6.70
C VAL B 421 -23.18 -2.87 5.90
N PHE B 422 -24.20 -3.46 6.53
CA PHE B 422 -25.24 -4.17 5.81
C PHE B 422 -26.32 -3.19 5.36
N THR B 423 -25.95 -2.38 4.36
CA THR B 423 -26.82 -1.34 3.82
C THR B 423 -27.82 -1.93 2.83
N PRO B 424 -28.93 -1.22 2.55
CA PRO B 424 -29.85 -1.60 1.47
C PRO B 424 -29.20 -1.71 0.10
N MET B 425 -28.18 -0.87 -0.16
CA MET B 425 -27.51 -0.95 -1.44
C MET B 425 -26.72 -2.25 -1.58
N LEU B 426 -26.12 -2.75 -0.49
CA LEU B 426 -25.39 -4.00 -0.55
C LEU B 426 -26.38 -5.16 -0.78
N LEU B 427 -27.53 -5.15 -0.09
CA LEU B 427 -28.50 -6.18 -0.33
C LEU B 427 -28.97 -6.19 -1.78
N ASN B 428 -29.27 -5.00 -2.35
CA ASN B 428 -29.67 -4.88 -3.75
C ASN B 428 -28.61 -5.48 -4.65
N HIS B 429 -27.33 -5.24 -4.35
CA HIS B 429 -26.24 -5.78 -5.13
C HIS B 429 -26.23 -7.31 -5.07
N VAL B 430 -26.22 -7.85 -3.86
CA VAL B 430 -26.08 -9.27 -3.61
C VAL B 430 -27.27 -10.03 -4.20
N VAL B 431 -28.48 -9.49 -4.09
CA VAL B 431 -29.65 -10.20 -4.60
C VAL B 431 -29.69 -10.15 -6.13
N SER B 432 -29.19 -9.06 -6.73
CA SER B 432 -29.05 -8.93 -8.18
C SER B 432 -28.06 -9.93 -8.76
N SER B 433 -26.96 -10.18 -8.06
CA SER B 433 -25.92 -11.09 -8.52
C SER B 433 -26.20 -12.56 -8.15
N CYS B 434 -27.45 -12.88 -7.81
CA CYS B 434 -27.89 -14.22 -7.47
C CYS B 434 -27.16 -14.78 -6.24
N GLY B 435 -26.90 -13.89 -5.27
CA GLY B 435 -26.34 -14.26 -3.99
C GLY B 435 -24.80 -14.27 -4.00
N GLN B 436 -24.20 -13.67 -5.02
CA GLN B 436 -22.76 -13.56 -5.10
C GLN B 436 -22.33 -12.28 -4.41
N TRP B 437 -21.66 -12.40 -3.26
CA TRP B 437 -21.23 -11.23 -2.49
C TRP B 437 -19.97 -10.59 -3.08
N PRO B 438 -19.82 -9.25 -2.94
CA PRO B 438 -18.58 -8.58 -3.26
C PRO B 438 -17.54 -8.89 -2.19
N ALA B 439 -16.27 -8.92 -2.57
CA ALA B 439 -15.25 -9.38 -1.64
C ALA B 439 -14.88 -8.28 -0.65
N GLN B 440 -15.38 -7.06 -0.84
CA GLN B 440 -15.06 -5.91 0.00
C GLN B 440 -16.21 -4.89 -0.06
N PHE B 441 -16.21 -3.88 0.82
CA PHE B 441 -17.40 -3.07 1.04
C PHE B 441 -17.74 -2.17 -0.14
N SER B 442 -16.74 -1.70 -0.91
CA SER B 442 -17.02 -1.03 -2.18
C SER B 442 -17.49 -2.04 -3.23
N GLN B 443 -18.67 -1.79 -3.82
CA GLN B 443 -19.29 -2.74 -4.75
C GLN B 443 -18.71 -2.59 -6.17
N VAL B 444 -17.39 -2.82 -6.32
CA VAL B 444 -16.69 -2.67 -7.59
C VAL B 444 -15.56 -3.70 -7.70
N THR B 445 -15.31 -4.20 -8.93
CA THR B 445 -14.24 -5.16 -9.19
C THR B 445 -12.93 -4.41 -9.38
N ASP B 462 -8.61 -1.79 -7.53
CA ASP B 462 -8.69 -3.21 -7.09
C ASP B 462 -7.47 -3.97 -7.62
N THR B 463 -6.68 -4.55 -6.69
CA THR B 463 -5.47 -5.30 -7.03
C THR B 463 -5.37 -6.55 -6.16
N SER B 464 -4.66 -7.58 -6.65
CA SER B 464 -4.47 -8.82 -5.92
C SER B 464 -3.34 -8.65 -4.90
N LEU B 465 -3.65 -7.91 -3.82
CA LEU B 465 -2.72 -7.63 -2.73
C LEU B 465 -2.47 -8.88 -1.88
N GLY B 466 -3.54 -9.65 -1.61
CA GLY B 466 -3.45 -10.99 -1.04
C GLY B 466 -3.71 -12.07 -2.09
N ARG B 467 -3.13 -13.27 -1.89
CA ARG B 467 -3.16 -14.35 -2.86
C ARG B 467 -3.75 -15.64 -2.26
N GLY B 468 -4.41 -16.43 -3.13
CA GLY B 468 -4.98 -17.71 -2.75
C GLY B 468 -5.61 -18.44 -3.93
N SER B 469 -6.04 -19.69 -3.71
CA SER B 469 -6.67 -20.49 -4.73
C SER B 469 -8.15 -20.14 -4.87
N ARG B 470 -8.85 -20.96 -5.67
CA ARG B 470 -10.29 -20.92 -5.78
C ARG B 470 -10.91 -20.94 -4.38
N ILE B 471 -10.45 -21.84 -3.49
CA ILE B 471 -11.10 -22.00 -2.20
C ILE B 471 -10.97 -20.70 -1.41
N TYR B 472 -9.76 -20.18 -1.26
CA TYR B 472 -9.56 -18.95 -0.53
C TYR B 472 -10.38 -17.80 -1.11
N ASN B 473 -10.39 -17.60 -2.42
CA ASN B 473 -11.09 -16.48 -3.01
C ASN B 473 -12.61 -16.67 -2.89
N LYS B 474 -13.10 -17.90 -2.86
CA LYS B 474 -14.54 -18.13 -2.92
C LYS B 474 -15.20 -17.63 -1.64
N PHE B 475 -14.55 -17.89 -0.48
CA PHE B 475 -15.12 -17.57 0.82
C PHE B 475 -14.48 -16.36 1.52
N ARG B 476 -13.56 -15.64 0.88
CA ARG B 476 -12.93 -14.46 1.46
C ARG B 476 -13.97 -13.45 1.91
N TYR B 477 -15.10 -13.36 1.23
CA TYR B 477 -16.10 -12.34 1.55
C TYR B 477 -16.59 -12.56 2.96
N LYS B 478 -16.75 -13.82 3.37
CA LYS B 478 -17.36 -14.13 4.66
C LYS B 478 -16.46 -13.63 5.76
N HIS B 479 -15.15 -13.81 5.62
CA HIS B 479 -14.19 -13.31 6.57
C HIS B 479 -14.23 -11.79 6.62
N TYR B 480 -14.30 -11.12 5.47
CA TYR B 480 -14.31 -9.68 5.45
C TYR B 480 -15.53 -9.11 6.18
N PHE B 481 -16.72 -9.61 5.92
CA PHE B 481 -17.90 -9.07 6.54
C PHE B 481 -17.96 -9.47 8.01
N GLU B 482 -17.39 -10.61 8.39
CA GLU B 482 -17.31 -10.98 9.79
C GLU B 482 -16.50 -9.96 10.59
N ARG B 483 -15.42 -9.44 10.01
CA ARG B 483 -14.65 -8.42 10.67
C ARG B 483 -15.27 -7.02 10.55
N CYS B 484 -15.72 -6.56 9.39
CA CYS B 484 -16.25 -5.20 9.24
C CYS B 484 -17.49 -4.92 10.07
N THR B 485 -18.37 -5.89 10.27
CA THR B 485 -19.62 -5.58 10.90
C THR B 485 -19.42 -5.26 12.38
N LEU B 486 -18.25 -5.54 12.95
CA LEU B 486 -17.93 -5.18 14.32
C LEU B 486 -17.95 -3.67 14.54
N ALA B 487 -17.90 -2.91 13.44
CA ALA B 487 -17.93 -1.45 13.49
C ALA B 487 -19.33 -0.97 13.86
N CYS B 488 -20.32 -1.83 13.83
CA CYS B 488 -21.70 -1.38 13.92
C CYS B 488 -22.52 -2.33 14.84
N LEU B 489 -23.18 -1.78 15.84
CA LEU B 489 -23.84 -2.61 16.81
C LEU B 489 -25.06 -3.26 16.18
N SER B 490 -25.79 -2.56 15.34
CA SER B 490 -26.99 -3.08 14.71
C SER B 490 -26.65 -4.33 13.89
N ASP B 491 -25.60 -4.31 13.07
CA ASP B 491 -25.17 -5.44 12.27
C ASP B 491 -24.70 -6.58 13.15
N SER B 492 -23.92 -6.26 14.19
CA SER B 492 -23.41 -7.26 15.11
C SER B 492 -24.54 -7.96 15.82
N LEU B 493 -25.52 -7.21 16.30
CA LEU B 493 -26.66 -7.81 16.98
C LEU B 493 -27.42 -8.74 16.02
N ASN B 494 -27.69 -8.27 14.82
CA ASN B 494 -28.40 -9.06 13.84
C ASN B 494 -27.67 -10.34 13.50
N ILE B 495 -26.37 -10.30 13.32
CA ILE B 495 -25.59 -11.52 13.16
C ILE B 495 -25.73 -12.45 14.37
N LEU B 496 -25.57 -11.99 15.60
CA LEU B 496 -25.66 -12.85 16.77
C LEU B 496 -27.04 -13.46 16.88
N HIS B 497 -28.09 -12.65 16.64
CA HIS B 497 -29.47 -13.10 16.61
C HIS B 497 -29.72 -14.15 15.53
N MET B 498 -29.04 -14.02 14.39
CA MET B 498 -29.15 -14.99 13.32
C MET B 498 -28.58 -16.31 13.77
N LEU B 499 -27.36 -16.27 14.29
CA LEU B 499 -26.66 -17.47 14.70
C LEU B 499 -27.46 -18.20 15.79
N LEU B 500 -28.08 -17.45 16.71
CA LEU B 500 -28.90 -18.08 17.74
C LEU B 500 -30.11 -18.75 17.10
N THR B 501 -30.77 -18.07 16.15
CA THR B 501 -31.96 -18.59 15.50
C THR B 501 -31.66 -19.85 14.67
N LEU B 502 -30.57 -19.87 13.91
CA LEU B 502 -30.15 -21.05 13.17
C LEU B 502 -29.80 -22.23 14.07
N ASN B 503 -29.66 -22.03 15.38
CA ASN B 503 -29.41 -23.11 16.30
C ASN B 503 -30.63 -23.32 17.20
N CYS B 504 -31.79 -22.80 16.79
CA CYS B 504 -33.07 -23.08 17.39
C CYS B 504 -33.22 -22.53 18.81
N ILE B 505 -32.34 -21.61 19.20
CA ILE B 505 -32.49 -20.91 20.47
C ILE B 505 -33.55 -19.84 20.33
N ARG B 506 -34.56 -19.82 21.19
CA ARG B 506 -35.60 -18.80 21.10
C ARG B 506 -35.09 -17.46 21.63
N VAL B 507 -35.04 -16.45 20.79
CA VAL B 507 -34.53 -15.13 21.16
C VAL B 507 -35.67 -14.13 21.39
N ARG B 508 -35.54 -13.36 22.47
CA ARG B 508 -36.47 -12.31 22.86
C ARG B 508 -35.68 -11.05 23.20
N PHE B 509 -36.35 -9.90 23.18
CA PHE B 509 -35.85 -8.67 23.75
C PHE B 509 -36.77 -8.24 24.89
N TRP B 510 -36.23 -7.52 25.88
CA TRP B 510 -37.00 -7.18 27.07
C TRP B 510 -38.20 -6.30 26.69
N GLY B 511 -39.38 -6.68 27.22
CA GLY B 511 -40.61 -5.94 26.98
C GLY B 511 -41.29 -6.26 25.65
N HIS B 512 -40.73 -7.20 24.87
CA HIS B 512 -41.28 -7.58 23.58
C HIS B 512 -41.48 -9.08 23.53
N ASP B 513 -42.65 -9.55 23.96
CA ASP B 513 -42.86 -10.93 24.42
C ASP B 513 -42.84 -11.96 23.29
N ASP B 514 -43.24 -11.60 22.06
CA ASP B 514 -43.33 -12.62 21.01
C ASP B 514 -42.97 -12.11 19.60
N THR B 515 -43.04 -10.79 19.37
CA THR B 515 -42.77 -10.25 18.03
C THR B 515 -42.19 -8.84 18.18
N LEU B 516 -41.32 -8.51 17.23
CA LEU B 516 -40.57 -7.26 17.27
C LEU B 516 -40.56 -6.66 15.88
N THR B 517 -41.32 -5.56 15.70
CA THR B 517 -41.36 -4.89 14.42
C THR B 517 -40.11 -4.03 14.26
N PRO B 518 -39.72 -3.67 13.02
CA PRO B 518 -38.54 -2.83 12.80
C PRO B 518 -38.47 -1.57 13.66
N LYS B 519 -39.61 -0.91 13.93
CA LYS B 519 -39.61 0.27 14.78
C LYS B 519 -39.28 -0.09 16.23
N ASP B 520 -39.78 -1.24 16.70
CA ASP B 520 -39.52 -1.70 18.06
C ASP B 520 -38.03 -2.01 18.24
N PHE B 521 -37.44 -2.66 17.24
CA PHE B 521 -36.01 -2.93 17.23
C PHE B 521 -35.21 -1.63 17.28
N CYS B 522 -35.54 -0.66 16.44
CA CYS B 522 -34.80 0.60 16.42
C CYS B 522 -34.92 1.36 17.74
N LEU B 523 -36.07 1.25 18.42
CA LEU B 523 -36.24 1.84 19.74
C LEU B 523 -35.34 1.12 20.74
N PHE B 524 -35.32 -0.21 20.69
CA PHE B 524 -34.48 -0.99 21.61
C PHE B 524 -33.00 -0.62 21.44
N LEU B 525 -32.53 -0.57 20.19
CA LEU B 525 -31.18 -0.16 19.90
C LEU B 525 -30.86 1.24 20.42
N ARG B 526 -31.77 2.18 20.23
CA ARG B 526 -31.53 3.55 20.68
C ARG B 526 -31.36 3.58 22.20
N GLY B 527 -32.11 2.74 22.91
CA GLY B 527 -32.01 2.62 24.35
C GLY B 527 -30.67 2.05 24.77
N VAL B 528 -30.28 0.95 24.13
CA VAL B 528 -29.00 0.28 24.40
C VAL B 528 -27.85 1.23 24.14
N HIS B 529 -27.84 1.91 23.01
CA HIS B 529 -26.72 2.75 22.68
C HIS B 529 -26.57 3.90 23.68
N PHE B 530 -27.68 4.37 24.26
CA PHE B 530 -27.61 5.40 25.28
C PHE B 530 -27.02 4.82 26.56
N ASP B 531 -27.61 3.73 27.07
CA ASP B 531 -27.15 3.11 28.30
C ASP B 531 -25.68 2.71 28.23
N ALA B 532 -25.27 2.10 27.12
CA ALA B 532 -23.91 1.66 26.91
C ALA B 532 -22.94 2.83 27.00
N LEU B 533 -23.29 3.98 26.44
CA LEU B 533 -22.43 5.14 26.43
C LEU B 533 -22.40 5.81 27.80
N ARG B 534 -23.55 5.82 28.49
CA ARG B 534 -23.65 6.33 29.85
C ARG B 534 -22.76 5.54 30.79
N ALA B 535 -22.79 4.21 30.70
CA ALA B 535 -22.16 3.31 31.65
C ALA B 535 -20.64 3.31 31.56
N GLN B 536 -20.01 3.81 30.48
CA GLN B 536 -18.57 3.71 30.33
C GLN B 536 -17.81 4.44 31.45
N ARG B 537 -18.34 5.59 31.92
CA ARG B 537 -17.71 6.35 32.98
C ARG B 537 -17.65 5.52 34.27
N ASP B 538 -18.71 4.76 34.57
CA ASP B 538 -18.77 3.90 35.74
C ASP B 538 -17.72 2.80 35.67
N LEU B 539 -17.57 2.20 34.49
CA LEU B 539 -16.60 1.14 34.31
C LEU B 539 -15.17 1.68 34.35
N ARG B 540 -14.94 2.93 33.93
CA ARG B 540 -13.62 3.55 34.03
C ARG B 540 -13.26 3.88 35.48
N GLU B 541 -14.25 4.37 36.25
CA GLU B 541 -14.08 4.61 37.68
C GLU B 541 -13.77 3.31 38.41
N LEU B 542 -14.53 2.25 38.09
CA LEU B 542 -14.42 0.99 38.79
C LEU B 542 -13.26 0.13 38.29
N ARG B 543 -12.48 0.56 37.29
CA ARG B 543 -11.32 -0.20 36.84
C ARG B 543 -10.42 -0.40 38.06
N CYS B 544 -9.74 -1.56 38.12
CA CYS B 544 -9.23 -2.11 39.37
C CYS B 544 -8.13 -1.28 40.05
N ARG B 545 -7.44 -0.38 39.31
CA ARG B 545 -6.36 0.47 39.80
C ARG B 545 -5.09 -0.33 40.15
N ASP B 546 -4.92 -1.49 39.48
CA ASP B 546 -3.73 -2.33 39.51
C ASP B 546 -3.26 -2.76 40.91
N PRO B 547 -4.09 -3.47 41.73
CA PRO B 547 -3.60 -4.27 42.85
C PRO B 547 -3.04 -5.59 42.33
N GLU B 548 -1.98 -5.48 41.51
CA GLU B 548 -1.42 -6.56 40.69
C GLU B 548 -2.47 -7.15 39.73
N ALA B 549 -3.55 -6.40 39.44
CA ALA B 549 -4.68 -6.88 38.67
C ALA B 549 -4.44 -6.69 37.16
N SER B 550 -3.54 -7.49 36.59
CA SER B 550 -3.57 -7.91 35.19
C SER B 550 -3.67 -6.76 34.17
N LEU B 551 -2.85 -5.71 34.34
CA LEU B 551 -2.74 -4.59 33.41
C LEU B 551 -2.53 -5.03 31.96
N PRO B 552 -1.70 -6.05 31.62
CA PRO B 552 -1.46 -6.39 30.23
C PRO B 552 -2.69 -6.75 29.41
N ALA B 553 -3.67 -7.42 30.02
CA ALA B 553 -4.89 -7.73 29.31
C ALA B 553 -5.72 -6.46 29.13
N GLN B 554 -5.82 -5.62 30.16
CA GLN B 554 -6.61 -4.41 30.07
C GLN B 554 -6.00 -3.40 29.08
N ALA B 555 -4.68 -3.37 28.93
CA ALA B 555 -4.01 -2.55 27.93
C ALA B 555 -4.22 -3.05 26.51
N ALA B 556 -4.14 -4.35 26.32
CA ALA B 556 -4.33 -4.99 25.02
C ALA B 556 -5.74 -4.81 24.41
N GLU B 557 -6.75 -4.49 25.21
CA GLU B 557 -8.09 -4.23 24.71
C GLU B 557 -8.27 -2.77 24.26
N THR B 558 -7.21 -1.96 24.30
CA THR B 558 -7.23 -0.59 23.76
C THR B 558 -7.01 -0.60 22.24
N GLU B 559 -7.79 0.20 21.51
CA GLU B 559 -7.70 0.27 20.06
C GLU B 559 -6.36 0.86 19.64
N GLU B 560 -5.88 1.85 20.37
CA GLU B 560 -4.59 2.46 20.10
C GLU B 560 -3.45 1.44 20.17
N VAL B 561 -3.58 0.48 21.06
CA VAL B 561 -2.55 -0.50 21.25
C VAL B 561 -2.67 -1.52 20.13
N GLY B 562 -3.86 -1.92 19.76
CA GLY B 562 -4.01 -2.85 18.64
C GLY B 562 -3.38 -2.29 17.39
N LEU B 563 -3.65 -1.02 17.17
CA LEU B 563 -3.18 -0.30 16.00
C LEU B 563 -1.68 -0.12 15.99
N PHE B 564 -1.09 0.19 17.16
CA PHE B 564 0.36 0.18 17.35
C PHE B 564 0.99 -1.15 17.04
N VAL B 565 0.46 -2.21 17.58
CA VAL B 565 1.00 -3.54 17.35
C VAL B 565 0.95 -3.88 15.88
N GLU B 566 -0.13 -3.55 15.17
CA GLU B 566 -0.26 -3.86 13.75
C GLU B 566 0.82 -3.17 12.91
N LYS B 567 1.19 -1.93 13.26
CA LYS B 567 2.13 -1.14 12.51
C LYS B 567 3.57 -1.55 12.81
N TYR B 568 3.94 -1.65 14.09
CA TYR B 568 5.34 -1.82 14.42
C TYR B 568 5.77 -3.24 14.77
N LEU B 569 4.92 -4.02 15.42
CA LEU B 569 5.33 -5.23 16.16
C LEU B 569 4.93 -6.52 15.44
N ARG B 570 5.42 -7.65 15.91
CA ARG B 570 4.99 -8.96 15.43
C ARG B 570 3.64 -9.30 16.06
N SER B 571 2.81 -10.06 15.36
CA SER B 571 1.43 -10.34 15.76
C SER B 571 1.37 -11.23 17.00
N ASP B 572 2.42 -12.04 17.20
CA ASP B 572 2.41 -13.14 18.15
C ASP B 572 3.02 -12.78 19.49
N VAL B 573 3.30 -11.50 19.75
CA VAL B 573 3.93 -11.12 21.00
C VAL B 573 2.88 -11.09 22.12
N ALA B 574 3.35 -11.37 23.35
CA ALA B 574 2.43 -11.48 24.47
C ALA B 574 2.16 -10.10 25.01
N PRO B 575 0.93 -9.80 25.46
CA PRO B 575 0.62 -8.52 26.08
C PRO B 575 1.57 -8.08 27.19
N ALA B 576 2.18 -9.02 27.91
CA ALA B 576 3.13 -8.66 28.95
C ALA B 576 4.40 -8.01 28.40
N GLU B 577 4.83 -8.46 27.20
CA GLU B 577 5.98 -7.86 26.54
C GLU B 577 5.62 -6.47 26.00
N ILE B 578 4.36 -6.27 25.58
CA ILE B 578 3.91 -4.99 25.10
C ILE B 578 3.88 -3.97 26.23
N VAL B 579 3.39 -4.32 27.40
CA VAL B 579 3.40 -3.38 28.50
C VAL B 579 4.84 -3.01 28.83
N ALA B 580 5.77 -3.96 28.78
CA ALA B 580 7.17 -3.63 29.03
C ALA B 580 7.75 -2.62 28.03
N LEU B 581 7.36 -2.73 26.76
CA LEU B 581 7.74 -1.77 25.74
C LEU B 581 7.06 -0.43 25.99
N MET B 582 5.77 -0.42 26.27
CA MET B 582 5.05 0.84 26.44
C MET B 582 5.52 1.63 27.67
N ARG B 583 6.06 0.95 28.67
CA ARG B 583 6.66 1.63 29.81
C ARG B 583 7.95 2.33 29.39
N ASN B 584 8.71 1.72 28.48
CA ASN B 584 9.95 2.30 27.99
C ASN B 584 9.70 3.52 27.09
N LEU B 585 8.68 3.38 26.22
CA LEU B 585 8.24 4.43 25.32
C LEU B 585 7.82 5.72 25.99
N ASN B 586 7.52 5.68 27.28
CA ASN B 586 7.08 6.87 27.99
C ASN B 586 8.20 7.87 28.14
N SER B 587 9.43 7.40 28.34
CA SER B 587 10.60 8.27 28.39
C SER B 587 10.97 8.77 27.01
N LEU B 588 11.37 10.04 26.87
CA LEU B 588 11.70 10.57 25.56
C LEU B 588 12.96 9.90 24.96
N MET B 589 13.89 9.47 25.81
CA MET B 589 15.05 8.70 25.37
C MET B 589 14.64 7.34 24.84
N GLY B 590 13.82 6.62 25.58
CA GLY B 590 13.35 5.30 25.17
C GLY B 590 12.55 5.32 23.86
N ARG B 591 11.72 6.33 23.75
CA ARG B 591 10.91 6.54 22.57
C ARG B 591 11.81 6.88 21.38
N THR B 592 12.85 7.69 21.57
CA THR B 592 13.74 8.04 20.47
C THR B 592 14.46 6.81 19.95
N ARG B 593 15.01 6.00 20.85
CA ARG B 593 15.70 4.78 20.45
C ARG B 593 14.76 3.83 19.72
N PHE B 594 13.51 3.68 20.19
CA PHE B 594 12.56 2.80 19.56
C PHE B 594 12.33 3.23 18.12
N ILE B 595 12.11 4.52 17.88
CA ILE B 595 11.85 4.99 16.55
C ILE B 595 13.08 4.84 15.65
N TYR B 596 14.28 5.21 16.13
CA TYR B 596 15.50 4.95 15.36
C TYR B 596 15.60 3.48 14.95
N LEU B 597 15.38 2.55 15.89
CA LEU B 597 15.48 1.14 15.59
C LEU B 597 14.40 0.63 14.63
N ALA B 598 13.20 1.12 14.73
CA ALA B 598 12.15 0.80 13.79
C ALA B 598 12.48 1.29 12.38
N LEU B 599 13.09 2.50 12.26
CA LEU B 599 13.51 3.06 10.99
C LEU B 599 14.61 2.20 10.38
N LEU B 600 15.57 1.75 11.19
CA LEU B 600 16.65 0.92 10.71
C LEU B 600 16.06 -0.34 10.11
N GLU B 601 15.16 -1.01 10.80
CA GLU B 601 14.57 -2.22 10.26
C GLU B 601 13.81 -1.93 8.96
N ALA B 602 13.11 -0.80 8.85
CA ALA B 602 12.45 -0.44 7.60
C ALA B 602 13.46 -0.24 6.48
N CYS B 603 14.59 0.43 6.74
CA CYS B 603 15.66 0.57 5.77
C CYS B 603 16.23 -0.76 5.27
N LEU B 604 16.29 -1.78 6.12
CA LEU B 604 16.69 -3.11 5.70
C LEU B 604 15.58 -3.81 4.89
N ARG B 605 14.31 -3.56 5.19
CA ARG B 605 13.20 -4.09 4.42
C ARG B 605 13.02 -3.42 3.05
N VAL B 606 13.25 -2.11 2.93
CA VAL B 606 12.97 -1.33 1.73
C VAL B 606 14.26 -0.69 1.28
N PRO B 607 15.14 -1.39 0.54
CA PRO B 607 16.49 -0.86 0.29
C PRO B 607 16.57 0.40 -0.57
N MET B 608 15.53 0.72 -1.36
CA MET B 608 15.52 2.02 -2.03
C MET B 608 15.43 3.18 -1.04
N ALA B 609 14.96 2.98 0.21
CA ALA B 609 14.92 4.02 1.21
C ALA B 609 16.31 4.54 1.51
N THR B 610 17.33 3.70 1.33
CA THR B 610 18.71 4.06 1.57
C THR B 610 19.26 4.86 0.39
N ARG B 611 18.45 5.07 -0.67
CA ARG B 611 18.93 5.59 -1.96
C ARG B 611 18.16 6.81 -2.42
N SER B 612 16.85 6.77 -2.35
CA SER B 612 16.02 7.88 -2.74
C SER B 612 15.54 8.68 -1.54
N SER B 613 15.83 9.97 -1.49
CA SER B 613 15.34 10.78 -0.40
C SER B 613 13.81 10.90 -0.46
N ALA B 614 13.22 10.76 -1.63
CA ALA B 614 11.78 10.79 -1.71
C ALA B 614 11.19 9.58 -1.00
N ILE B 615 11.74 8.38 -1.27
CA ILE B 615 11.29 7.18 -0.63
C ILE B 615 11.59 7.20 0.85
N PHE B 616 12.74 7.74 1.26
CA PHE B 616 13.02 7.83 2.68
C PHE B 616 11.99 8.69 3.38
N ARG B 617 11.59 9.81 2.76
CA ARG B 617 10.57 10.68 3.36
C ARG B 617 9.23 9.94 3.51
N ARG B 618 8.86 9.05 2.63
CA ARG B 618 7.64 8.30 2.81
C ARG B 618 7.80 7.32 3.97
N ILE B 619 8.92 6.62 4.13
CA ILE B 619 9.13 5.71 5.26
C ILE B 619 9.20 6.51 6.57
N TYR B 620 9.83 7.68 6.60
CA TYR B 620 9.98 8.45 7.81
C TYR B 620 8.61 8.94 8.26
N ASP B 621 7.84 9.49 7.34
CA ASP B 621 6.52 10.02 7.62
C ASP B 621 5.62 8.97 8.19
N HIS B 622 5.83 7.73 7.80
CA HIS B 622 5.00 6.62 8.20
C HIS B 622 5.36 6.01 9.53
N TYR B 623 6.64 5.82 9.82
CA TYR B 623 7.08 5.14 11.00
C TYR B 623 7.44 6.12 12.08
N ALA B 624 7.78 7.37 11.78
CA ALA B 624 8.47 8.20 12.76
C ALA B 624 7.70 9.46 13.06
N THR B 625 6.42 9.45 12.72
CA THR B 625 5.52 10.57 12.91
C THR B 625 4.17 9.97 13.20
N GLY B 626 3.39 10.64 14.03
CA GLY B 626 2.06 10.16 14.42
C GLY B 626 1.97 10.01 15.93
N VAL B 627 1.25 9.01 16.40
CA VAL B 627 0.90 8.91 17.80
C VAL B 627 1.16 7.49 18.28
N ILE B 628 1.72 7.33 19.47
CA ILE B 628 2.02 5.99 19.98
C ILE B 628 1.55 5.90 21.42
N PRO B 629 1.11 4.70 21.88
CA PRO B 629 0.68 4.50 23.26
C PRO B 629 1.83 4.29 24.21
N THR B 630 1.78 4.85 25.40
CA THR B 630 2.82 4.66 26.40
C THR B 630 2.15 4.41 27.74
N ILE B 631 2.89 3.92 28.71
CA ILE B 631 2.39 3.75 30.07
C ILE B 631 3.23 4.61 30.99
N ASN B 632 2.58 5.52 31.70
CA ASN B 632 3.26 6.48 32.56
C ASN B 632 3.62 5.86 33.91
N VAL B 633 4.26 6.65 34.78
CA VAL B 633 4.78 6.11 36.04
C VAL B 633 3.67 5.61 36.95
N THR B 634 2.47 6.22 36.81
CA THR B 634 1.27 5.87 37.57
C THR B 634 0.72 4.51 37.11
N GLY B 635 1.07 4.06 35.91
CA GLY B 635 0.59 2.79 35.40
C GLY B 635 -0.59 2.95 34.44
N GLU B 636 -0.95 4.22 34.15
CA GLU B 636 -2.05 4.53 33.24
C GLU B 636 -1.53 4.64 31.81
N LEU B 637 -2.37 4.27 30.84
CA LEU B 637 -2.07 4.41 29.43
C LEU B 637 -2.19 5.87 29.01
N GLU B 638 -1.29 6.29 28.12
CA GLU B 638 -1.10 7.70 27.77
C GLU B 638 -0.55 7.81 26.35
N LEU B 639 -1.30 8.44 25.43
CA LEU B 639 -0.85 8.64 24.07
C LEU B 639 0.15 9.78 23.99
N VAL B 640 1.10 9.63 23.07
CA VAL B 640 2.18 10.60 22.92
C VAL B 640 2.43 10.84 21.43
N ALA B 641 2.61 12.11 21.07
CA ALA B 641 2.89 12.49 19.70
C ALA B 641 4.37 12.35 19.33
N LEU B 642 4.59 11.93 18.08
CA LEU B 642 5.87 11.96 17.45
C LEU B 642 5.77 13.10 16.43
N PRO B 643 6.33 14.29 16.74
CA PRO B 643 6.14 15.47 15.91
C PRO B 643 6.94 15.39 14.62
N PRO B 644 6.40 15.87 13.49
CA PRO B 644 7.10 15.81 12.19
C PRO B 644 8.28 16.75 12.10
N THR B 645 9.23 16.35 11.27
CA THR B 645 10.56 16.95 11.12
C THR B 645 10.63 17.59 9.74
N LEU B 646 11.03 18.86 9.70
CA LEU B 646 11.11 19.58 8.44
C LEU B 646 12.33 19.13 7.62
N ASN B 647 13.47 18.89 8.26
CA ASN B 647 14.64 18.43 7.55
C ASN B 647 15.10 17.07 8.06
N VAL B 648 14.82 16.00 7.30
CA VAL B 648 15.21 14.67 7.73
C VAL B 648 16.58 14.27 7.21
N THR B 649 17.29 15.18 6.56
CA THR B 649 18.54 14.83 5.90
C THR B 649 19.56 14.30 6.90
N PRO B 650 19.80 14.93 8.07
CA PRO B 650 20.72 14.41 9.09
C PRO B 650 20.40 13.00 9.52
N VAL B 651 19.10 12.67 9.65
CA VAL B 651 18.70 11.34 10.08
C VAL B 651 18.96 10.35 8.96
N TRP B 652 18.65 10.74 7.74
CA TRP B 652 18.78 9.84 6.62
C TRP B 652 20.22 9.46 6.38
N GLU B 653 21.12 10.45 6.45
CA GLU B 653 22.55 10.24 6.28
C GLU B 653 23.02 9.18 7.26
N LEU B 654 22.68 9.35 8.51
CA LEU B 654 23.07 8.41 9.55
C LEU B 654 22.46 7.01 9.39
N LEU B 655 21.19 6.91 9.04
CA LEU B 655 20.58 5.63 8.78
C LEU B 655 21.14 4.92 7.56
N CYS B 656 21.61 5.67 6.56
CA CYS B 656 22.28 5.04 5.44
C CYS B 656 23.56 4.37 5.89
N LEU B 657 24.35 5.09 6.70
CA LEU B 657 25.58 4.57 7.22
C LEU B 657 25.34 3.37 8.14
N CYS B 658 24.26 3.35 8.89
CA CYS B 658 23.98 2.24 9.78
C CYS B 658 23.34 1.07 9.06
N SER B 659 22.55 1.31 8.02
CA SER B 659 21.95 0.20 7.28
C SER B 659 23.02 -0.66 6.59
N THR B 660 24.06 -0.06 6.04
CA THR B 660 25.11 -0.83 5.39
C THR B 660 25.84 -1.64 6.46
N MET B 661 26.20 -0.99 7.53
CA MET B 661 26.97 -1.61 8.58
C MET B 661 26.16 -2.78 9.15
N ALA B 662 24.87 -2.57 9.36
CA ALA B 662 24.01 -3.59 9.95
C ALA B 662 23.91 -4.78 9.03
N ALA B 663 23.75 -4.54 7.73
CA ALA B 663 23.61 -5.63 6.78
C ALA B 663 24.88 -6.50 6.79
N ARG B 664 26.05 -5.86 6.86
CA ARG B 664 27.32 -6.57 6.92
C ARG B 664 27.41 -7.42 8.18
N LEU B 665 26.78 -6.97 9.27
CA LEU B 665 26.81 -7.67 10.55
C LEU B 665 25.64 -8.63 10.66
N HIS B 666 24.89 -8.80 9.57
CA HIS B 666 23.75 -9.70 9.58
C HIS B 666 22.84 -9.38 10.75
N TRP B 667 22.32 -8.14 10.78
CA TRP B 667 21.50 -7.67 11.88
C TRP B 667 20.04 -8.13 11.72
N ASP B 668 19.42 -8.53 12.85
CA ASP B 668 18.00 -8.88 12.93
C ASP B 668 17.55 -8.73 14.37
N SER B 669 16.73 -7.72 14.67
CA SER B 669 16.37 -7.40 16.04
C SER B 669 15.64 -8.58 16.67
N ALA B 670 14.82 -9.25 15.89
CA ALA B 670 14.11 -10.43 16.38
C ALA B 670 15.13 -11.48 16.84
N ALA B 671 16.08 -11.82 15.96
CA ALA B 671 17.13 -12.76 16.29
C ALA B 671 18.05 -12.24 17.41
N GLY B 672 17.82 -11.03 17.90
CA GLY B 672 18.53 -10.55 19.08
C GLY B 672 19.66 -9.58 18.78
N GLY B 673 19.98 -9.34 17.50
CA GLY B 673 21.05 -8.43 17.15
C GLY B 673 21.87 -8.91 15.94
N SER B 674 23.20 -8.83 16.03
CA SER B 674 24.07 -9.20 14.93
C SER B 674 24.16 -10.72 14.78
N GLY B 675 23.95 -11.21 13.56
CA GLY B 675 24.17 -12.62 13.27
C GLY B 675 25.65 -12.98 13.34
N ARG B 676 26.52 -12.09 12.86
CA ARG B 676 27.95 -12.31 12.93
C ARG B 676 28.50 -11.90 14.29
N THR B 677 29.59 -12.59 14.71
CA THR B 677 30.53 -12.06 15.69
C THR B 677 31.57 -11.24 14.94
N PHE B 678 32.19 -10.29 15.65
CA PHE B 678 33.17 -9.40 15.04
C PHE B 678 34.16 -8.95 16.11
N GLY B 679 35.37 -8.55 15.66
CA GLY B 679 36.38 -8.06 16.58
C GLY B 679 36.69 -6.59 16.32
N PRO B 680 37.59 -5.97 17.12
CA PRO B 680 37.94 -4.56 16.93
C PRO B 680 38.64 -4.26 15.61
N ASP B 681 39.19 -5.28 14.93
CA ASP B 681 39.72 -5.10 13.59
C ASP B 681 38.59 -4.94 12.56
N ASP B 682 37.51 -5.72 12.71
CA ASP B 682 36.37 -5.60 11.82
C ASP B 682 35.71 -4.22 11.96
N VAL B 683 35.66 -3.70 13.19
CA VAL B 683 35.01 -2.42 13.47
C VAL B 683 35.68 -1.30 12.68
N LEU B 684 37.00 -1.30 12.64
CA LEU B 684 37.73 -0.30 11.86
C LEU B 684 37.42 -0.46 10.37
N ASP B 685 37.32 -1.70 9.87
CA ASP B 685 36.97 -1.96 8.47
C ASP B 685 35.53 -1.54 8.12
N LEU B 686 34.60 -1.59 9.08
CA LEU B 686 33.23 -1.15 8.86
C LEU B 686 33.16 0.37 8.73
N LEU B 687 33.84 1.10 9.62
CA LEU B 687 33.77 2.55 9.65
C LEU B 687 34.65 3.24 8.59
N THR B 688 35.84 2.70 8.26
CA THR B 688 36.88 3.48 7.58
C THR B 688 36.46 4.03 6.21
N PRO B 689 35.63 3.37 5.36
CA PRO B 689 35.19 3.98 4.10
C PRO B 689 34.50 5.33 4.24
N HIS B 690 33.87 5.59 5.40
CA HIS B 690 33.07 6.79 5.62
C HIS B 690 33.35 7.43 6.98
N TYR B 691 34.57 7.26 7.50
CA TYR B 691 34.89 7.65 8.87
C TYR B 691 34.63 9.14 9.10
N ASP B 692 35.01 9.97 8.12
CA ASP B 692 34.83 11.42 8.23
C ASP B 692 33.35 11.79 8.29
N ARG B 693 32.50 11.02 7.59
CA ARG B 693 31.06 11.22 7.61
C ARG B 693 30.47 10.81 8.95
N TYR B 694 30.86 9.65 9.49
CA TYR B 694 30.37 9.24 10.81
C TYR B 694 30.74 10.29 11.84
N MET B 695 32.00 10.76 11.82
CA MET B 695 32.48 11.79 12.71
C MET B 695 31.70 13.09 12.56
N GLN B 696 31.51 13.54 11.31
CA GLN B 696 30.80 14.78 11.03
C GLN B 696 29.32 14.69 11.45
N LEU B 697 28.66 13.57 11.15
CA LEU B 697 27.24 13.39 11.46
C LEU B 697 26.98 13.27 12.95
N VAL B 698 27.82 12.54 13.69
CA VAL B 698 27.63 12.43 15.13
C VAL B 698 27.96 13.77 15.79
N PHE B 699 28.93 14.52 15.24
CA PHE B 699 29.24 15.87 15.71
C PHE B 699 28.05 16.80 15.47
N GLU B 700 27.53 16.84 14.23
CA GLU B 700 26.42 17.71 13.86
C GLU B 700 25.16 17.33 14.63
N LEU B 701 24.91 16.03 14.83
CA LEU B 701 23.80 15.55 15.65
C LEU B 701 23.94 16.03 17.10
N GLY B 702 25.18 16.14 17.60
CA GLY B 702 25.44 16.74 18.91
C GLY B 702 25.16 18.25 18.96
N HIS B 703 25.50 18.98 17.88
CA HIS B 703 25.55 20.44 17.89
C HIS B 703 24.48 21.07 17.00
N CYS B 704 23.37 20.36 16.77
CA CYS B 704 22.29 20.86 15.92
C CYS B 704 21.63 22.08 16.56
N ASN B 705 21.51 23.15 15.78
CA ASN B 705 21.05 24.45 16.25
C ASN B 705 19.52 24.49 16.42
N VAL B 706 18.80 23.51 15.85
CA VAL B 706 17.33 23.54 15.78
C VAL B 706 16.73 22.23 16.29
N THR B 707 15.58 22.35 17.00
CA THR B 707 14.90 21.24 17.65
C THR B 707 13.86 20.62 16.72
N ASP B 708 14.32 20.03 15.61
CA ASP B 708 13.45 19.69 14.49
C ASP B 708 12.81 18.29 14.66
N GLY B 709 11.77 18.22 15.51
CA GLY B 709 11.06 16.97 15.75
C GLY B 709 11.76 16.11 16.81
N LEU B 710 11.37 14.83 16.89
CA LEU B 710 11.75 13.97 18.00
C LEU B 710 13.24 13.63 18.01
N LEU B 711 13.76 13.21 16.84
CA LEU B 711 15.10 12.66 16.74
C LEU B 711 16.18 13.75 16.82
N LEU B 712 15.80 15.04 16.71
CA LEU B 712 16.72 16.17 16.90
C LEU B 712 16.29 17.05 18.07
N SER B 713 15.60 16.47 19.07
CA SER B 713 15.15 17.17 20.27
C SER B 713 16.33 17.54 21.18
N GLU B 714 16.09 18.41 22.18
CA GLU B 714 17.14 18.95 23.04
C GLU B 714 17.91 17.85 23.79
N GLU B 715 17.20 16.87 24.37
CA GLU B 715 17.87 15.80 25.12
C GLU B 715 18.73 14.94 24.20
N ALA B 716 18.23 14.66 22.99
CA ALA B 716 18.91 13.81 22.02
C ALA B 716 20.24 14.45 21.58
N VAL B 717 20.21 15.73 21.19
CA VAL B 717 21.40 16.40 20.71
C VAL B 717 22.38 16.60 21.87
N LYS B 718 21.88 16.95 23.07
CA LYS B 718 22.72 17.16 24.24
C LYS B 718 23.47 15.87 24.59
N ARG B 719 22.76 14.74 24.68
CA ARG B 719 23.37 13.48 25.09
C ARG B 719 24.33 12.95 24.02
N VAL B 720 24.10 13.22 22.74
CA VAL B 720 25.05 12.85 21.70
C VAL B 720 26.31 13.71 21.80
N ALA B 721 26.18 15.02 22.07
CA ALA B 721 27.34 15.86 22.30
C ALA B 721 28.15 15.41 23.52
N ASP B 722 27.46 15.07 24.62
CA ASP B 722 28.10 14.53 25.82
C ASP B 722 28.89 13.25 25.50
N ALA B 723 28.25 12.31 24.79
CA ALA B 723 28.89 11.04 24.44
C ALA B 723 30.09 11.28 23.52
N LEU B 724 29.92 12.11 22.48
CA LEU B 724 30.96 12.38 21.49
C LEU B 724 32.15 13.10 22.13
N SER B 725 31.91 14.10 22.98
CA SER B 725 32.97 14.82 23.67
C SER B 725 33.68 13.94 24.70
N GLY B 726 33.04 12.85 25.15
CA GLY B 726 33.66 11.85 26.01
C GLY B 726 34.53 10.83 25.26
N CYS B 727 34.44 10.81 23.92
CA CYS B 727 35.25 9.96 23.07
C CYS B 727 36.70 10.47 23.02
N PRO B 728 37.75 9.60 23.02
CA PRO B 728 39.13 10.07 22.91
C PRO B 728 39.40 10.73 21.56
N PRO B 729 40.18 11.85 21.52
CA PRO B 729 40.63 12.45 20.26
C PRO B 729 41.40 11.51 19.34
N ARG B 730 41.43 11.84 18.05
CA ARG B 730 41.91 10.97 16.98
C ARG B 730 43.38 10.55 17.17
N GLY B 731 44.18 11.39 17.83
CA GLY B 731 45.60 11.12 18.04
C GLY B 731 45.94 10.46 19.38
N SER B 732 44.95 10.35 20.28
CA SER B 732 45.20 9.98 21.68
C SER B 732 45.28 8.46 21.87
N VAL B 733 44.71 7.68 20.93
CA VAL B 733 44.57 6.23 21.05
C VAL B 733 44.81 5.60 19.68
N SER B 734 44.90 4.26 19.63
CA SER B 734 45.06 3.55 18.37
C SER B 734 43.82 3.73 17.48
N GLU B 735 43.97 3.52 16.16
CA GLU B 735 42.86 3.65 15.22
C GLU B 735 41.70 2.74 15.63
N THR B 736 42.02 1.51 16.05
CA THR B 736 40.98 0.55 16.44
C THR B 736 40.29 0.98 17.73
N ASP B 737 41.02 1.59 18.67
CA ASP B 737 40.42 2.06 19.91
C ASP B 737 39.44 3.21 19.66
N HIS B 738 39.82 4.14 18.78
CA HIS B 738 38.94 5.24 18.42
C HIS B 738 37.72 4.70 17.66
N ALA B 739 37.95 3.77 16.73
CA ALA B 739 36.88 3.18 15.94
C ALA B 739 35.88 2.46 16.83
N VAL B 740 36.36 1.66 17.78
CA VAL B 740 35.47 0.98 18.71
C VAL B 740 34.73 1.98 19.59
N ALA B 741 35.38 3.05 20.05
CA ALA B 741 34.69 4.06 20.85
C ALA B 741 33.56 4.71 20.04
N LEU B 742 33.82 5.12 18.80
CA LEU B 742 32.82 5.75 17.95
C LEU B 742 31.68 4.79 17.63
N PHE B 743 32.01 3.55 17.24
CA PHE B 743 31.03 2.53 16.92
C PHE B 743 30.12 2.25 18.12
N LYS B 744 30.72 2.11 19.30
CA LYS B 744 29.97 1.86 20.52
C LYS B 744 29.01 3.02 20.83
N ILE B 745 29.44 4.26 20.59
CA ILE B 745 28.63 5.45 20.85
C ILE B 745 27.44 5.49 19.89
N ILE B 746 27.67 5.26 18.59
CA ILE B 746 26.61 5.35 17.59
C ILE B 746 25.53 4.33 17.90
N TRP B 747 25.93 3.07 18.03
CA TRP B 747 24.96 2.02 18.30
C TRP B 747 24.30 2.21 19.65
N GLY B 748 25.08 2.59 20.65
CA GLY B 748 24.61 2.66 22.01
C GLY B 748 23.65 3.82 22.26
N GLU B 749 23.93 5.01 21.73
CA GLU B 749 23.12 6.18 22.02
C GLU B 749 21.86 6.21 21.15
N LEU B 750 22.04 5.97 19.86
CA LEU B 750 20.97 6.16 18.92
C LEU B 750 19.99 5.01 18.93
N PHE B 751 20.45 3.77 18.99
CA PHE B 751 19.57 2.62 18.90
C PHE B 751 19.44 1.88 20.22
N GLY B 752 20.27 2.21 21.22
CA GLY B 752 20.26 1.52 22.50
C GLY B 752 20.82 0.09 22.45
N VAL B 753 21.65 -0.26 21.46
CA VAL B 753 22.14 -1.63 21.34
C VAL B 753 23.56 -1.74 21.88
N GLN B 754 23.81 -2.80 22.66
CA GLN B 754 25.05 -2.94 23.40
C GLN B 754 26.02 -3.84 22.64
N MET B 755 27.26 -3.40 22.56
CA MET B 755 28.35 -4.25 22.08
C MET B 755 28.83 -5.15 23.22
N ALA B 756 28.45 -6.43 23.17
CA ALA B 756 28.65 -7.38 24.26
C ALA B 756 29.74 -8.40 23.91
N LYS B 757 30.60 -8.73 24.90
CA LYS B 757 31.71 -9.65 24.69
C LYS B 757 31.18 -11.08 24.54
N SER B 758 31.71 -11.84 23.59
CA SER B 758 31.20 -13.17 23.26
C SER B 758 31.92 -14.26 24.06
N THR B 759 31.20 -15.35 24.39
CA THR B 759 31.76 -16.52 25.05
C THR B 759 32.31 -17.55 24.05
N GLN B 760 32.21 -17.29 22.74
CA GLN B 760 32.55 -18.27 21.72
C GLN B 760 34.05 -18.48 21.60
N THR B 761 34.44 -19.76 21.45
CA THR B 761 35.82 -20.16 21.19
C THR B 761 36.19 -19.84 19.74
N PHE B 762 35.20 -19.87 18.82
CA PHE B 762 35.45 -19.82 17.39
C PHE B 762 34.65 -18.69 16.72
N PRO B 763 35.13 -18.14 15.57
CA PRO B 763 34.34 -17.22 14.74
C PRO B 763 32.99 -17.75 14.26
N GLY B 764 32.19 -16.87 13.65
CA GLY B 764 30.83 -17.21 13.26
C GLY B 764 29.89 -17.23 14.48
N ALA B 765 29.04 -18.26 14.60
CA ALA B 765 28.00 -18.31 15.63
C ALA B 765 27.96 -19.65 16.39
N GLY B 766 29.03 -20.46 16.32
CA GLY B 766 29.04 -21.79 16.92
C GLY B 766 29.67 -21.82 18.32
N ARG B 767 28.93 -22.42 19.28
CA ARG B 767 29.50 -22.84 20.57
C ARG B 767 30.07 -24.26 20.46
N VAL B 768 31.08 -24.55 21.30
CA VAL B 768 32.04 -25.65 21.09
C VAL B 768 31.35 -26.99 20.80
N LYS B 769 30.51 -27.48 21.72
CA LYS B 769 29.98 -28.84 21.65
C LYS B 769 28.94 -29.02 20.54
N ASN B 770 28.54 -27.92 19.89
CA ASN B 770 27.52 -27.93 18.83
C ASN B 770 28.13 -27.75 17.43
N LEU B 771 29.46 -27.72 17.32
CA LEU B 771 30.14 -27.80 16.02
C LEU B 771 29.90 -29.17 15.37
N THR B 772 29.74 -29.18 14.03
CA THR B 772 29.48 -30.38 13.23
C THR B 772 30.25 -30.27 11.91
N LYS B 773 30.35 -31.38 11.14
CA LYS B 773 31.30 -31.56 10.05
C LYS B 773 31.48 -30.33 9.14
N GLN B 774 30.38 -29.71 8.68
CA GLN B 774 30.47 -28.62 7.71
C GLN B 774 31.05 -27.36 8.36
N THR B 775 30.59 -27.03 9.58
CA THR B 775 31.06 -25.82 10.27
C THR B 775 32.50 -26.02 10.76
N ILE B 776 32.87 -27.26 11.10
CA ILE B 776 34.23 -27.63 11.45
C ILE B 776 35.15 -27.43 10.24
N VAL B 777 34.79 -27.96 9.06
CA VAL B 777 35.60 -27.81 7.85
C VAL B 777 35.78 -26.34 7.48
N GLY B 778 34.71 -25.53 7.60
CA GLY B 778 34.79 -24.10 7.38
C GLY B 778 35.75 -23.36 8.33
N LEU B 779 35.92 -23.86 9.56
CA LEU B 779 36.89 -23.32 10.50
C LEU B 779 38.31 -23.82 10.21
N LEU B 780 38.46 -25.09 9.80
CA LEU B 780 39.76 -25.67 9.46
C LEU B 780 40.36 -25.08 8.18
N ASP B 781 39.59 -24.29 7.41
CA ASP B 781 40.12 -23.45 6.33
C ASP B 781 41.04 -22.34 6.86
N ALA B 782 40.86 -21.92 8.13
CA ALA B 782 41.70 -20.93 8.78
C ALA B 782 43.05 -21.52 9.24
N HIS B 783 44.03 -20.63 9.47
CA HIS B 783 45.36 -20.95 9.99
C HIS B 783 46.09 -22.02 9.17
N HIS B 784 45.62 -22.27 7.94
CA HIS B 784 46.21 -23.24 7.00
C HIS B 784 46.27 -24.65 7.59
N ILE B 785 45.21 -25.08 8.29
CA ILE B 785 45.13 -26.42 8.88
C ILE B 785 44.70 -27.43 7.81
N ASP B 786 45.58 -27.69 6.83
CA ASP B 786 45.35 -28.72 5.82
C ASP B 786 45.30 -30.10 6.48
N HIS B 787 44.30 -30.91 6.08
CA HIS B 787 43.99 -32.16 6.77
C HIS B 787 43.43 -33.21 5.79
N SER B 788 43.58 -34.50 6.17
CA SER B 788 43.01 -35.64 5.45
C SER B 788 42.15 -36.53 6.37
N ALA B 789 41.62 -35.95 7.45
CA ALA B 789 40.85 -36.71 8.44
C ALA B 789 39.46 -37.06 7.88
N CYS B 790 38.86 -38.11 8.46
CA CYS B 790 37.59 -38.67 7.99
C CYS B 790 36.40 -37.78 8.37
N ARG B 791 35.30 -37.92 7.62
CA ARG B 791 34.16 -37.00 7.56
C ARG B 791 33.29 -36.99 8.83
N THR B 792 33.49 -37.97 9.73
CA THR B 792 32.71 -38.12 10.96
C THR B 792 33.03 -37.00 11.97
N HIS B 793 31.98 -36.39 12.54
CA HIS B 793 32.06 -35.11 13.26
C HIS B 793 33.19 -35.07 14.30
N ARG B 794 33.25 -36.08 15.18
CA ARG B 794 34.13 -36.07 16.36
C ARG B 794 35.62 -36.09 15.98
N GLN B 795 35.95 -36.75 14.85
CA GLN B 795 37.33 -36.84 14.37
C GLN B 795 37.82 -35.47 13.86
N LEU B 796 36.95 -34.68 13.20
CA LEU B 796 37.31 -33.35 12.75
C LEU B 796 37.29 -32.35 13.91
N TYR B 797 36.33 -32.48 14.83
CA TYR B 797 36.24 -31.68 16.05
C TYR B 797 37.51 -31.75 16.88
N ALA B 798 38.10 -32.95 16.98
CA ALA B 798 39.36 -33.18 17.69
C ALA B 798 40.51 -32.30 17.15
N LEU B 799 40.51 -31.94 15.86
CA LEU B 799 41.50 -31.04 15.28
C LEU B 799 41.32 -29.64 15.87
N LEU B 800 40.10 -29.09 15.78
CA LEU B 800 39.80 -27.76 16.29
C LEU B 800 40.01 -27.68 17.79
N MET B 801 39.73 -28.75 18.55
CA MET B 801 39.95 -28.75 19.99
C MET B 801 41.44 -28.67 20.37
N ALA B 802 42.35 -28.90 19.41
CA ALA B 802 43.78 -28.61 19.57
C ALA B 802 44.09 -27.19 19.09
N HIS B 803 43.59 -26.81 17.90
CA HIS B 803 43.90 -25.52 17.29
C HIS B 803 43.14 -24.32 17.87
N LYS B 804 42.23 -24.55 18.83
CA LYS B 804 41.37 -23.53 19.43
C LYS B 804 42.14 -22.28 19.90
N ARG B 805 43.41 -22.46 20.31
CA ARG B 805 44.24 -21.39 20.83
C ARG B 805 44.53 -20.32 19.77
N GLU B 806 44.49 -20.70 18.49
CA GLU B 806 44.74 -19.79 17.38
C GLU B 806 43.51 -18.93 17.04
N PHE B 807 42.30 -19.39 17.44
CA PHE B 807 41.05 -18.68 17.16
C PHE B 807 40.66 -17.67 18.25
N ALA B 808 41.34 -17.71 19.41
CA ALA B 808 41.01 -16.85 20.54
C ALA B 808 41.42 -15.39 20.31
N GLY B 809 40.68 -14.47 20.95
CA GLY B 809 40.88 -13.03 20.79
C GLY B 809 39.68 -12.22 21.29
N ALA B 810 39.77 -10.89 21.19
CA ALA B 810 38.65 -10.02 21.53
C ALA B 810 37.54 -10.17 20.48
N ARG B 811 36.34 -10.58 20.92
CA ARG B 811 35.25 -10.91 20.01
C ARG B 811 33.90 -10.53 20.63
N PHE B 812 33.00 -9.97 19.81
CA PHE B 812 31.80 -9.31 20.27
C PHE B 812 30.58 -9.61 19.39
N LYS B 813 29.39 -9.35 19.94
CA LYS B 813 28.16 -9.24 19.18
C LYS B 813 27.44 -7.96 19.56
N LEU B 814 26.65 -7.40 18.64
CA LEU B 814 25.69 -6.37 19.01
C LEU B 814 24.44 -7.06 19.57
N ARG B 815 23.98 -6.64 20.75
CA ARG B 815 22.75 -7.18 21.32
C ARG B 815 21.67 -6.10 21.43
N VAL B 816 20.48 -6.42 20.89
CA VAL B 816 19.26 -5.63 21.05
C VAL B 816 18.86 -5.61 22.51
N PRO B 817 18.30 -4.48 23.01
CA PRO B 817 17.79 -4.44 24.38
C PRO B 817 16.61 -5.36 24.60
N ALA B 818 16.04 -5.39 25.80
CA ALA B 818 15.00 -6.36 26.08
C ALA B 818 13.81 -6.10 25.15
N TRP B 819 13.33 -4.84 25.13
CA TRP B 819 12.32 -4.34 24.19
C TRP B 819 12.92 -4.37 22.80
N GLY B 820 12.13 -4.27 21.74
CA GLY B 820 12.85 -4.24 20.46
C GLY B 820 13.06 -5.62 19.82
N ARG B 821 13.01 -6.68 20.63
CA ARG B 821 12.88 -8.03 20.14
C ARG B 821 11.48 -8.31 19.64
N CYS B 822 10.52 -7.44 19.91
CA CYS B 822 9.15 -7.60 19.43
C CYS B 822 8.87 -6.89 18.12
N LEU B 823 9.87 -6.17 17.56
CA LEU B 823 9.69 -5.45 16.30
C LEU B 823 9.54 -6.38 15.10
N ARG B 824 8.69 -6.05 14.14
CA ARG B 824 8.66 -6.66 12.82
C ARG B 824 9.91 -6.33 11.99
N THR B 825 10.81 -7.31 11.86
CA THR B 825 12.04 -7.20 11.08
C THR B 825 11.88 -7.84 9.71
N HIS B 826 12.92 -7.73 8.88
CA HIS B 826 12.95 -8.28 7.53
C HIS B 826 12.75 -9.81 7.49
N SER B 827 13.11 -10.51 8.57
CA SER B 827 12.92 -11.95 8.66
C SER B 827 11.53 -12.35 9.13
N SER B 828 10.77 -11.40 9.66
CA SER B 828 9.50 -11.66 10.30
C SER B 828 8.44 -11.89 9.24
N SER B 829 8.13 -13.18 9.01
CA SER B 829 7.01 -13.56 8.17
C SER B 829 5.70 -13.17 8.85
N ALA B 830 4.79 -12.62 8.04
CA ALA B 830 3.55 -12.06 8.53
C ALA B 830 2.59 -11.94 7.37
N ASN B 831 1.29 -12.10 7.66
CA ASN B 831 0.30 -11.94 6.62
C ASN B 831 0.20 -10.44 6.32
N PRO B 832 -0.06 -10.05 5.05
CA PRO B 832 -0.13 -8.63 4.70
C PRO B 832 -1.12 -7.80 5.50
N ASN B 833 -0.71 -6.54 5.63
CA ASN B 833 -1.52 -5.48 6.17
C ASN B 833 -1.15 -4.23 5.39
N ALA B 834 -1.78 -3.13 5.77
CA ALA B 834 -1.57 -1.89 5.10
C ALA B 834 -0.10 -1.45 5.09
N ASP B 835 0.67 -1.80 6.12
CA ASP B 835 2.07 -1.37 6.21
C ASP B 835 2.99 -2.21 5.33
N ILE B 836 2.76 -3.50 5.33
CA ILE B 836 3.48 -4.41 4.46
C ILE B 836 3.21 -4.11 2.99
N ILE B 837 1.98 -3.75 2.68
CA ILE B 837 1.64 -3.41 1.29
C ILE B 837 2.19 -2.05 0.92
N LEU B 838 2.24 -1.10 1.86
CA LEU B 838 2.83 0.17 1.55
C LEU B 838 4.32 0.00 1.22
N GLU B 839 5.02 -0.82 2.00
CA GLU B 839 6.41 -1.06 1.71
C GLU B 839 6.61 -1.78 0.39
N ALA B 840 5.73 -2.70 0.04
CA ALA B 840 5.78 -3.31 -1.28
C ALA B 840 5.69 -2.24 -2.35
N ALA B 841 4.69 -1.38 -2.25
CA ALA B 841 4.48 -0.36 -3.24
C ALA B 841 5.73 0.55 -3.34
N LEU B 842 6.31 0.99 -2.23
CA LEU B 842 7.50 1.81 -2.28
C LEU B 842 8.71 1.07 -2.90
N SER B 843 8.74 -0.25 -2.84
CA SER B 843 9.80 -1.05 -3.42
C SER B 843 9.58 -1.28 -4.91
N GLU B 844 8.34 -1.47 -5.32
CA GLU B 844 8.04 -1.91 -6.66
C GLU B 844 7.87 -0.74 -7.62
N LEU B 845 7.32 0.38 -7.19
CA LEU B 845 6.92 1.45 -8.09
C LEU B 845 7.95 2.57 -8.06
N PRO B 846 8.48 3.01 -9.22
CA PRO B 846 9.49 4.08 -9.26
C PRO B 846 8.88 5.48 -9.22
N THR B 847 9.60 6.48 -8.72
CA THR B 847 9.09 7.84 -8.82
C THR B 847 9.14 8.23 -10.28
N GLU B 848 8.03 8.79 -10.79
CA GLU B 848 7.91 9.26 -12.14
C GLU B 848 8.26 10.74 -12.22
N ALA B 849 8.84 11.15 -13.34
CA ALA B 849 9.19 12.56 -13.55
C ALA B 849 8.00 13.44 -13.36
N TRP B 850 8.09 14.55 -12.56
CA TRP B 850 6.83 15.22 -12.29
C TRP B 850 6.51 16.18 -13.41
N PRO B 851 6.97 17.41 -13.38
CA PRO B 851 6.38 18.41 -14.30
C PRO B 851 6.89 17.63 -15.49
N MET B 852 5.94 16.99 -16.20
CA MET B 852 6.24 15.95 -17.17
C MET B 852 6.26 16.50 -18.59
N MET B 853 7.13 15.91 -19.42
CA MET B 853 7.17 16.20 -20.85
C MET B 853 5.81 15.85 -21.44
N GLN B 854 5.40 16.57 -22.50
CA GLN B 854 4.07 16.40 -23.05
C GLN B 854 4.07 15.17 -23.98
#